data_4R3M
# 
_entry.id   4R3M 
# 
_audit_conform.dict_name       mmcif_pdbx.dic 
_audit_conform.dict_version    5.388 
_audit_conform.dict_location   http://mmcif.pdb.org/dictionaries/ascii/mmcif_pdbx.dic 
# 
loop_
_database_2.database_id 
_database_2.database_code 
_database_2.pdbx_database_accession 
_database_2.pdbx_DOI 
PDB   4R3M         pdb_00004r3m 10.2210/pdb4r3m/pdb 
RCSB  RCSB086856   ?            ?                   
WWPDB D_1000086856 ?            ?                   
# 
loop_
_pdbx_audit_revision_history.ordinal 
_pdbx_audit_revision_history.data_content_type 
_pdbx_audit_revision_history.major_revision 
_pdbx_audit_revision_history.minor_revision 
_pdbx_audit_revision_history.revision_date 
1 'Structure model' 1 0 2014-11-05 
2 'Structure model' 1 1 2015-11-25 
3 'Structure model' 1 2 2024-03-20 
# 
_pdbx_audit_revision_details.ordinal             1 
_pdbx_audit_revision_details.revision_ordinal    1 
_pdbx_audit_revision_details.data_content_type   'Structure model' 
_pdbx_audit_revision_details.provider            repository 
_pdbx_audit_revision_details.type                'Initial release' 
_pdbx_audit_revision_details.description         ? 
_pdbx_audit_revision_details.details             ? 
# 
loop_
_pdbx_audit_revision_group.ordinal 
_pdbx_audit_revision_group.revision_ordinal 
_pdbx_audit_revision_group.data_content_type 
_pdbx_audit_revision_group.group 
1 2 'Structure model' 'Database references'  
2 3 'Structure model' 'Data collection'      
3 3 'Structure model' 'Database references'  
4 3 'Structure model' 'Derived calculations' 
# 
loop_
_pdbx_audit_revision_category.ordinal 
_pdbx_audit_revision_category.revision_ordinal 
_pdbx_audit_revision_category.data_content_type 
_pdbx_audit_revision_category.category 
1 3 'Structure model' chem_comp_atom 
2 3 'Structure model' chem_comp_bond 
3 3 'Structure model' database_2     
4 3 'Structure model' struct_site    
# 
loop_
_pdbx_audit_revision_item.ordinal 
_pdbx_audit_revision_item.revision_ordinal 
_pdbx_audit_revision_item.data_content_type 
_pdbx_audit_revision_item.item 
1 3 'Structure model' '_database_2.pdbx_DOI'                
2 3 'Structure model' '_database_2.pdbx_database_accession' 
3 3 'Structure model' '_struct_site.pdbx_auth_asym_id'      
4 3 'Structure model' '_struct_site.pdbx_auth_comp_id'      
5 3 'Structure model' '_struct_site.pdbx_auth_seq_id'       
# 
_pdbx_database_status.status_code                     REL 
_pdbx_database_status.entry_id                        4R3M 
_pdbx_database_status.recvd_initial_deposition_date   2014-08-16 
_pdbx_database_status.deposit_site                    RCSB 
_pdbx_database_status.process_site                    PDBJ 
_pdbx_database_status.methods_development_category    ? 
_pdbx_database_status.status_code_sf                  REL 
_pdbx_database_status.status_code_mr                  ? 
_pdbx_database_status.SG_entry                        ? 
_pdbx_database_status.status_code_cs                  ? 
_pdbx_database_status.pdb_format_compatible           Y 
_pdbx_database_status.status_code_nmr_data            ? 
# 
loop_
_audit_author.name 
_audit_author.pdbx_ordinal 
'Li, J.'    1 
'Yang, M.'  2 
'Ren, J.'   3 
'Xiong, B.' 4 
'He, J.'    5 
# 
_citation.id                        primary 
_citation.title                     
'Multi-substituted 8-aminoimidazo[1,2-a]pyrazines by Groebke-Blackburn-Bienayme reaction and their Hsp90 inhibitory activity.' 
_citation.journal_abbrev            Org.Biomol.Chem. 
_citation.journal_volume            13 
_citation.page_first                1531 
_citation.page_last                 1535 
_citation.year                      2015 
_citation.journal_id_ASTM           ? 
_citation.country                   UK 
_citation.journal_id_ISSN           1477-0520 
_citation.journal_id_CSD            ? 
_citation.book_publisher            ? 
_citation.pdbx_database_id_PubMed   25490978 
_citation.pdbx_database_id_DOI      10.1039/c4ob01865f 
# 
loop_
_citation_author.citation_id 
_citation_author.name 
_citation_author.ordinal 
_citation_author.identifier_ORCID 
primary 'Ren, J.'    1  ? 
primary 'Yang, M.'   2  ? 
primary 'Liu, H.'    3  ? 
primary 'Cao, D.'    4  ? 
primary 'Chen, D.'   5  ? 
primary 'Li, J.'     6  ? 
primary 'Tang, L.'   7  ? 
primary 'He, J.'     8  ? 
primary 'Chen, Y.L.' 9  ? 
primary 'Geng, M.'   10 ? 
primary 'Xiong, B.'  11 ? 
primary 'Shen, J.'   12 ? 
# 
loop_
_entity.id 
_entity.type 
_entity.src_method 
_entity.pdbx_description 
_entity.formula_weight 
_entity.pdbx_number_of_molecules 
_entity.pdbx_ec 
_entity.pdbx_mutation 
_entity.pdbx_fragment 
_entity.details 
1 polymer     man 'Heat shock protein HSP 90-alpha'                                                        23392.516 1  ? ? 
'UNP RESIDUES 16-223' ? 
2 non-polymer syn 'N~3~-benzyl-2-[(6-bromo-1,3-benzodioxol-5-yl)methyl]imidazo[1,2-a]pyrazine-3,8-diamine' 452.304   1  ? ? ? ? 
3 water       nat water                                                                                    18.015    84 ? ? ? ? 
# 
_entity_name_com.entity_id   1 
_entity_name_com.name        
;Heat shock 86 kDa, HSP 86, HSP86, Lipopolysaccharide-associated protein 2, LAP-2, LPS-associated protein 2, Renal carcinoma antigen NY-REN-38
;
# 
_entity_poly.entity_id                      1 
_entity_poly.type                           'polypeptide(L)' 
_entity_poly.nstd_linkage                   no 
_entity_poly.nstd_monomer                   no 
_entity_poly.pdbx_seq_one_letter_code       
;EVETFAFQAEIAQLMSLIINTFYSNKEIFLRELISNSSDALDKIRYESLTDPSKLDSGKELHINLIPNKQDRTLTIVDTG
IGMTKADLINNLGTIAKSGTKAFMEALQAGADISMIGQFGVGFYSAYLVAEKVTVITKHNDDEQYAWESSAGGSFTVRTD
TGEPMGRGTKVILHLKEDQTEYLEERRIKEIVKKHSQFIGYPITLFVEK
;
_entity_poly.pdbx_seq_one_letter_code_can   
;EVETFAFQAEIAQLMSLIINTFYSNKEIFLRELISNSSDALDKIRYESLTDPSKLDSGKELHINLIPNKQDRTLTIVDTG
IGMTKADLINNLGTIAKSGTKAFMEALQAGADISMIGQFGVGFYSAYLVAEKVTVITKHNDDEQYAWESSAGGSFTVRTD
TGEPMGRGTKVILHLKEDQTEYLEERRIKEIVKKHSQFIGYPITLFVEK
;
_entity_poly.pdbx_strand_id                 A 
_entity_poly.pdbx_target_identifier         ? 
# 
loop_
_pdbx_entity_nonpoly.entity_id 
_pdbx_entity_nonpoly.name 
_pdbx_entity_nonpoly.comp_id 
2 'N~3~-benzyl-2-[(6-bromo-1,3-benzodioxol-5-yl)methyl]imidazo[1,2-a]pyrazine-3,8-diamine' JR9 
3 water                                                                                    HOH 
# 
loop_
_entity_poly_seq.entity_id 
_entity_poly_seq.num 
_entity_poly_seq.mon_id 
_entity_poly_seq.hetero 
1 1   GLU n 
1 2   VAL n 
1 3   GLU n 
1 4   THR n 
1 5   PHE n 
1 6   ALA n 
1 7   PHE n 
1 8   GLN n 
1 9   ALA n 
1 10  GLU n 
1 11  ILE n 
1 12  ALA n 
1 13  GLN n 
1 14  LEU n 
1 15  MET n 
1 16  SER n 
1 17  LEU n 
1 18  ILE n 
1 19  ILE n 
1 20  ASN n 
1 21  THR n 
1 22  PHE n 
1 23  TYR n 
1 24  SER n 
1 25  ASN n 
1 26  LYS n 
1 27  GLU n 
1 28  ILE n 
1 29  PHE n 
1 30  LEU n 
1 31  ARG n 
1 32  GLU n 
1 33  LEU n 
1 34  ILE n 
1 35  SER n 
1 36  ASN n 
1 37  SER n 
1 38  SER n 
1 39  ASP n 
1 40  ALA n 
1 41  LEU n 
1 42  ASP n 
1 43  LYS n 
1 44  ILE n 
1 45  ARG n 
1 46  TYR n 
1 47  GLU n 
1 48  SER n 
1 49  LEU n 
1 50  THR n 
1 51  ASP n 
1 52  PRO n 
1 53  SER n 
1 54  LYS n 
1 55  LEU n 
1 56  ASP n 
1 57  SER n 
1 58  GLY n 
1 59  LYS n 
1 60  GLU n 
1 61  LEU n 
1 62  HIS n 
1 63  ILE n 
1 64  ASN n 
1 65  LEU n 
1 66  ILE n 
1 67  PRO n 
1 68  ASN n 
1 69  LYS n 
1 70  GLN n 
1 71  ASP n 
1 72  ARG n 
1 73  THR n 
1 74  LEU n 
1 75  THR n 
1 76  ILE n 
1 77  VAL n 
1 78  ASP n 
1 79  THR n 
1 80  GLY n 
1 81  ILE n 
1 82  GLY n 
1 83  MET n 
1 84  THR n 
1 85  LYS n 
1 86  ALA n 
1 87  ASP n 
1 88  LEU n 
1 89  ILE n 
1 90  ASN n 
1 91  ASN n 
1 92  LEU n 
1 93  GLY n 
1 94  THR n 
1 95  ILE n 
1 96  ALA n 
1 97  LYS n 
1 98  SER n 
1 99  GLY n 
1 100 THR n 
1 101 LYS n 
1 102 ALA n 
1 103 PHE n 
1 104 MET n 
1 105 GLU n 
1 106 ALA n 
1 107 LEU n 
1 108 GLN n 
1 109 ALA n 
1 110 GLY n 
1 111 ALA n 
1 112 ASP n 
1 113 ILE n 
1 114 SER n 
1 115 MET n 
1 116 ILE n 
1 117 GLY n 
1 118 GLN n 
1 119 PHE n 
1 120 GLY n 
1 121 VAL n 
1 122 GLY n 
1 123 PHE n 
1 124 TYR n 
1 125 SER n 
1 126 ALA n 
1 127 TYR n 
1 128 LEU n 
1 129 VAL n 
1 130 ALA n 
1 131 GLU n 
1 132 LYS n 
1 133 VAL n 
1 134 THR n 
1 135 VAL n 
1 136 ILE n 
1 137 THR n 
1 138 LYS n 
1 139 HIS n 
1 140 ASN n 
1 141 ASP n 
1 142 ASP n 
1 143 GLU n 
1 144 GLN n 
1 145 TYR n 
1 146 ALA n 
1 147 TRP n 
1 148 GLU n 
1 149 SER n 
1 150 SER n 
1 151 ALA n 
1 152 GLY n 
1 153 GLY n 
1 154 SER n 
1 155 PHE n 
1 156 THR n 
1 157 VAL n 
1 158 ARG n 
1 159 THR n 
1 160 ASP n 
1 161 THR n 
1 162 GLY n 
1 163 GLU n 
1 164 PRO n 
1 165 MET n 
1 166 GLY n 
1 167 ARG n 
1 168 GLY n 
1 169 THR n 
1 170 LYS n 
1 171 VAL n 
1 172 ILE n 
1 173 LEU n 
1 174 HIS n 
1 175 LEU n 
1 176 LYS n 
1 177 GLU n 
1 178 ASP n 
1 179 GLN n 
1 180 THR n 
1 181 GLU n 
1 182 TYR n 
1 183 LEU n 
1 184 GLU n 
1 185 GLU n 
1 186 ARG n 
1 187 ARG n 
1 188 ILE n 
1 189 LYS n 
1 190 GLU n 
1 191 ILE n 
1 192 VAL n 
1 193 LYS n 
1 194 LYS n 
1 195 HIS n 
1 196 SER n 
1 197 GLN n 
1 198 PHE n 
1 199 ILE n 
1 200 GLY n 
1 201 TYR n 
1 202 PRO n 
1 203 ILE n 
1 204 THR n 
1 205 LEU n 
1 206 PHE n 
1 207 VAL n 
1 208 GLU n 
1 209 LYS n 
# 
_entity_src_gen.entity_id                          1 
_entity_src_gen.pdbx_src_id                        1 
_entity_src_gen.pdbx_alt_source_flag               sample 
_entity_src_gen.pdbx_seq_type                      ? 
_entity_src_gen.pdbx_beg_seq_num                   ? 
_entity_src_gen.pdbx_end_seq_num                   ? 
_entity_src_gen.gene_src_common_name               human 
_entity_src_gen.gene_src_genus                     ? 
_entity_src_gen.pdbx_gene_src_gene                 'HSP90A, HSP90AA1, HSPC1, HSPCA' 
_entity_src_gen.gene_src_species                   ? 
_entity_src_gen.gene_src_strain                    ? 
_entity_src_gen.gene_src_tissue                    ? 
_entity_src_gen.gene_src_tissue_fraction           ? 
_entity_src_gen.gene_src_details                   ? 
_entity_src_gen.pdbx_gene_src_fragment             ? 
_entity_src_gen.pdbx_gene_src_scientific_name      'Homo sapiens' 
_entity_src_gen.pdbx_gene_src_ncbi_taxonomy_id     9606 
_entity_src_gen.pdbx_gene_src_variant              ? 
_entity_src_gen.pdbx_gene_src_cell_line            ? 
_entity_src_gen.pdbx_gene_src_atcc                 ? 
_entity_src_gen.pdbx_gene_src_organ                ? 
_entity_src_gen.pdbx_gene_src_organelle            ? 
_entity_src_gen.pdbx_gene_src_cell                 ? 
_entity_src_gen.pdbx_gene_src_cellular_location    ? 
_entity_src_gen.host_org_common_name               ? 
_entity_src_gen.pdbx_host_org_scientific_name      'Escherichia coli' 
_entity_src_gen.pdbx_host_org_ncbi_taxonomy_id     562 
_entity_src_gen.host_org_genus                     ? 
_entity_src_gen.pdbx_host_org_gene                 ? 
_entity_src_gen.pdbx_host_org_organ                ? 
_entity_src_gen.host_org_species                   ? 
_entity_src_gen.pdbx_host_org_tissue               ? 
_entity_src_gen.pdbx_host_org_tissue_fraction      ? 
_entity_src_gen.pdbx_host_org_strain               ? 
_entity_src_gen.pdbx_host_org_variant              ? 
_entity_src_gen.pdbx_host_org_cell_line            ? 
_entity_src_gen.pdbx_host_org_atcc                 ? 
_entity_src_gen.pdbx_host_org_culture_collection   ? 
_entity_src_gen.pdbx_host_org_cell                 ? 
_entity_src_gen.pdbx_host_org_organelle            ? 
_entity_src_gen.pdbx_host_org_cellular_location    ? 
_entity_src_gen.pdbx_host_org_vector_type          ? 
_entity_src_gen.pdbx_host_org_vector               ? 
_entity_src_gen.host_org_details                   ? 
_entity_src_gen.expression_system_id               ? 
_entity_src_gen.plasmid_name                       ? 
_entity_src_gen.plasmid_details                    ? 
_entity_src_gen.pdbx_description                   ? 
# 
loop_
_chem_comp.id 
_chem_comp.type 
_chem_comp.mon_nstd_flag 
_chem_comp.name 
_chem_comp.pdbx_synonyms 
_chem_comp.formula 
_chem_comp.formula_weight 
ALA 'L-peptide linking' y ALANINE                                                                                  ? 'C3 H7 N O2' 
89.093  
ARG 'L-peptide linking' y ARGININE                                                                                 ? 
'C6 H15 N4 O2 1'   175.209 
ASN 'L-peptide linking' y ASPARAGINE                                                                               ? 'C4 H8 N2 O3' 
132.118 
ASP 'L-peptide linking' y 'ASPARTIC ACID'                                                                          ? 'C4 H7 N O4' 
133.103 
GLN 'L-peptide linking' y GLUTAMINE                                                                                ? 
'C5 H10 N2 O3'     146.144 
GLU 'L-peptide linking' y 'GLUTAMIC ACID'                                                                          ? 'C5 H9 N O4' 
147.129 
GLY 'peptide linking'   y GLYCINE                                                                                  ? 'C2 H5 N O2' 
75.067  
HIS 'L-peptide linking' y HISTIDINE                                                                                ? 
'C6 H10 N3 O2 1'   156.162 
HOH non-polymer         . WATER                                                                                    ? 'H2 O' 18.015 
ILE 'L-peptide linking' y ISOLEUCINE                                                                               ? 'C6 H13 N O2' 
131.173 
JR9 non-polymer         . 'N~3~-benzyl-2-[(6-bromo-1,3-benzodioxol-5-yl)methyl]imidazo[1,2-a]pyrazine-3,8-diamine' ? 
'C21 H18 Br N5 O2' 452.304 
LEU 'L-peptide linking' y LEUCINE                                                                                  ? 'C6 H13 N O2' 
131.173 
LYS 'L-peptide linking' y LYSINE                                                                                   ? 
'C6 H15 N2 O2 1'   147.195 
MET 'L-peptide linking' y METHIONINE                                                                               ? 
'C5 H11 N O2 S'    149.211 
PHE 'L-peptide linking' y PHENYLALANINE                                                                            ? 'C9 H11 N O2' 
165.189 
PRO 'L-peptide linking' y PROLINE                                                                                  ? 'C5 H9 N O2' 
115.130 
SER 'L-peptide linking' y SERINE                                                                                   ? 'C3 H7 N O3' 
105.093 
THR 'L-peptide linking' y THREONINE                                                                                ? 'C4 H9 N O3' 
119.119 
TRP 'L-peptide linking' y TRYPTOPHAN                                                                               ? 
'C11 H12 N2 O2'    204.225 
TYR 'L-peptide linking' y TYROSINE                                                                                 ? 'C9 H11 N O3' 
181.189 
VAL 'L-peptide linking' y VALINE                                                                                   ? 'C5 H11 N O2' 
117.146 
# 
loop_
_pdbx_poly_seq_scheme.asym_id 
_pdbx_poly_seq_scheme.entity_id 
_pdbx_poly_seq_scheme.seq_id 
_pdbx_poly_seq_scheme.mon_id 
_pdbx_poly_seq_scheme.ndb_seq_num 
_pdbx_poly_seq_scheme.pdb_seq_num 
_pdbx_poly_seq_scheme.auth_seq_num 
_pdbx_poly_seq_scheme.pdb_mon_id 
_pdbx_poly_seq_scheme.auth_mon_id 
_pdbx_poly_seq_scheme.pdb_strand_id 
_pdbx_poly_seq_scheme.pdb_ins_code 
_pdbx_poly_seq_scheme.hetero 
A 1 1   GLU 1   16  16  GLU GLU A . n 
A 1 2   VAL 2   17  17  VAL VAL A . n 
A 1 3   GLU 3   18  18  GLU GLU A . n 
A 1 4   THR 4   19  19  THR THR A . n 
A 1 5   PHE 5   20  20  PHE PHE A . n 
A 1 6   ALA 6   21  21  ALA ALA A . n 
A 1 7   PHE 7   22  22  PHE PHE A . n 
A 1 8   GLN 8   23  23  GLN GLN A . n 
A 1 9   ALA 9   24  24  ALA ALA A . n 
A 1 10  GLU 10  25  25  GLU GLU A . n 
A 1 11  ILE 11  26  26  ILE ILE A . n 
A 1 12  ALA 12  27  27  ALA ALA A . n 
A 1 13  GLN 13  28  28  GLN GLN A . n 
A 1 14  LEU 14  29  29  LEU LEU A . n 
A 1 15  MET 15  30  30  MET MET A . n 
A 1 16  SER 16  31  31  SER SER A . n 
A 1 17  LEU 17  32  32  LEU LEU A . n 
A 1 18  ILE 18  33  33  ILE ILE A . n 
A 1 19  ILE 19  34  34  ILE ILE A . n 
A 1 20  ASN 20  35  35  ASN ASN A . n 
A 1 21  THR 21  36  36  THR THR A . n 
A 1 22  PHE 22  37  37  PHE PHE A . n 
A 1 23  TYR 23  38  38  TYR TYR A . n 
A 1 24  SER 24  39  39  SER SER A . n 
A 1 25  ASN 25  40  40  ASN ASN A . n 
A 1 26  LYS 26  41  41  LYS LYS A . n 
A 1 27  GLU 27  42  42  GLU GLU A . n 
A 1 28  ILE 28  43  43  ILE ILE A . n 
A 1 29  PHE 29  44  44  PHE PHE A . n 
A 1 30  LEU 30  45  45  LEU LEU A . n 
A 1 31  ARG 31  46  46  ARG ARG A . n 
A 1 32  GLU 32  47  47  GLU GLU A . n 
A 1 33  LEU 33  48  48  LEU LEU A . n 
A 1 34  ILE 34  49  49  ILE ILE A . n 
A 1 35  SER 35  50  50  SER SER A . n 
A 1 36  ASN 36  51  51  ASN ASN A . n 
A 1 37  SER 37  52  52  SER SER A . n 
A 1 38  SER 38  53  53  SER SER A . n 
A 1 39  ASP 39  54  54  ASP ASP A . n 
A 1 40  ALA 40  55  55  ALA ALA A . n 
A 1 41  LEU 41  56  56  LEU LEU A . n 
A 1 42  ASP 42  57  57  ASP ASP A . n 
A 1 43  LYS 43  58  58  LYS LYS A . n 
A 1 44  ILE 44  59  59  ILE ILE A . n 
A 1 45  ARG 45  60  60  ARG ARG A . n 
A 1 46  TYR 46  61  61  TYR TYR A . n 
A 1 47  GLU 47  62  62  GLU GLU A . n 
A 1 48  SER 48  63  63  SER SER A . n 
A 1 49  LEU 49  64  64  LEU LEU A . n 
A 1 50  THR 50  65  65  THR THR A . n 
A 1 51  ASP 51  66  66  ASP ASP A . n 
A 1 52  PRO 52  67  67  PRO PRO A . n 
A 1 53  SER 53  68  68  SER SER A . n 
A 1 54  LYS 54  69  69  LYS LYS A . n 
A 1 55  LEU 55  70  70  LEU LEU A . n 
A 1 56  ASP 56  71  71  ASP ASP A . n 
A 1 57  SER 57  72  72  SER SER A . n 
A 1 58  GLY 58  73  73  GLY GLY A . n 
A 1 59  LYS 59  74  74  LYS LYS A . n 
A 1 60  GLU 60  75  75  GLU GLU A . n 
A 1 61  LEU 61  76  76  LEU LEU A . n 
A 1 62  HIS 62  77  77  HIS HIS A . n 
A 1 63  ILE 63  78  78  ILE ILE A . n 
A 1 64  ASN 64  79  79  ASN ASN A . n 
A 1 65  LEU 65  80  80  LEU LEU A . n 
A 1 66  ILE 66  81  81  ILE ILE A . n 
A 1 67  PRO 67  82  82  PRO PRO A . n 
A 1 68  ASN 68  83  83  ASN ASN A . n 
A 1 69  LYS 69  84  84  LYS LYS A . n 
A 1 70  GLN 70  85  85  GLN GLN A . n 
A 1 71  ASP 71  86  86  ASP ASP A . n 
A 1 72  ARG 72  87  87  ARG ARG A . n 
A 1 73  THR 73  88  88  THR THR A . n 
A 1 74  LEU 74  89  89  LEU LEU A . n 
A 1 75  THR 75  90  90  THR THR A . n 
A 1 76  ILE 76  91  91  ILE ILE A . n 
A 1 77  VAL 77  92  92  VAL VAL A . n 
A 1 78  ASP 78  93  93  ASP ASP A . n 
A 1 79  THR 79  94  94  THR THR A . n 
A 1 80  GLY 80  95  95  GLY GLY A . n 
A 1 81  ILE 81  96  96  ILE ILE A . n 
A 1 82  GLY 82  97  97  GLY GLY A . n 
A 1 83  MET 83  98  98  MET MET A . n 
A 1 84  THR 84  99  99  THR THR A . n 
A 1 85  LYS 85  100 100 LYS LYS A . n 
A 1 86  ALA 86  101 101 ALA ALA A . n 
A 1 87  ASP 87  102 102 ASP ASP A . n 
A 1 88  LEU 88  103 103 LEU LEU A . n 
A 1 89  ILE 89  104 104 ILE ILE A . n 
A 1 90  ASN 90  105 105 ASN ASN A . n 
A 1 91  ASN 91  106 106 ASN ASN A . n 
A 1 92  LEU 92  107 107 LEU LEU A . n 
A 1 93  GLY 93  108 108 GLY GLY A . n 
A 1 94  THR 94  109 109 THR THR A . n 
A 1 95  ILE 95  110 110 ILE ILE A . n 
A 1 96  ALA 96  111 111 ALA ALA A . n 
A 1 97  LYS 97  112 112 LYS LYS A . n 
A 1 98  SER 98  113 113 SER SER A . n 
A 1 99  GLY 99  114 114 GLY GLY A . n 
A 1 100 THR 100 115 115 THR THR A . n 
A 1 101 LYS 101 116 116 LYS LYS A . n 
A 1 102 ALA 102 117 117 ALA ALA A . n 
A 1 103 PHE 103 118 118 PHE PHE A . n 
A 1 104 MET 104 119 119 MET MET A . n 
A 1 105 GLU 105 120 120 GLU GLU A . n 
A 1 106 ALA 106 121 121 ALA ALA A . n 
A 1 107 LEU 107 122 122 LEU LEU A . n 
A 1 108 GLN 108 123 123 GLN GLN A . n 
A 1 109 ALA 109 124 124 ALA ALA A . n 
A 1 110 GLY 110 125 125 GLY GLY A . n 
A 1 111 ALA 111 126 126 ALA ALA A . n 
A 1 112 ASP 112 127 127 ASP ASP A . n 
A 1 113 ILE 113 128 128 ILE ILE A . n 
A 1 114 SER 114 129 129 SER SER A . n 
A 1 115 MET 115 130 130 MET MET A . n 
A 1 116 ILE 116 131 131 ILE ILE A . n 
A 1 117 GLY 117 132 132 GLY GLY A . n 
A 1 118 GLN 118 133 133 GLN GLN A . n 
A 1 119 PHE 119 134 134 PHE PHE A . n 
A 1 120 GLY 120 135 135 GLY GLY A . n 
A 1 121 VAL 121 136 136 VAL VAL A . n 
A 1 122 GLY 122 137 137 GLY GLY A . n 
A 1 123 PHE 123 138 138 PHE PHE A . n 
A 1 124 TYR 124 139 139 TYR TYR A . n 
A 1 125 SER 125 140 140 SER SER A . n 
A 1 126 ALA 126 141 141 ALA ALA A . n 
A 1 127 TYR 127 142 142 TYR TYR A . n 
A 1 128 LEU 128 143 143 LEU LEU A . n 
A 1 129 VAL 129 144 144 VAL VAL A . n 
A 1 130 ALA 130 145 145 ALA ALA A . n 
A 1 131 GLU 131 146 146 GLU GLU A . n 
A 1 132 LYS 132 147 147 LYS LYS A . n 
A 1 133 VAL 133 148 148 VAL VAL A . n 
A 1 134 THR 134 149 149 THR THR A . n 
A 1 135 VAL 135 150 150 VAL VAL A . n 
A 1 136 ILE 136 151 151 ILE ILE A . n 
A 1 137 THR 137 152 152 THR THR A . n 
A 1 138 LYS 138 153 153 LYS LYS A . n 
A 1 139 HIS 139 154 154 HIS HIS A . n 
A 1 140 ASN 140 155 155 ASN ASN A . n 
A 1 141 ASP 141 156 156 ASP ASP A . n 
A 1 142 ASP 142 157 157 ASP ASP A . n 
A 1 143 GLU 143 158 158 GLU GLU A . n 
A 1 144 GLN 144 159 159 GLN GLN A . n 
A 1 145 TYR 145 160 160 TYR TYR A . n 
A 1 146 ALA 146 161 161 ALA ALA A . n 
A 1 147 TRP 147 162 162 TRP TRP A . n 
A 1 148 GLU 148 163 163 GLU GLU A . n 
A 1 149 SER 149 164 164 SER SER A . n 
A 1 150 SER 150 165 165 SER SER A . n 
A 1 151 ALA 151 166 166 ALA ALA A . n 
A 1 152 GLY 152 167 167 GLY GLY A . n 
A 1 153 GLY 153 168 168 GLY GLY A . n 
A 1 154 SER 154 169 169 SER SER A . n 
A 1 155 PHE 155 170 170 PHE PHE A . n 
A 1 156 THR 156 171 171 THR THR A . n 
A 1 157 VAL 157 172 172 VAL VAL A . n 
A 1 158 ARG 158 173 173 ARG ARG A . n 
A 1 159 THR 159 174 174 THR THR A . n 
A 1 160 ASP 160 175 175 ASP ASP A . n 
A 1 161 THR 161 176 176 THR THR A . n 
A 1 162 GLY 162 177 177 GLY GLY A . n 
A 1 163 GLU 163 178 178 GLU GLU A . n 
A 1 164 PRO 164 179 179 PRO PRO A . n 
A 1 165 MET 165 180 180 MET MET A . n 
A 1 166 GLY 166 181 181 GLY GLY A . n 
A 1 167 ARG 167 182 182 ARG ARG A . n 
A 1 168 GLY 168 183 183 GLY GLY A . n 
A 1 169 THR 169 184 184 THR THR A . n 
A 1 170 LYS 170 185 185 LYS LYS A . n 
A 1 171 VAL 171 186 186 VAL VAL A . n 
A 1 172 ILE 172 187 187 ILE ILE A . n 
A 1 173 LEU 173 188 188 LEU LEU A . n 
A 1 174 HIS 174 189 189 HIS HIS A . n 
A 1 175 LEU 175 190 190 LEU LEU A . n 
A 1 176 LYS 176 191 191 LYS LYS A . n 
A 1 177 GLU 177 192 192 GLU GLU A . n 
A 1 178 ASP 178 193 193 ASP ASP A . n 
A 1 179 GLN 179 194 194 GLN GLN A . n 
A 1 180 THR 180 195 195 THR THR A . n 
A 1 181 GLU 181 196 196 GLU GLU A . n 
A 1 182 TYR 182 197 197 TYR TYR A . n 
A 1 183 LEU 183 198 198 LEU LEU A . n 
A 1 184 GLU 184 199 199 GLU GLU A . n 
A 1 185 GLU 185 200 200 GLU GLU A . n 
A 1 186 ARG 186 201 201 ARG ARG A . n 
A 1 187 ARG 187 202 202 ARG ARG A . n 
A 1 188 ILE 188 203 203 ILE ILE A . n 
A 1 189 LYS 189 204 204 LYS LYS A . n 
A 1 190 GLU 190 205 205 GLU GLU A . n 
A 1 191 ILE 191 206 206 ILE ILE A . n 
A 1 192 VAL 192 207 207 VAL VAL A . n 
A 1 193 LYS 193 208 208 LYS LYS A . n 
A 1 194 LYS 194 209 209 LYS LYS A . n 
A 1 195 HIS 195 210 210 HIS HIS A . n 
A 1 196 SER 196 211 211 SER SER A . n 
A 1 197 GLN 197 212 212 GLN GLN A . n 
A 1 198 PHE 198 213 213 PHE PHE A . n 
A 1 199 ILE 199 214 214 ILE ILE A . n 
A 1 200 GLY 200 215 215 GLY GLY A . n 
A 1 201 TYR 201 216 216 TYR TYR A . n 
A 1 202 PRO 202 217 217 PRO PRO A . n 
A 1 203 ILE 203 218 218 ILE ILE A . n 
A 1 204 THR 204 219 219 THR THR A . n 
A 1 205 LEU 205 220 220 LEU LEU A . n 
A 1 206 PHE 206 221 221 PHE PHE A . n 
A 1 207 VAL 207 222 222 VAL VAL A . n 
A 1 208 GLU 208 223 223 GLU GLU A . n 
A 1 209 LYS 209 224 224 LYS LYS A . n 
# 
loop_
_pdbx_nonpoly_scheme.asym_id 
_pdbx_nonpoly_scheme.entity_id 
_pdbx_nonpoly_scheme.mon_id 
_pdbx_nonpoly_scheme.ndb_seq_num 
_pdbx_nonpoly_scheme.pdb_seq_num 
_pdbx_nonpoly_scheme.auth_seq_num 
_pdbx_nonpoly_scheme.pdb_mon_id 
_pdbx_nonpoly_scheme.auth_mon_id 
_pdbx_nonpoly_scheme.pdb_strand_id 
_pdbx_nonpoly_scheme.pdb_ins_code 
B 2 JR9 1  301 301 JR9 JR9 A . 
C 3 HOH 1  401 1   HOH HOH A . 
C 3 HOH 2  402 2   HOH HOH A . 
C 3 HOH 3  403 3   HOH HOH A . 
C 3 HOH 4  404 4   HOH HOH A . 
C 3 HOH 5  405 5   HOH HOH A . 
C 3 HOH 6  406 6   HOH HOH A . 
C 3 HOH 7  407 7   HOH HOH A . 
C 3 HOH 8  408 8   HOH HOH A . 
C 3 HOH 9  409 9   HOH HOH A . 
C 3 HOH 10 410 10  HOH HOH A . 
C 3 HOH 11 411 11  HOH HOH A . 
C 3 HOH 12 412 12  HOH HOH A . 
C 3 HOH 13 413 13  HOH HOH A . 
C 3 HOH 14 414 14  HOH HOH A . 
C 3 HOH 15 415 15  HOH HOH A . 
C 3 HOH 16 416 16  HOH HOH A . 
C 3 HOH 17 417 17  HOH HOH A . 
C 3 HOH 18 418 18  HOH HOH A . 
C 3 HOH 19 419 19  HOH HOH A . 
C 3 HOH 20 420 20  HOH HOH A . 
C 3 HOH 21 421 21  HOH HOH A . 
C 3 HOH 22 422 22  HOH HOH A . 
C 3 HOH 23 423 23  HOH HOH A . 
C 3 HOH 24 424 24  HOH HOH A . 
C 3 HOH 25 425 25  HOH HOH A . 
C 3 HOH 26 426 26  HOH HOH A . 
C 3 HOH 27 427 27  HOH HOH A . 
C 3 HOH 28 428 28  HOH HOH A . 
C 3 HOH 29 429 29  HOH HOH A . 
C 3 HOH 30 430 30  HOH HOH A . 
C 3 HOH 31 431 31  HOH HOH A . 
C 3 HOH 32 432 32  HOH HOH A . 
C 3 HOH 33 433 33  HOH HOH A . 
C 3 HOH 34 434 34  HOH HOH A . 
C 3 HOH 35 435 35  HOH HOH A . 
C 3 HOH 36 436 36  HOH HOH A . 
C 3 HOH 37 437 37  HOH HOH A . 
C 3 HOH 38 438 38  HOH HOH A . 
C 3 HOH 39 439 39  HOH HOH A . 
C 3 HOH 40 440 40  HOH HOH A . 
C 3 HOH 41 441 41  HOH HOH A . 
C 3 HOH 42 442 42  HOH HOH A . 
C 3 HOH 43 443 43  HOH HOH A . 
C 3 HOH 44 444 44  HOH HOH A . 
C 3 HOH 45 445 45  HOH HOH A . 
C 3 HOH 46 446 46  HOH HOH A . 
C 3 HOH 47 447 47  HOH HOH A . 
C 3 HOH 48 448 48  HOH HOH A . 
C 3 HOH 49 449 49  HOH HOH A . 
C 3 HOH 50 450 50  HOH HOH A . 
C 3 HOH 51 451 51  HOH HOH A . 
C 3 HOH 52 452 52  HOH HOH A . 
C 3 HOH 53 453 53  HOH HOH A . 
C 3 HOH 54 454 54  HOH HOH A . 
C 3 HOH 55 455 55  HOH HOH A . 
C 3 HOH 56 456 56  HOH HOH A . 
C 3 HOH 57 457 57  HOH HOH A . 
C 3 HOH 58 458 58  HOH HOH A . 
C 3 HOH 59 459 59  HOH HOH A . 
C 3 HOH 60 460 60  HOH HOH A . 
C 3 HOH 61 461 61  HOH HOH A . 
C 3 HOH 62 462 62  HOH HOH A . 
C 3 HOH 63 463 63  HOH HOH A . 
C 3 HOH 64 464 64  HOH HOH A . 
C 3 HOH 65 465 65  HOH HOH A . 
C 3 HOH 66 466 66  HOH HOH A . 
C 3 HOH 67 467 67  HOH HOH A . 
C 3 HOH 68 468 68  HOH HOH A . 
C 3 HOH 69 469 69  HOH HOH A . 
C 3 HOH 70 470 70  HOH HOH A . 
C 3 HOH 71 471 71  HOH HOH A . 
C 3 HOH 72 472 72  HOH HOH A . 
C 3 HOH 73 473 73  HOH HOH A . 
C 3 HOH 74 474 74  HOH HOH A . 
C 3 HOH 75 475 75  HOH HOH A . 
C 3 HOH 76 476 76  HOH HOH A . 
C 3 HOH 77 477 77  HOH HOH A . 
C 3 HOH 78 478 78  HOH HOH A . 
C 3 HOH 79 479 79  HOH HOH A . 
C 3 HOH 80 480 80  HOH HOH A . 
C 3 HOH 81 481 81  HOH HOH A . 
C 3 HOH 82 482 82  HOH HOH A . 
C 3 HOH 83 483 83  HOH HOH A . 
C 3 HOH 84 484 84  HOH HOH A . 
# 
loop_
_software.name 
_software.classification 
_software.version 
_software.citation_id 
_software.pdbx_ordinal 
HKL-2000 'data collection' .                             ? 1 
PHENIX   'model building'  .                             ? 2 
PHENIX   refinement        '(phenix.refine: 1.8.1_1168)' ? 3 
HKL-2000 'data reduction'  .                             ? 4 
HKL-2000 'data scaling'    .                             ? 5 
PHENIX   phasing           .                             ? 6 
# 
_cell.entry_id           4R3M 
_cell.length_a           66.578 
_cell.length_b           90.926 
_cell.length_c           98.894 
_cell.angle_alpha        90.00 
_cell.angle_beta         90.00 
_cell.angle_gamma        90.00 
_cell.Z_PDB              8 
_cell.pdbx_unique_axis   ? 
# 
_symmetry.entry_id                         4R3M 
_symmetry.space_group_name_H-M             'I 2 2 2' 
_symmetry.pdbx_full_space_group_name_H-M   ? 
_symmetry.cell_setting                     ? 
_symmetry.Int_Tables_number                23 
# 
_exptl.entry_id          4R3M 
_exptl.method            'X-RAY DIFFRACTION' 
_exptl.crystals_number   1 
# 
_exptl_crystal.id                    1 
_exptl_crystal.density_meas          ? 
_exptl_crystal.density_Matthews      3.22 
_exptl_crystal.density_percent_sol   61.76 
_exptl_crystal.description           ? 
# 
_diffrn.id                     1 
_diffrn.ambient_temp           100 
_diffrn.ambient_temp_details   ? 
_diffrn.crystal_id             1 
# 
_diffrn_detector.diffrn_id              1 
_diffrn_detector.detector               CCD 
_diffrn_detector.type                   'ADSC QUANTUM 315r' 
_diffrn_detector.pdbx_collection_date   2013-05-18 
_diffrn_detector.details                ? 
# 
_diffrn_radiation.diffrn_id                        1 
_diffrn_radiation.wavelength_id                    1 
_diffrn_radiation.pdbx_monochromatic_or_laue_m_l   M 
_diffrn_radiation.monochromator                    Si111 
_diffrn_radiation.pdbx_diffrn_protocol             'SINGLE WAVELENGTH' 
_diffrn_radiation.pdbx_scattering_type             x-ray 
# 
_diffrn_radiation_wavelength.id           1 
_diffrn_radiation_wavelength.wavelength   0.97947 
_diffrn_radiation_wavelength.wt           1.0 
# 
_diffrn_source.diffrn_id                   1 
_diffrn_source.source                      SYNCHROTRON 
_diffrn_source.type                        'SSRF BEAMLINE BL17U' 
_diffrn_source.pdbx_synchrotron_site       SSRF 
_diffrn_source.pdbx_synchrotron_beamline   BL17U 
_diffrn_source.pdbx_wavelength             ? 
_diffrn_source.pdbx_wavelength_list        0.97947 
# 
_reflns.pdbx_diffrn_id               1 
_reflns.pdbx_ordinal                 1 
_reflns.entry_id                     4R3M 
_reflns.observed_criterion_sigma_I   -3 
_reflns.observed_criterion_sigma_F   0 
_reflns.d_resolution_low             33.467 
_reflns.d_resolution_high            1.8 
_reflns.number_obs                   28091 
_reflns.number_all                   28123 
_reflns.percent_possible_obs         99.9 
_reflns.pdbx_Rmerge_I_obs            0.055 
_reflns.pdbx_Rsym_value              ? 
_reflns.pdbx_netI_over_sigmaI        ? 
_reflns.B_iso_Wilson_estimate        ? 
_reflns.pdbx_redundancy              8.5 
# 
_refine.pdbx_refine_id                           'X-RAY DIFFRACTION' 
_refine.entry_id                                 4R3M 
_refine.pdbx_diffrn_id                           1 
_refine.pdbx_TLS_residual_ADP_flag               ? 
_refine.ls_number_reflns_obs                     28091 
_refine.ls_number_reflns_all                     ? 
_refine.pdbx_ls_sigma_I                          ? 
_refine.pdbx_ls_sigma_F                          1.34 
_refine.pdbx_data_cutoff_high_absF               ? 
_refine.pdbx_data_cutoff_low_absF                ? 
_refine.pdbx_data_cutoff_high_rms_absF           ? 
_refine.ls_d_res_low                             33.467 
_refine.ls_d_res_high                            1.800 
_refine.ls_percent_reflns_obs                    99.65 
_refine.ls_R_factor_obs                          0.2110 
_refine.ls_R_factor_all                          ? 
_refine.ls_R_factor_R_work                       0.2092 
_refine.ls_R_factor_R_free                       0.2345 
_refine.ls_R_factor_R_free_error                 ? 
_refine.ls_R_factor_R_free_error_details         ? 
_refine.ls_percent_reflns_R_free                 7.20 
_refine.ls_number_reflns_R_free                  2022 
_refine.ls_number_parameters                     ? 
_refine.ls_number_restraints                     ? 
_refine.occupancy_min                            ? 
_refine.occupancy_max                            ? 
_refine.correlation_coeff_Fo_to_Fc               ? 
_refine.correlation_coeff_Fo_to_Fc_free          ? 
_refine.B_iso_mean                               ? 
_refine.aniso_B[1][1]                            ? 
_refine.aniso_B[2][2]                            ? 
_refine.aniso_B[3][3]                            ? 
_refine.aniso_B[1][2]                            ? 
_refine.aniso_B[1][3]                            ? 
_refine.aniso_B[2][3]                            ? 
_refine.solvent_model_details                    'FLAT BULK SOLVENT MODEL' 
_refine.solvent_model_param_ksol                 ? 
_refine.solvent_model_param_bsol                 ? 
_refine.pdbx_solvent_vdw_probe_radii             1.11 
_refine.pdbx_solvent_ion_probe_radii             ? 
_refine.pdbx_solvent_shrinkage_radii             0.90 
_refine.pdbx_ls_cross_valid_method               ? 
_refine.details                                  ? 
_refine.pdbx_starting_model                      ? 
_refine.pdbx_method_to_determine_struct          'MOLECULAR REPLACEMENT' 
_refine.pdbx_isotropic_thermal_model             ? 
_refine.pdbx_stereochemistry_target_values       ML 
_refine.pdbx_stereochem_target_val_spec_case     ? 
_refine.pdbx_R_Free_selection_details            ? 
_refine.pdbx_overall_ESU_R                       ? 
_refine.pdbx_overall_ESU_R_Free                  ? 
_refine.overall_SU_ML                            0.17 
_refine.pdbx_overall_phase_error                 22.23 
_refine.overall_SU_B                             ? 
_refine.overall_SU_R_Cruickshank_DPI             ? 
_refine.pdbx_overall_SU_R_free_Cruickshank_DPI   ? 
_refine.pdbx_overall_SU_R_Blow_DPI               ? 
_refine.pdbx_overall_SU_R_free_Blow_DPI          ? 
# 
_refine_hist.pdbx_refine_id                   'X-RAY DIFFRACTION' 
_refine_hist.cycle_id                         LAST 
_refine_hist.pdbx_number_atoms_protein        1644 
_refine_hist.pdbx_number_atoms_nucleic_acid   0 
_refine_hist.pdbx_number_atoms_ligand         29 
_refine_hist.number_atoms_solvent             84 
_refine_hist.number_atoms_total               1757 
_refine_hist.d_res_high                       1.800 
_refine_hist.d_res_low                        33.467 
# 
loop_
_refine_ls_restr.type 
_refine_ls_restr.dev_ideal 
_refine_ls_restr.dev_ideal_target 
_refine_ls_restr.weight 
_refine_ls_restr.number 
_refine_ls_restr.pdbx_refine_id 
_refine_ls_restr.pdbx_restraint_function 
f_bond_d           0.007  ? ? 1703 'X-RAY DIFFRACTION' ? 
f_angle_d          1.103  ? ? 2298 'X-RAY DIFFRACTION' ? 
f_dihedral_angle_d 15.607 ? ? 634  'X-RAY DIFFRACTION' ? 
f_chiral_restr     0.079  ? ? 259  'X-RAY DIFFRACTION' ? 
f_plane_restr      0.004  ? ? 290  'X-RAY DIFFRACTION' ? 
# 
loop_
_refine_ls_shell.pdbx_refine_id 
_refine_ls_shell.pdbx_total_number_of_bins_used 
_refine_ls_shell.d_res_high 
_refine_ls_shell.d_res_low 
_refine_ls_shell.number_reflns_R_work 
_refine_ls_shell.R_factor_R_work 
_refine_ls_shell.percent_reflns_obs 
_refine_ls_shell.R_factor_R_free 
_refine_ls_shell.R_factor_R_free_error 
_refine_ls_shell.percent_reflns_R_free 
_refine_ls_shell.number_reflns_R_free 
_refine_ls_shell.number_reflns_all 
_refine_ls_shell.R_factor_all 
'X-RAY DIFFRACTION' . 1.8001 1.8451  1754 0.2139 96.00  0.2624 . . 143 . . 
'X-RAY DIFFRACTION' . 1.8451 1.8950  1863 0.2038 100.00 0.2330 . . 138 . . 
'X-RAY DIFFRACTION' . 1.8950 1.9508  1807 0.2102 100.00 0.2396 . . 164 . . 
'X-RAY DIFFRACTION' . 1.9508 2.0137  1876 0.2135 100.00 0.2555 . . 125 . . 
'X-RAY DIFFRACTION' . 2.0137 2.0857  1848 0.2178 100.00 0.2531 . . 150 . . 
'X-RAY DIFFRACTION' . 2.0857 2.1692  1848 0.2111 100.00 0.2535 . . 129 . . 
'X-RAY DIFFRACTION' . 2.1692 2.2679  1852 0.2083 100.00 0.2124 . . 154 . . 
'X-RAY DIFFRACTION' . 2.2679 2.3874  1855 0.2224 100.00 0.2511 . . 139 . . 
'X-RAY DIFFRACTION' . 2.3874 2.5370  1856 0.2335 100.00 0.2496 . . 144 . . 
'X-RAY DIFFRACTION' . 2.5370 2.7328  1866 0.2424 100.00 0.2745 . . 145 . . 
'X-RAY DIFFRACTION' . 2.7328 3.0076  1888 0.2485 100.00 0.2448 . . 144 . . 
'X-RAY DIFFRACTION' . 3.0076 3.4425  1881 0.2234 100.00 0.2632 . . 145 . . 
'X-RAY DIFFRACTION' . 3.4425 4.3357  1898 0.1818 100.00 0.1984 . . 151 . . 
'X-RAY DIFFRACTION' . 4.3357 33.4729 1977 0.1773 99.00  0.2089 . . 151 . . 
# 
_struct.entry_id                  4R3M 
_struct.title                     'Crystal structure of Human Hsp90 with JR9' 
_struct.pdbx_model_details        ? 
_struct.pdbx_CASP_flag            ? 
_struct.pdbx_model_type_details   ? 
# 
_struct_keywords.entry_id        4R3M 
_struct_keywords.pdbx_keywords   'Chaperone/Chaperone Inhibitor' 
_struct_keywords.text            'Chaperone/Chaperone Inhibitor, Chaperone-Chaperone Inhibitor complex' 
# 
loop_
_struct_asym.id 
_struct_asym.pdbx_blank_PDB_chainid_flag 
_struct_asym.pdbx_modified 
_struct_asym.entity_id 
_struct_asym.details 
A N N 1 ? 
B N N 2 ? 
C N N 3 ? 
# 
_struct_ref.id                         1 
_struct_ref.db_name                    UNP 
_struct_ref.db_code                    HS90A_HUMAN 
_struct_ref.pdbx_db_accession          P07900 
_struct_ref.entity_id                  1 
_struct_ref.pdbx_seq_one_letter_code   
;EVETFAFQAEIAQLMSLIINTFYSNKEIFLRELISNSSDALDKIRYESLTDPSKLDSGKELHINLIPNKQDRTLTIVDTG
IGMTKADLINNLGTIAKSGTKAFMEALQAGADISMIGQFGVGFYSAYLVAEKVTVITKHNDDEQYAWESSAGGSFTVRTD
TGEPMGRGTKVILHLKEDQTEYLEERRIKEIVKKHSQFIGYPITLFVEK
;
_struct_ref.pdbx_align_begin           16 
_struct_ref.pdbx_db_isoform            ? 
# 
_struct_ref_seq.align_id                      1 
_struct_ref_seq.ref_id                        1 
_struct_ref_seq.pdbx_PDB_id_code              4R3M 
_struct_ref_seq.pdbx_strand_id                A 
_struct_ref_seq.seq_align_beg                 1 
_struct_ref_seq.pdbx_seq_align_beg_ins_code   ? 
_struct_ref_seq.seq_align_end                 209 
_struct_ref_seq.pdbx_seq_align_end_ins_code   ? 
_struct_ref_seq.pdbx_db_accession             P07900 
_struct_ref_seq.db_align_beg                  16 
_struct_ref_seq.pdbx_db_align_beg_ins_code    ? 
_struct_ref_seq.db_align_end                  224 
_struct_ref_seq.pdbx_db_align_end_ins_code    ? 
_struct_ref_seq.pdbx_auth_seq_align_beg       16 
_struct_ref_seq.pdbx_auth_seq_align_end       224 
# 
_pdbx_struct_assembly.id                   1 
_pdbx_struct_assembly.details              author_and_software_defined_assembly 
_pdbx_struct_assembly.method_details       PISA 
_pdbx_struct_assembly.oligomeric_details   monomeric 
_pdbx_struct_assembly.oligomeric_count     1 
# 
_pdbx_struct_assembly_gen.assembly_id       1 
_pdbx_struct_assembly_gen.oper_expression   1 
_pdbx_struct_assembly_gen.asym_id_list      A,B,C 
# 
_pdbx_struct_oper_list.id                   1 
_pdbx_struct_oper_list.type                 'identity operation' 
_pdbx_struct_oper_list.name                 1_555 
_pdbx_struct_oper_list.symmetry_operation   x,y,z 
_pdbx_struct_oper_list.matrix[1][1]         1.0000000000 
_pdbx_struct_oper_list.matrix[1][2]         0.0000000000 
_pdbx_struct_oper_list.matrix[1][3]         0.0000000000 
_pdbx_struct_oper_list.vector[1]            0.0000000000 
_pdbx_struct_oper_list.matrix[2][1]         0.0000000000 
_pdbx_struct_oper_list.matrix[2][2]         1.0000000000 
_pdbx_struct_oper_list.matrix[2][3]         0.0000000000 
_pdbx_struct_oper_list.vector[2]            0.0000000000 
_pdbx_struct_oper_list.matrix[3][1]         0.0000000000 
_pdbx_struct_oper_list.matrix[3][2]         0.0000000000 
_pdbx_struct_oper_list.matrix[3][3]         1.0000000000 
_pdbx_struct_oper_list.vector[3]            0.0000000000 
# 
_struct_biol.id        1 
_struct_biol.details   ? 
# 
loop_
_struct_conf.conf_type_id 
_struct_conf.id 
_struct_conf.pdbx_PDB_helix_id 
_struct_conf.beg_label_comp_id 
_struct_conf.beg_label_asym_id 
_struct_conf.beg_label_seq_id 
_struct_conf.pdbx_beg_PDB_ins_code 
_struct_conf.end_label_comp_id 
_struct_conf.end_label_asym_id 
_struct_conf.end_label_seq_id 
_struct_conf.pdbx_end_PDB_ins_code 
_struct_conf.beg_auth_comp_id 
_struct_conf.beg_auth_asym_id 
_struct_conf.beg_auth_seq_id 
_struct_conf.end_auth_comp_id 
_struct_conf.end_auth_asym_id 
_struct_conf.end_auth_seq_id 
_struct_conf.pdbx_PDB_helix_class 
_struct_conf.details 
_struct_conf.pdbx_PDB_helix_length 
HELX_P HELX_P1 1 GLN A 8   ? THR A 21  ? GLN A 23  THR A 36  1 ? 14 
HELX_P HELX_P2 2 GLU A 27  ? ASP A 51  ? GLU A 42  ASP A 66  1 ? 25 
HELX_P HELX_P3 3 PRO A 52  ? ASP A 56  ? PRO A 67  ASP A 71  5 ? 5  
HELX_P HELX_P4 4 THR A 84  ? ASN A 90  ? THR A 99  ASN A 105 1 ? 7  
HELX_P HELX_P5 5 ASN A 90  ? LEU A 107 ? ASN A 105 LEU A 122 1 ? 18 
HELX_P HELX_P6 6 ASP A 112 ? GLY A 120 ? ASP A 127 GLY A 135 5 ? 9  
HELX_P HELX_P7 7 VAL A 121 ? LEU A 128 ? VAL A 136 LEU A 143 5 ? 8  
HELX_P HELX_P8 8 GLN A 179 ? LEU A 183 ? GLN A 194 LEU A 198 5 ? 5  
HELX_P HELX_P9 9 GLU A 184 ? SER A 196 ? GLU A 199 SER A 211 1 ? 13 
# 
_struct_conf_type.id          HELX_P 
_struct_conf_type.criteria    ? 
_struct_conf_type.reference   ? 
# 
_struct_sheet.id               A 
_struct_sheet.type             ? 
_struct_sheet.number_strands   8 
_struct_sheet.details          ? 
# 
loop_
_struct_sheet_order.sheet_id 
_struct_sheet_order.range_id_1 
_struct_sheet_order.range_id_2 
_struct_sheet_order.offset 
_struct_sheet_order.sense 
A 1 2 ? anti-parallel 
A 2 3 ? anti-parallel 
A 3 4 ? anti-parallel 
A 4 5 ? anti-parallel 
A 5 6 ? anti-parallel 
A 6 7 ? anti-parallel 
A 7 8 ? parallel      
# 
loop_
_struct_sheet_range.sheet_id 
_struct_sheet_range.id 
_struct_sheet_range.beg_label_comp_id 
_struct_sheet_range.beg_label_asym_id 
_struct_sheet_range.beg_label_seq_id 
_struct_sheet_range.pdbx_beg_PDB_ins_code 
_struct_sheet_range.end_label_comp_id 
_struct_sheet_range.end_label_asym_id 
_struct_sheet_range.end_label_seq_id 
_struct_sheet_range.pdbx_end_PDB_ins_code 
_struct_sheet_range.beg_auth_comp_id 
_struct_sheet_range.beg_auth_asym_id 
_struct_sheet_range.beg_auth_seq_id 
_struct_sheet_range.end_auth_comp_id 
_struct_sheet_range.end_auth_asym_id 
_struct_sheet_range.end_auth_seq_id 
A 1 GLU A 3   ? ALA A 6   ? GLU A 18  ALA A 21  
A 2 SER A 154 ? THR A 159 ? SER A 169 THR A 174 
A 3 GLN A 144 ? SER A 149 ? GLN A 159 SER A 164 
A 4 ALA A 130 ? LYS A 138 ? ALA A 145 LYS A 153 
A 5 GLY A 168 ? LEU A 175 ? GLY A 183 LEU A 190 
A 6 THR A 73  ? ASP A 78  ? THR A 88  ASP A 93  
A 7 ILE A 63  ? ASN A 68  ? ILE A 78  ASN A 83  
A 8 ILE A 203 ? LEU A 205 ? ILE A 218 LEU A 220 
# 
loop_
_pdbx_struct_sheet_hbond.sheet_id 
_pdbx_struct_sheet_hbond.range_id_1 
_pdbx_struct_sheet_hbond.range_id_2 
_pdbx_struct_sheet_hbond.range_1_label_atom_id 
_pdbx_struct_sheet_hbond.range_1_label_comp_id 
_pdbx_struct_sheet_hbond.range_1_label_asym_id 
_pdbx_struct_sheet_hbond.range_1_label_seq_id 
_pdbx_struct_sheet_hbond.range_1_PDB_ins_code 
_pdbx_struct_sheet_hbond.range_1_auth_atom_id 
_pdbx_struct_sheet_hbond.range_1_auth_comp_id 
_pdbx_struct_sheet_hbond.range_1_auth_asym_id 
_pdbx_struct_sheet_hbond.range_1_auth_seq_id 
_pdbx_struct_sheet_hbond.range_2_label_atom_id 
_pdbx_struct_sheet_hbond.range_2_label_comp_id 
_pdbx_struct_sheet_hbond.range_2_label_asym_id 
_pdbx_struct_sheet_hbond.range_2_label_seq_id 
_pdbx_struct_sheet_hbond.range_2_PDB_ins_code 
_pdbx_struct_sheet_hbond.range_2_auth_atom_id 
_pdbx_struct_sheet_hbond.range_2_auth_comp_id 
_pdbx_struct_sheet_hbond.range_2_auth_asym_id 
_pdbx_struct_sheet_hbond.range_2_auth_seq_id 
A 1 2 N PHE A 5   ? N PHE A 20  O PHE A 155 ? O PHE A 170 
A 2 3 O ARG A 158 ? O ARG A 173 N ALA A 146 ? N ALA A 161 
A 3 4 O TRP A 147 ? O TRP A 162 N VAL A 135 ? N VAL A 150 
A 4 5 N THR A 134 ? N THR A 149 O ILE A 172 ? O ILE A 187 
A 5 6 O VAL A 171 ? O VAL A 186 N ILE A 76  ? N ILE A 91  
A 6 7 O VAL A 77  ? O VAL A 92  N ASN A 64  ? N ASN A 79  
A 7 8 N LEU A 65  ? N LEU A 80  O THR A 204 ? O THR A 219 
# 
_struct_site.id                   AC1 
_struct_site.pdbx_evidence_code   Software 
_struct_site.pdbx_auth_asym_id    A 
_struct_site.pdbx_auth_comp_id    JR9 
_struct_site.pdbx_auth_seq_id     301 
_struct_site.pdbx_auth_ins_code   ? 
_struct_site.pdbx_num_residues    13 
_struct_site.details              'BINDING SITE FOR RESIDUE JR9 A 301' 
# 
loop_
_struct_site_gen.id 
_struct_site_gen.site_id 
_struct_site_gen.pdbx_num_res 
_struct_site_gen.label_comp_id 
_struct_site_gen.label_asym_id 
_struct_site_gen.label_seq_id 
_struct_site_gen.pdbx_auth_ins_code 
_struct_site_gen.auth_comp_id 
_struct_site_gen.auth_asym_id 
_struct_site_gen.auth_seq_id 
_struct_site_gen.label_atom_id 
_struct_site_gen.label_alt_id 
_struct_site_gen.symmetry 
_struct_site_gen.details 
1  AC1 13 ASN A 36  ? ASN A 51  . ? 1_555 ? 
2  AC1 13 ALA A 40  ? ALA A 55  . ? 1_555 ? 
3  AC1 13 TYR A 46  ? TYR A 61  . ? 2_455 ? 
4  AC1 13 ASP A 78  ? ASP A 93  . ? 1_555 ? 
5  AC1 13 MET A 83  ? MET A 98  . ? 1_555 ? 
6  AC1 13 ASN A 91  ? ASN A 106 . ? 1_555 ? 
7  AC1 13 LEU A 92  ? LEU A 107 . ? 1_555 ? 
8  AC1 13 ILE A 95  ? ILE A 110 . ? 1_555 ? 
9  AC1 13 GLY A 120 ? GLY A 135 . ? 1_555 ? 
10 AC1 13 PHE A 123 ? PHE A 138 . ? 1_555 ? 
11 AC1 13 TYR A 124 ? TYR A 139 . ? 1_555 ? 
12 AC1 13 TRP A 147 ? TRP A 162 . ? 1_555 ? 
13 AC1 13 THR A 169 ? THR A 184 . ? 1_555 ? 
# 
loop_
_pdbx_validate_torsion.id 
_pdbx_validate_torsion.PDB_model_num 
_pdbx_validate_torsion.auth_comp_id 
_pdbx_validate_torsion.auth_asym_id 
_pdbx_validate_torsion.auth_seq_id 
_pdbx_validate_torsion.PDB_ins_code 
_pdbx_validate_torsion.label_alt_id 
_pdbx_validate_torsion.phi 
_pdbx_validate_torsion.psi 
1 1 ALA A 124 ? ? -91.58 31.14   
2 1 ALA A 166 ? ? 62.78  -146.10 
# 
loop_
_chem_comp_atom.comp_id 
_chem_comp_atom.atom_id 
_chem_comp_atom.type_symbol 
_chem_comp_atom.pdbx_aromatic_flag 
_chem_comp_atom.pdbx_stereo_config 
_chem_comp_atom.pdbx_ordinal 
ALA N    N  N N 1   
ALA CA   C  N S 2   
ALA C    C  N N 3   
ALA O    O  N N 4   
ALA CB   C  N N 5   
ALA OXT  O  N N 6   
ALA H    H  N N 7   
ALA H2   H  N N 8   
ALA HA   H  N N 9   
ALA HB1  H  N N 10  
ALA HB2  H  N N 11  
ALA HB3  H  N N 12  
ALA HXT  H  N N 13  
ARG N    N  N N 14  
ARG CA   C  N S 15  
ARG C    C  N N 16  
ARG O    O  N N 17  
ARG CB   C  N N 18  
ARG CG   C  N N 19  
ARG CD   C  N N 20  
ARG NE   N  N N 21  
ARG CZ   C  N N 22  
ARG NH1  N  N N 23  
ARG NH2  N  N N 24  
ARG OXT  O  N N 25  
ARG H    H  N N 26  
ARG H2   H  N N 27  
ARG HA   H  N N 28  
ARG HB2  H  N N 29  
ARG HB3  H  N N 30  
ARG HG2  H  N N 31  
ARG HG3  H  N N 32  
ARG HD2  H  N N 33  
ARG HD3  H  N N 34  
ARG HE   H  N N 35  
ARG HH11 H  N N 36  
ARG HH12 H  N N 37  
ARG HH21 H  N N 38  
ARG HH22 H  N N 39  
ARG HXT  H  N N 40  
ASN N    N  N N 41  
ASN CA   C  N S 42  
ASN C    C  N N 43  
ASN O    O  N N 44  
ASN CB   C  N N 45  
ASN CG   C  N N 46  
ASN OD1  O  N N 47  
ASN ND2  N  N N 48  
ASN OXT  O  N N 49  
ASN H    H  N N 50  
ASN H2   H  N N 51  
ASN HA   H  N N 52  
ASN HB2  H  N N 53  
ASN HB3  H  N N 54  
ASN HD21 H  N N 55  
ASN HD22 H  N N 56  
ASN HXT  H  N N 57  
ASP N    N  N N 58  
ASP CA   C  N S 59  
ASP C    C  N N 60  
ASP O    O  N N 61  
ASP CB   C  N N 62  
ASP CG   C  N N 63  
ASP OD1  O  N N 64  
ASP OD2  O  N N 65  
ASP OXT  O  N N 66  
ASP H    H  N N 67  
ASP H2   H  N N 68  
ASP HA   H  N N 69  
ASP HB2  H  N N 70  
ASP HB3  H  N N 71  
ASP HD2  H  N N 72  
ASP HXT  H  N N 73  
GLN N    N  N N 74  
GLN CA   C  N S 75  
GLN C    C  N N 76  
GLN O    O  N N 77  
GLN CB   C  N N 78  
GLN CG   C  N N 79  
GLN CD   C  N N 80  
GLN OE1  O  N N 81  
GLN NE2  N  N N 82  
GLN OXT  O  N N 83  
GLN H    H  N N 84  
GLN H2   H  N N 85  
GLN HA   H  N N 86  
GLN HB2  H  N N 87  
GLN HB3  H  N N 88  
GLN HG2  H  N N 89  
GLN HG3  H  N N 90  
GLN HE21 H  N N 91  
GLN HE22 H  N N 92  
GLN HXT  H  N N 93  
GLU N    N  N N 94  
GLU CA   C  N S 95  
GLU C    C  N N 96  
GLU O    O  N N 97  
GLU CB   C  N N 98  
GLU CG   C  N N 99  
GLU CD   C  N N 100 
GLU OE1  O  N N 101 
GLU OE2  O  N N 102 
GLU OXT  O  N N 103 
GLU H    H  N N 104 
GLU H2   H  N N 105 
GLU HA   H  N N 106 
GLU HB2  H  N N 107 
GLU HB3  H  N N 108 
GLU HG2  H  N N 109 
GLU HG3  H  N N 110 
GLU HE2  H  N N 111 
GLU HXT  H  N N 112 
GLY N    N  N N 113 
GLY CA   C  N N 114 
GLY C    C  N N 115 
GLY O    O  N N 116 
GLY OXT  O  N N 117 
GLY H    H  N N 118 
GLY H2   H  N N 119 
GLY HA2  H  N N 120 
GLY HA3  H  N N 121 
GLY HXT  H  N N 122 
HIS N    N  N N 123 
HIS CA   C  N S 124 
HIS C    C  N N 125 
HIS O    O  N N 126 
HIS CB   C  N N 127 
HIS CG   C  Y N 128 
HIS ND1  N  Y N 129 
HIS CD2  C  Y N 130 
HIS CE1  C  Y N 131 
HIS NE2  N  Y N 132 
HIS OXT  O  N N 133 
HIS H    H  N N 134 
HIS H2   H  N N 135 
HIS HA   H  N N 136 
HIS HB2  H  N N 137 
HIS HB3  H  N N 138 
HIS HD1  H  N N 139 
HIS HD2  H  N N 140 
HIS HE1  H  N N 141 
HIS HE2  H  N N 142 
HIS HXT  H  N N 143 
HOH O    O  N N 144 
HOH H1   H  N N 145 
HOH H2   H  N N 146 
ILE N    N  N N 147 
ILE CA   C  N S 148 
ILE C    C  N N 149 
ILE O    O  N N 150 
ILE CB   C  N S 151 
ILE CG1  C  N N 152 
ILE CG2  C  N N 153 
ILE CD1  C  N N 154 
ILE OXT  O  N N 155 
ILE H    H  N N 156 
ILE H2   H  N N 157 
ILE HA   H  N N 158 
ILE HB   H  N N 159 
ILE HG12 H  N N 160 
ILE HG13 H  N N 161 
ILE HG21 H  N N 162 
ILE HG22 H  N N 163 
ILE HG23 H  N N 164 
ILE HD11 H  N N 165 
ILE HD12 H  N N 166 
ILE HD13 H  N N 167 
ILE HXT  H  N N 168 
JR9 N01  N  Y N 169 
JR9 C02  C  Y N 170 
JR9 C03  C  Y N 171 
JR9 N04  N  Y N 172 
JR9 C05  C  Y N 173 
JR9 C06  C  Y N 174 
JR9 C07  C  Y N 175 
JR9 C08  C  Y N 176 
JR9 N09  N  Y N 177 
JR9 N10  N  N N 178 
JR9 N11  N  N N 179 
JR9 C12  C  N N 180 
JR9 C13  C  Y N 181 
JR9 C14  C  Y N 182 
JR9 C15  C  Y N 183 
JR9 C16  C  Y N 184 
JR9 C17  C  Y N 185 
JR9 C18  C  Y N 186 
JR9 C19  C  N N 187 
JR9 C20  C  Y N 188 
JR9 C21  C  Y N 189 
JR9 C22  C  Y N 190 
JR9 C23  C  Y N 191 
JR9 C24  C  Y N 192 
JR9 C25  C  Y N 193 
JR9 O26  O  N N 194 
JR9 C27  C  N N 195 
JR9 O28  O  N N 196 
JR9 BR   BR N N 197 
JR9 H1   H  N N 198 
JR9 H2   H  N N 199 
JR9 H3   H  N N 200 
JR9 H4   H  N N 201 
JR9 H5   H  N N 202 
JR9 H6   H  N N 203 
JR9 H7   H  N N 204 
JR9 H8   H  N N 205 
JR9 H9   H  N N 206 
JR9 H10  H  N N 207 
JR9 H11  H  N N 208 
JR9 H12  H  N N 209 
JR9 H13  H  N N 210 
JR9 H14  H  N N 211 
JR9 H15  H  N N 212 
JR9 H16  H  N N 213 
JR9 H17  H  N N 214 
JR9 H18  H  N N 215 
LEU N    N  N N 216 
LEU CA   C  N S 217 
LEU C    C  N N 218 
LEU O    O  N N 219 
LEU CB   C  N N 220 
LEU CG   C  N N 221 
LEU CD1  C  N N 222 
LEU CD2  C  N N 223 
LEU OXT  O  N N 224 
LEU H    H  N N 225 
LEU H2   H  N N 226 
LEU HA   H  N N 227 
LEU HB2  H  N N 228 
LEU HB3  H  N N 229 
LEU HG   H  N N 230 
LEU HD11 H  N N 231 
LEU HD12 H  N N 232 
LEU HD13 H  N N 233 
LEU HD21 H  N N 234 
LEU HD22 H  N N 235 
LEU HD23 H  N N 236 
LEU HXT  H  N N 237 
LYS N    N  N N 238 
LYS CA   C  N S 239 
LYS C    C  N N 240 
LYS O    O  N N 241 
LYS CB   C  N N 242 
LYS CG   C  N N 243 
LYS CD   C  N N 244 
LYS CE   C  N N 245 
LYS NZ   N  N N 246 
LYS OXT  O  N N 247 
LYS H    H  N N 248 
LYS H2   H  N N 249 
LYS HA   H  N N 250 
LYS HB2  H  N N 251 
LYS HB3  H  N N 252 
LYS HG2  H  N N 253 
LYS HG3  H  N N 254 
LYS HD2  H  N N 255 
LYS HD3  H  N N 256 
LYS HE2  H  N N 257 
LYS HE3  H  N N 258 
LYS HZ1  H  N N 259 
LYS HZ2  H  N N 260 
LYS HZ3  H  N N 261 
LYS HXT  H  N N 262 
MET N    N  N N 263 
MET CA   C  N S 264 
MET C    C  N N 265 
MET O    O  N N 266 
MET CB   C  N N 267 
MET CG   C  N N 268 
MET SD   S  N N 269 
MET CE   C  N N 270 
MET OXT  O  N N 271 
MET H    H  N N 272 
MET H2   H  N N 273 
MET HA   H  N N 274 
MET HB2  H  N N 275 
MET HB3  H  N N 276 
MET HG2  H  N N 277 
MET HG3  H  N N 278 
MET HE1  H  N N 279 
MET HE2  H  N N 280 
MET HE3  H  N N 281 
MET HXT  H  N N 282 
PHE N    N  N N 283 
PHE CA   C  N S 284 
PHE C    C  N N 285 
PHE O    O  N N 286 
PHE CB   C  N N 287 
PHE CG   C  Y N 288 
PHE CD1  C  Y N 289 
PHE CD2  C  Y N 290 
PHE CE1  C  Y N 291 
PHE CE2  C  Y N 292 
PHE CZ   C  Y N 293 
PHE OXT  O  N N 294 
PHE H    H  N N 295 
PHE H2   H  N N 296 
PHE HA   H  N N 297 
PHE HB2  H  N N 298 
PHE HB3  H  N N 299 
PHE HD1  H  N N 300 
PHE HD2  H  N N 301 
PHE HE1  H  N N 302 
PHE HE2  H  N N 303 
PHE HZ   H  N N 304 
PHE HXT  H  N N 305 
PRO N    N  N N 306 
PRO CA   C  N S 307 
PRO C    C  N N 308 
PRO O    O  N N 309 
PRO CB   C  N N 310 
PRO CG   C  N N 311 
PRO CD   C  N N 312 
PRO OXT  O  N N 313 
PRO H    H  N N 314 
PRO HA   H  N N 315 
PRO HB2  H  N N 316 
PRO HB3  H  N N 317 
PRO HG2  H  N N 318 
PRO HG3  H  N N 319 
PRO HD2  H  N N 320 
PRO HD3  H  N N 321 
PRO HXT  H  N N 322 
SER N    N  N N 323 
SER CA   C  N S 324 
SER C    C  N N 325 
SER O    O  N N 326 
SER CB   C  N N 327 
SER OG   O  N N 328 
SER OXT  O  N N 329 
SER H    H  N N 330 
SER H2   H  N N 331 
SER HA   H  N N 332 
SER HB2  H  N N 333 
SER HB3  H  N N 334 
SER HG   H  N N 335 
SER HXT  H  N N 336 
THR N    N  N N 337 
THR CA   C  N S 338 
THR C    C  N N 339 
THR O    O  N N 340 
THR CB   C  N R 341 
THR OG1  O  N N 342 
THR CG2  C  N N 343 
THR OXT  O  N N 344 
THR H    H  N N 345 
THR H2   H  N N 346 
THR HA   H  N N 347 
THR HB   H  N N 348 
THR HG1  H  N N 349 
THR HG21 H  N N 350 
THR HG22 H  N N 351 
THR HG23 H  N N 352 
THR HXT  H  N N 353 
TRP N    N  N N 354 
TRP CA   C  N S 355 
TRP C    C  N N 356 
TRP O    O  N N 357 
TRP CB   C  N N 358 
TRP CG   C  Y N 359 
TRP CD1  C  Y N 360 
TRP CD2  C  Y N 361 
TRP NE1  N  Y N 362 
TRP CE2  C  Y N 363 
TRP CE3  C  Y N 364 
TRP CZ2  C  Y N 365 
TRP CZ3  C  Y N 366 
TRP CH2  C  Y N 367 
TRP OXT  O  N N 368 
TRP H    H  N N 369 
TRP H2   H  N N 370 
TRP HA   H  N N 371 
TRP HB2  H  N N 372 
TRP HB3  H  N N 373 
TRP HD1  H  N N 374 
TRP HE1  H  N N 375 
TRP HE3  H  N N 376 
TRP HZ2  H  N N 377 
TRP HZ3  H  N N 378 
TRP HH2  H  N N 379 
TRP HXT  H  N N 380 
TYR N    N  N N 381 
TYR CA   C  N S 382 
TYR C    C  N N 383 
TYR O    O  N N 384 
TYR CB   C  N N 385 
TYR CG   C  Y N 386 
TYR CD1  C  Y N 387 
TYR CD2  C  Y N 388 
TYR CE1  C  Y N 389 
TYR CE2  C  Y N 390 
TYR CZ   C  Y N 391 
TYR OH   O  N N 392 
TYR OXT  O  N N 393 
TYR H    H  N N 394 
TYR H2   H  N N 395 
TYR HA   H  N N 396 
TYR HB2  H  N N 397 
TYR HB3  H  N N 398 
TYR HD1  H  N N 399 
TYR HD2  H  N N 400 
TYR HE1  H  N N 401 
TYR HE2  H  N N 402 
TYR HH   H  N N 403 
TYR HXT  H  N N 404 
VAL N    N  N N 405 
VAL CA   C  N S 406 
VAL C    C  N N 407 
VAL O    O  N N 408 
VAL CB   C  N N 409 
VAL CG1  C  N N 410 
VAL CG2  C  N N 411 
VAL OXT  O  N N 412 
VAL H    H  N N 413 
VAL H2   H  N N 414 
VAL HA   H  N N 415 
VAL HB   H  N N 416 
VAL HG11 H  N N 417 
VAL HG12 H  N N 418 
VAL HG13 H  N N 419 
VAL HG21 H  N N 420 
VAL HG22 H  N N 421 
VAL HG23 H  N N 422 
VAL HXT  H  N N 423 
# 
loop_
_chem_comp_bond.comp_id 
_chem_comp_bond.atom_id_1 
_chem_comp_bond.atom_id_2 
_chem_comp_bond.value_order 
_chem_comp_bond.pdbx_aromatic_flag 
_chem_comp_bond.pdbx_stereo_config 
_chem_comp_bond.pdbx_ordinal 
ALA N   CA   sing N N 1   
ALA N   H    sing N N 2   
ALA N   H2   sing N N 3   
ALA CA  C    sing N N 4   
ALA CA  CB   sing N N 5   
ALA CA  HA   sing N N 6   
ALA C   O    doub N N 7   
ALA C   OXT  sing N N 8   
ALA CB  HB1  sing N N 9   
ALA CB  HB2  sing N N 10  
ALA CB  HB3  sing N N 11  
ALA OXT HXT  sing N N 12  
ARG N   CA   sing N N 13  
ARG N   H    sing N N 14  
ARG N   H2   sing N N 15  
ARG CA  C    sing N N 16  
ARG CA  CB   sing N N 17  
ARG CA  HA   sing N N 18  
ARG C   O    doub N N 19  
ARG C   OXT  sing N N 20  
ARG CB  CG   sing N N 21  
ARG CB  HB2  sing N N 22  
ARG CB  HB3  sing N N 23  
ARG CG  CD   sing N N 24  
ARG CG  HG2  sing N N 25  
ARG CG  HG3  sing N N 26  
ARG CD  NE   sing N N 27  
ARG CD  HD2  sing N N 28  
ARG CD  HD3  sing N N 29  
ARG NE  CZ   sing N N 30  
ARG NE  HE   sing N N 31  
ARG CZ  NH1  sing N N 32  
ARG CZ  NH2  doub N N 33  
ARG NH1 HH11 sing N N 34  
ARG NH1 HH12 sing N N 35  
ARG NH2 HH21 sing N N 36  
ARG NH2 HH22 sing N N 37  
ARG OXT HXT  sing N N 38  
ASN N   CA   sing N N 39  
ASN N   H    sing N N 40  
ASN N   H2   sing N N 41  
ASN CA  C    sing N N 42  
ASN CA  CB   sing N N 43  
ASN CA  HA   sing N N 44  
ASN C   O    doub N N 45  
ASN C   OXT  sing N N 46  
ASN CB  CG   sing N N 47  
ASN CB  HB2  sing N N 48  
ASN CB  HB3  sing N N 49  
ASN CG  OD1  doub N N 50  
ASN CG  ND2  sing N N 51  
ASN ND2 HD21 sing N N 52  
ASN ND2 HD22 sing N N 53  
ASN OXT HXT  sing N N 54  
ASP N   CA   sing N N 55  
ASP N   H    sing N N 56  
ASP N   H2   sing N N 57  
ASP CA  C    sing N N 58  
ASP CA  CB   sing N N 59  
ASP CA  HA   sing N N 60  
ASP C   O    doub N N 61  
ASP C   OXT  sing N N 62  
ASP CB  CG   sing N N 63  
ASP CB  HB2  sing N N 64  
ASP CB  HB3  sing N N 65  
ASP CG  OD1  doub N N 66  
ASP CG  OD2  sing N N 67  
ASP OD2 HD2  sing N N 68  
ASP OXT HXT  sing N N 69  
GLN N   CA   sing N N 70  
GLN N   H    sing N N 71  
GLN N   H2   sing N N 72  
GLN CA  C    sing N N 73  
GLN CA  CB   sing N N 74  
GLN CA  HA   sing N N 75  
GLN C   O    doub N N 76  
GLN C   OXT  sing N N 77  
GLN CB  CG   sing N N 78  
GLN CB  HB2  sing N N 79  
GLN CB  HB3  sing N N 80  
GLN CG  CD   sing N N 81  
GLN CG  HG2  sing N N 82  
GLN CG  HG3  sing N N 83  
GLN CD  OE1  doub N N 84  
GLN CD  NE2  sing N N 85  
GLN NE2 HE21 sing N N 86  
GLN NE2 HE22 sing N N 87  
GLN OXT HXT  sing N N 88  
GLU N   CA   sing N N 89  
GLU N   H    sing N N 90  
GLU N   H2   sing N N 91  
GLU CA  C    sing N N 92  
GLU CA  CB   sing N N 93  
GLU CA  HA   sing N N 94  
GLU C   O    doub N N 95  
GLU C   OXT  sing N N 96  
GLU CB  CG   sing N N 97  
GLU CB  HB2  sing N N 98  
GLU CB  HB3  sing N N 99  
GLU CG  CD   sing N N 100 
GLU CG  HG2  sing N N 101 
GLU CG  HG3  sing N N 102 
GLU CD  OE1  doub N N 103 
GLU CD  OE2  sing N N 104 
GLU OE2 HE2  sing N N 105 
GLU OXT HXT  sing N N 106 
GLY N   CA   sing N N 107 
GLY N   H    sing N N 108 
GLY N   H2   sing N N 109 
GLY CA  C    sing N N 110 
GLY CA  HA2  sing N N 111 
GLY CA  HA3  sing N N 112 
GLY C   O    doub N N 113 
GLY C   OXT  sing N N 114 
GLY OXT HXT  sing N N 115 
HIS N   CA   sing N N 116 
HIS N   H    sing N N 117 
HIS N   H2   sing N N 118 
HIS CA  C    sing N N 119 
HIS CA  CB   sing N N 120 
HIS CA  HA   sing N N 121 
HIS C   O    doub N N 122 
HIS C   OXT  sing N N 123 
HIS CB  CG   sing N N 124 
HIS CB  HB2  sing N N 125 
HIS CB  HB3  sing N N 126 
HIS CG  ND1  sing Y N 127 
HIS CG  CD2  doub Y N 128 
HIS ND1 CE1  doub Y N 129 
HIS ND1 HD1  sing N N 130 
HIS CD2 NE2  sing Y N 131 
HIS CD2 HD2  sing N N 132 
HIS CE1 NE2  sing Y N 133 
HIS CE1 HE1  sing N N 134 
HIS NE2 HE2  sing N N 135 
HIS OXT HXT  sing N N 136 
HOH O   H1   sing N N 137 
HOH O   H2   sing N N 138 
ILE N   CA   sing N N 139 
ILE N   H    sing N N 140 
ILE N   H2   sing N N 141 
ILE CA  C    sing N N 142 
ILE CA  CB   sing N N 143 
ILE CA  HA   sing N N 144 
ILE C   O    doub N N 145 
ILE C   OXT  sing N N 146 
ILE CB  CG1  sing N N 147 
ILE CB  CG2  sing N N 148 
ILE CB  HB   sing N N 149 
ILE CG1 CD1  sing N N 150 
ILE CG1 HG12 sing N N 151 
ILE CG1 HG13 sing N N 152 
ILE CG2 HG21 sing N N 153 
ILE CG2 HG22 sing N N 154 
ILE CG2 HG23 sing N N 155 
ILE CD1 HD11 sing N N 156 
ILE CD1 HD12 sing N N 157 
ILE CD1 HD13 sing N N 158 
ILE OXT HXT  sing N N 159 
JR9 C17 C16  doub Y N 160 
JR9 C17 C18  sing Y N 161 
JR9 C16 C15  sing Y N 162 
JR9 C18 C13  doub Y N 163 
JR9 C02 C03  doub Y N 164 
JR9 C02 N01  sing Y N 165 
JR9 C15 C14  doub Y N 166 
JR9 C03 N04  sing Y N 167 
JR9 C13 C14  sing Y N 168 
JR9 C13 C12  sing N N 169 
JR9 N01 C06  doub Y N 170 
JR9 N11 C12  sing N N 171 
JR9 N11 C07  sing N N 172 
JR9 N04 C07  sing Y N 173 
JR9 N04 C05  sing Y N 174 
JR9 C07 C08  doub Y N 175 
JR9 C06 C05  sing Y N 176 
JR9 C06 N10  sing N N 177 
JR9 C27 O28  sing N N 178 
JR9 C27 O26  sing N N 179 
JR9 O28 C24  sing N N 180 
JR9 C05 N09  doub Y N 181 
JR9 O26 C23  sing N N 182 
JR9 C24 C23  doub Y N 183 
JR9 C24 C25  sing Y N 184 
JR9 C23 C22  sing Y N 185 
JR9 C25 C20  doub Y N 186 
JR9 C08 N09  sing Y N 187 
JR9 C08 C19  sing N N 188 
JR9 C22 C21  doub Y N 189 
JR9 C20 C21  sing Y N 190 
JR9 C20 C19  sing N N 191 
JR9 C21 BR   sing N N 192 
JR9 C02 H1   sing N N 193 
JR9 C03 H2   sing N N 194 
JR9 N10 H3   sing N N 195 
JR9 N10 H4   sing N N 196 
JR9 C12 H5   sing N N 197 
JR9 C14 H6   sing N N 198 
JR9 C15 H7   sing N N 199 
JR9 C16 H8   sing N N 200 
JR9 C17 H9   sing N N 201 
JR9 C18 H10  sing N N 202 
JR9 C19 H11  sing N N 203 
JR9 C19 H12  sing N N 204 
JR9 C22 H13  sing N N 205 
JR9 C25 H14  sing N N 206 
JR9 C27 H15  sing N N 207 
JR9 C27 H16  sing N N 208 
JR9 N11 H17  sing N N 209 
JR9 C12 H18  sing N N 210 
LEU N   CA   sing N N 211 
LEU N   H    sing N N 212 
LEU N   H2   sing N N 213 
LEU CA  C    sing N N 214 
LEU CA  CB   sing N N 215 
LEU CA  HA   sing N N 216 
LEU C   O    doub N N 217 
LEU C   OXT  sing N N 218 
LEU CB  CG   sing N N 219 
LEU CB  HB2  sing N N 220 
LEU CB  HB3  sing N N 221 
LEU CG  CD1  sing N N 222 
LEU CG  CD2  sing N N 223 
LEU CG  HG   sing N N 224 
LEU CD1 HD11 sing N N 225 
LEU CD1 HD12 sing N N 226 
LEU CD1 HD13 sing N N 227 
LEU CD2 HD21 sing N N 228 
LEU CD2 HD22 sing N N 229 
LEU CD2 HD23 sing N N 230 
LEU OXT HXT  sing N N 231 
LYS N   CA   sing N N 232 
LYS N   H    sing N N 233 
LYS N   H2   sing N N 234 
LYS CA  C    sing N N 235 
LYS CA  CB   sing N N 236 
LYS CA  HA   sing N N 237 
LYS C   O    doub N N 238 
LYS C   OXT  sing N N 239 
LYS CB  CG   sing N N 240 
LYS CB  HB2  sing N N 241 
LYS CB  HB3  sing N N 242 
LYS CG  CD   sing N N 243 
LYS CG  HG2  sing N N 244 
LYS CG  HG3  sing N N 245 
LYS CD  CE   sing N N 246 
LYS CD  HD2  sing N N 247 
LYS CD  HD3  sing N N 248 
LYS CE  NZ   sing N N 249 
LYS CE  HE2  sing N N 250 
LYS CE  HE3  sing N N 251 
LYS NZ  HZ1  sing N N 252 
LYS NZ  HZ2  sing N N 253 
LYS NZ  HZ3  sing N N 254 
LYS OXT HXT  sing N N 255 
MET N   CA   sing N N 256 
MET N   H    sing N N 257 
MET N   H2   sing N N 258 
MET CA  C    sing N N 259 
MET CA  CB   sing N N 260 
MET CA  HA   sing N N 261 
MET C   O    doub N N 262 
MET C   OXT  sing N N 263 
MET CB  CG   sing N N 264 
MET CB  HB2  sing N N 265 
MET CB  HB3  sing N N 266 
MET CG  SD   sing N N 267 
MET CG  HG2  sing N N 268 
MET CG  HG3  sing N N 269 
MET SD  CE   sing N N 270 
MET CE  HE1  sing N N 271 
MET CE  HE2  sing N N 272 
MET CE  HE3  sing N N 273 
MET OXT HXT  sing N N 274 
PHE N   CA   sing N N 275 
PHE N   H    sing N N 276 
PHE N   H2   sing N N 277 
PHE CA  C    sing N N 278 
PHE CA  CB   sing N N 279 
PHE CA  HA   sing N N 280 
PHE C   O    doub N N 281 
PHE C   OXT  sing N N 282 
PHE CB  CG   sing N N 283 
PHE CB  HB2  sing N N 284 
PHE CB  HB3  sing N N 285 
PHE CG  CD1  doub Y N 286 
PHE CG  CD2  sing Y N 287 
PHE CD1 CE1  sing Y N 288 
PHE CD1 HD1  sing N N 289 
PHE CD2 CE2  doub Y N 290 
PHE CD2 HD2  sing N N 291 
PHE CE1 CZ   doub Y N 292 
PHE CE1 HE1  sing N N 293 
PHE CE2 CZ   sing Y N 294 
PHE CE2 HE2  sing N N 295 
PHE CZ  HZ   sing N N 296 
PHE OXT HXT  sing N N 297 
PRO N   CA   sing N N 298 
PRO N   CD   sing N N 299 
PRO N   H    sing N N 300 
PRO CA  C    sing N N 301 
PRO CA  CB   sing N N 302 
PRO CA  HA   sing N N 303 
PRO C   O    doub N N 304 
PRO C   OXT  sing N N 305 
PRO CB  CG   sing N N 306 
PRO CB  HB2  sing N N 307 
PRO CB  HB3  sing N N 308 
PRO CG  CD   sing N N 309 
PRO CG  HG2  sing N N 310 
PRO CG  HG3  sing N N 311 
PRO CD  HD2  sing N N 312 
PRO CD  HD3  sing N N 313 
PRO OXT HXT  sing N N 314 
SER N   CA   sing N N 315 
SER N   H    sing N N 316 
SER N   H2   sing N N 317 
SER CA  C    sing N N 318 
SER CA  CB   sing N N 319 
SER CA  HA   sing N N 320 
SER C   O    doub N N 321 
SER C   OXT  sing N N 322 
SER CB  OG   sing N N 323 
SER CB  HB2  sing N N 324 
SER CB  HB3  sing N N 325 
SER OG  HG   sing N N 326 
SER OXT HXT  sing N N 327 
THR N   CA   sing N N 328 
THR N   H    sing N N 329 
THR N   H2   sing N N 330 
THR CA  C    sing N N 331 
THR CA  CB   sing N N 332 
THR CA  HA   sing N N 333 
THR C   O    doub N N 334 
THR C   OXT  sing N N 335 
THR CB  OG1  sing N N 336 
THR CB  CG2  sing N N 337 
THR CB  HB   sing N N 338 
THR OG1 HG1  sing N N 339 
THR CG2 HG21 sing N N 340 
THR CG2 HG22 sing N N 341 
THR CG2 HG23 sing N N 342 
THR OXT HXT  sing N N 343 
TRP N   CA   sing N N 344 
TRP N   H    sing N N 345 
TRP N   H2   sing N N 346 
TRP CA  C    sing N N 347 
TRP CA  CB   sing N N 348 
TRP CA  HA   sing N N 349 
TRP C   O    doub N N 350 
TRP C   OXT  sing N N 351 
TRP CB  CG   sing N N 352 
TRP CB  HB2  sing N N 353 
TRP CB  HB3  sing N N 354 
TRP CG  CD1  doub Y N 355 
TRP CG  CD2  sing Y N 356 
TRP CD1 NE1  sing Y N 357 
TRP CD1 HD1  sing N N 358 
TRP CD2 CE2  doub Y N 359 
TRP CD2 CE3  sing Y N 360 
TRP NE1 CE2  sing Y N 361 
TRP NE1 HE1  sing N N 362 
TRP CE2 CZ2  sing Y N 363 
TRP CE3 CZ3  doub Y N 364 
TRP CE3 HE3  sing N N 365 
TRP CZ2 CH2  doub Y N 366 
TRP CZ2 HZ2  sing N N 367 
TRP CZ3 CH2  sing Y N 368 
TRP CZ3 HZ3  sing N N 369 
TRP CH2 HH2  sing N N 370 
TRP OXT HXT  sing N N 371 
TYR N   CA   sing N N 372 
TYR N   H    sing N N 373 
TYR N   H2   sing N N 374 
TYR CA  C    sing N N 375 
TYR CA  CB   sing N N 376 
TYR CA  HA   sing N N 377 
TYR C   O    doub N N 378 
TYR C   OXT  sing N N 379 
TYR CB  CG   sing N N 380 
TYR CB  HB2  sing N N 381 
TYR CB  HB3  sing N N 382 
TYR CG  CD1  doub Y N 383 
TYR CG  CD2  sing Y N 384 
TYR CD1 CE1  sing Y N 385 
TYR CD1 HD1  sing N N 386 
TYR CD2 CE2  doub Y N 387 
TYR CD2 HD2  sing N N 388 
TYR CE1 CZ   doub Y N 389 
TYR CE1 HE1  sing N N 390 
TYR CE2 CZ   sing Y N 391 
TYR CE2 HE2  sing N N 392 
TYR CZ  OH   sing N N 393 
TYR OH  HH   sing N N 394 
TYR OXT HXT  sing N N 395 
VAL N   CA   sing N N 396 
VAL N   H    sing N N 397 
VAL N   H2   sing N N 398 
VAL CA  C    sing N N 399 
VAL CA  CB   sing N N 400 
VAL CA  HA   sing N N 401 
VAL C   O    doub N N 402 
VAL C   OXT  sing N N 403 
VAL CB  CG1  sing N N 404 
VAL CB  CG2  sing N N 405 
VAL CB  HB   sing N N 406 
VAL CG1 HG11 sing N N 407 
VAL CG1 HG12 sing N N 408 
VAL CG1 HG13 sing N N 409 
VAL CG2 HG21 sing N N 410 
VAL CG2 HG22 sing N N 411 
VAL CG2 HG23 sing N N 412 
VAL OXT HXT  sing N N 413 
# 
_atom_sites.entry_id                    4R3M 
_atom_sites.fract_transf_matrix[1][1]   0.00926051 
_atom_sites.fract_transf_matrix[1][2]   0.01052116 
_atom_sites.fract_transf_matrix[1][3]   -0.00539894 
_atom_sites.fract_transf_matrix[2][1]   0.00858666 
_atom_sites.fract_transf_matrix[2][2]   -0.00662988 
_atom_sites.fract_transf_matrix[2][3]   0.00180829 
_atom_sites.fract_transf_matrix[3][1]   -0.00102651 
_atom_sites.fract_transf_matrix[3][2]   -0.00386290 
_atom_sites.fract_transf_matrix[3][3]   -0.00928853 
_atom_sites.fract_transf_vector[1]      -0.490383 
_atom_sites.fract_transf_vector[2]      -0.160957 
_atom_sites.fract_transf_vector[3]      -0.210598 
# 
loop_
_atom_type.symbol 
BR 
C  
H  
N  
O  
S  
# 
loop_
_atom_site.group_PDB 
_atom_site.id 
_atom_site.type_symbol 
_atom_site.label_atom_id 
_atom_site.label_alt_id 
_atom_site.label_comp_id 
_atom_site.label_asym_id 
_atom_site.label_entity_id 
_atom_site.label_seq_id 
_atom_site.pdbx_PDB_ins_code 
_atom_site.Cartn_x 
_atom_site.Cartn_y 
_atom_site.Cartn_z 
_atom_site.occupancy 
_atom_site.B_iso_or_equiv 
_atom_site.pdbx_formal_charge 
_atom_site.auth_seq_id 
_atom_site.auth_comp_id 
_atom_site.auth_asym_id 
_atom_site.auth_atom_id 
_atom_site.pdbx_PDB_model_num 
ATOM   1    N  N   . GLU A 1 1   ? -6.591  18.919  11.870  1.00 40.30 ? 16  GLU A N   1 
ATOM   2    C  CA  . GLU A 1 1   ? -5.279  19.490  11.581  1.00 40.83 ? 16  GLU A CA  1 
ATOM   3    C  C   . GLU A 1 1   ? -4.571  18.720  10.466  1.00 37.50 ? 16  GLU A C   1 
ATOM   4    O  O   . GLU A 1 1   ? -4.001  17.657  10.713  1.00 36.49 ? 16  GLU A O   1 
ATOM   5    C  CB  . GLU A 1 1   ? -4.405  19.480  12.839  1.00 44.64 ? 16  GLU A CB  1 
ATOM   6    C  CG  . GLU A 1 1   ? -3.054  20.183  12.673  1.00 50.15 ? 16  GLU A CG  1 
ATOM   7    C  CD  . GLU A 1 1   ? -1.864  19.263  12.929  1.00 50.88 ? 16  GLU A CD  1 
ATOM   8    O  OE1 . GLU A 1 1   ? -1.901  18.087  12.493  1.00 47.27 ? 16  GLU A OE1 1 
ATOM   9    O  OE2 . GLU A 1 1   ? -0.890  19.723  13.567  1.00 51.67 ? 16  GLU A OE2 1 
ATOM   10   N  N   . VAL A 1 2   ? -4.582  19.264  9.251   1.00 32.99 ? 17  VAL A N   1 
ATOM   11   C  CA  . VAL A 1 2   ? -3.972  18.569  8.117   1.00 26.61 ? 17  VAL A CA  1 
ATOM   12   C  C   . VAL A 1 2   ? -2.635  19.185  7.739   1.00 26.96 ? 17  VAL A C   1 
ATOM   13   O  O   . VAL A 1 2   ? -2.572  20.366  7.413   1.00 26.15 ? 17  VAL A O   1 
ATOM   14   C  CB  . VAL A 1 2   ? -4.879  18.584  6.897   1.00 30.74 ? 17  VAL A CB  1 
ATOM   15   C  CG1 . VAL A 1 2   ? -4.251  17.767  5.769   1.00 26.13 ? 17  VAL A CG1 1 
ATOM   16   C  CG2 . VAL A 1 2   ? -6.241  18.042  7.259   1.00 35.87 ? 17  VAL A CG2 1 
ATOM   17   N  N   . GLU A 1 3   ? -1.573  18.385  7.791   1.00 21.07 ? 18  GLU A N   1 
ATOM   18   C  CA  . GLU A 1 3   ? -0.248  18.839  7.384   1.00 21.49 ? 18  GLU A CA  1 
ATOM   19   C  C   . GLU A 1 3   ? 0.057   18.417  5.952   1.00 21.37 ? 18  GLU A C   1 
ATOM   20   O  O   . GLU A 1 3   ? -0.232  17.291  5.571   1.00 17.43 ? 18  GLU A O   1 
ATOM   21   C  CB  . GLU A 1 3   ? 0.815   18.277  8.324   1.00 22.63 ? 18  GLU A CB  1 
ATOM   22   C  CG  . GLU A 1 3   ? 0.720   18.811  9.746   1.00 24.03 ? 18  GLU A CG  1 
ATOM   23   C  CD  . GLU A 1 3   ? 1.771   18.227  10.672  1.00 29.02 ? 18  GLU A CD  1 
ATOM   24   O  OE1 . GLU A 1 3   ? 1.847   16.990  10.790  1.00 29.66 ? 18  GLU A OE1 1 
ATOM   25   O  OE2 . GLU A 1 3   ? 2.515   19.010  11.292  1.00 31.57 ? 18  GLU A OE2 1 
ATOM   26   N  N   . THR A 1 4   ? 0.656   19.317  5.172   1.00 16.07 ? 19  THR A N   1 
ATOM   27   C  CA  . THR A 1 4   ? 0.961   19.024  3.764   1.00 16.21 ? 19  THR A CA  1 
ATOM   28   C  C   . THR A 1 4   ? 2.470   19.025  3.583   1.00 18.15 ? 19  THR A C   1 
ATOM   29   O  O   . THR A 1 4   ? 3.159   19.943  4.041   1.00 18.85 ? 19  THR A O   1 
ATOM   30   C  CB  . THR A 1 4   ? 0.317   20.053  2.804   1.00 17.70 ? 19  THR A CB  1 
ATOM   31   O  OG1 . THR A 1 4   ? -1.114  20.049  2.966   1.00 19.04 ? 19  THR A OG1 1 
ATOM   32   C  CG2 . THR A 1 4   ? 0.652   19.715  1.353   1.00 18.55 ? 19  THR A CG2 1 
ATOM   33   N  N   . PHE A 1 5   ? 2.974   18.007  2.891   1.00 15.34 ? 20  PHE A N   1 
ATOM   34   C  CA  . PHE A 1 5   ? 4.404   17.783  2.754   1.00 15.85 ? 20  PHE A CA  1 
ATOM   35   C  C   . PHE A 1 5   ? 4.759   17.645  1.285   1.00 16.79 ? 20  PHE A C   1 
ATOM   36   O  O   . PHE A 1 5   ? 3.961   17.139  0.505   1.00 16.55 ? 20  PHE A O   1 
ATOM   37   C  CB  . PHE A 1 5   ? 4.781   16.476  3.445   1.00 16.83 ? 20  PHE A CB  1 
ATOM   38   C  CG  . PHE A 1 5   ? 4.551   16.479  4.922   1.00 17.20 ? 20  PHE A CG  1 
ATOM   39   C  CD1 . PHE A 1 5   ? 3.331   16.073  5.447   1.00 18.87 ? 20  PHE A CD1 1 
ATOM   40   C  CD2 . PHE A 1 5   ? 5.549   16.892  5.784   1.00 20.15 ? 20  PHE A CD2 1 
ATOM   41   C  CE1 . PHE A 1 5   ? 3.118   16.062  6.819   1.00 17.90 ? 20  PHE A CE1 1 
ATOM   42   C  CE2 . PHE A 1 5   ? 5.343   16.894  7.158   1.00 20.68 ? 20  PHE A CE2 1 
ATOM   43   C  CZ  . PHE A 1 5   ? 4.122   16.475  7.673   1.00 19.58 ? 20  PHE A CZ  1 
ATOM   44   N  N   . ALA A 1 6   ? 5.964   18.062  0.905   1.00 16.31 ? 21  ALA A N   1 
ATOM   45   C  CA  . ALA A 1 6   ? 6.428   17.844  -0.469  1.00 16.76 ? 21  ALA A CA  1 
ATOM   46   C  C   . ALA A 1 6   ? 7.195   16.535  -0.584  1.00 17.21 ? 21  ALA A C   1 
ATOM   47   O  O   . ALA A 1 6   ? 8.014   16.217  0.273   1.00 19.97 ? 21  ALA A O   1 
ATOM   48   C  CB  . ALA A 1 6   ? 7.303   19.011  -0.931  1.00 20.22 ? 21  ALA A CB  1 
ATOM   49   N  N   . PHE A 1 7   ? 6.940   15.764  -1.639  1.00 17.91 ? 22  PHE A N   1 
ATOM   50   C  CA  . PHE A 1 7   ? 7.781   14.607  -1.901  1.00 20.33 ? 22  PHE A CA  1 
ATOM   51   C  C   . PHE A 1 7   ? 9.158   15.099  -2.291  1.00 20.24 ? 22  PHE A C   1 
ATOM   52   O  O   . PHE A 1 7   ? 9.285   16.158  -2.893  1.00 25.79 ? 22  PHE A O   1 
ATOM   53   C  CB  . PHE A 1 7   ? 7.232   13.794  -3.073  1.00 20.71 ? 22  PHE A CB  1 
ATOM   54   C  CG  . PHE A 1 7   ? 6.014   12.976  -2.739  1.00 18.80 ? 22  PHE A CG  1 
ATOM   55   C  CD1 . PHE A 1 7   ? 6.114   11.848  -1.924  1.00 19.75 ? 22  PHE A CD1 1 
ATOM   56   C  CD2 . PHE A 1 7   ? 4.783   13.307  -3.269  1.00 18.92 ? 22  PHE A CD2 1 
ATOM   57   C  CE1 . PHE A 1 7   ? 5.002   11.080  -1.635  1.00 19.14 ? 22  PHE A CE1 1 
ATOM   58   C  CE2 . PHE A 1 7   ? 3.655   12.535  -2.986  1.00 18.80 ? 22  PHE A CE2 1 
ATOM   59   C  CZ  . PHE A 1 7   ? 3.772   11.418  -2.162  1.00 18.05 ? 22  PHE A CZ  1 
ATOM   60   N  N   . GLN A 1 8   ? 10.189  14.329  -1.966  1.00 20.70 ? 23  GLN A N   1 
ATOM   61   C  CA  . GLN A 1 8   ? 11.504  14.589  -2.543  1.00 23.65 ? 23  GLN A CA  1 
ATOM   62   C  C   . GLN A 1 8   ? 11.406  14.419  -4.051  1.00 25.18 ? 23  GLN A C   1 
ATOM   63   O  O   . GLN A 1 8   ? 10.531  13.702  -4.544  1.00 23.44 ? 23  GLN A O   1 
ATOM   64   C  CB  . GLN A 1 8   ? 12.538  13.614  -2.002  1.00 28.16 ? 23  GLN A CB  1 
ATOM   65   C  CG  . GLN A 1 8   ? 12.624  13.565  -0.499  1.00 31.29 ? 23  GLN A CG  1 
ATOM   66   C  CD  . GLN A 1 8   ? 13.224  12.266  -0.029  1.00 33.72 ? 23  GLN A CD  1 
ATOM   67   O  OE1 . GLN A 1 8   ? 12.589  11.211  -0.120  1.00 37.46 ? 23  GLN A OE1 1 
ATOM   68   N  NE2 . GLN A 1 8   ? 14.459  12.323  0.448   1.00 33.12 ? 23  GLN A NE2 1 
ATOM   69   N  N   . ALA A 1 9   ? 12.300  15.074  -4.786  1.00 22.67 ? 24  ALA A N   1 
ATOM   70   C  CA  . ALA A 1 9   ? 12.229  15.061  -6.246  1.00 28.52 ? 24  ALA A CA  1 
ATOM   71   C  C   . ALA A 1 9   ? 12.221  13.648  -6.852  1.00 21.82 ? 24  ALA A C   1 
ATOM   72   O  O   . ALA A 1 9   ? 11.501  13.393  -7.814  1.00 24.10 ? 24  ALA A O   1 
ATOM   73   C  CB  . ALA A 1 9   ? 13.361  15.902  -6.838  1.00 28.88 ? 24  ALA A CB  1 
ATOM   74   N  N   . GLU A 1 10  ? 13.002  12.735  -6.281  1.00 23.32 ? 25  GLU A N   1 
ATOM   75   C  CA  . GLU A 1 10  ? 13.135  11.387  -6.839  1.00 25.21 ? 25  GLU A CA  1 
ATOM   76   C  C   . GLU A 1 10  ? 11.825  10.598  -6.811  1.00 24.61 ? 25  GLU A C   1 
ATOM   77   O  O   . GLU A 1 10  ? 11.461  9.933   -7.787  1.00 22.02 ? 25  GLU A O   1 
ATOM   78   C  CB  . GLU A 1 10  ? 14.207  10.599  -6.084  1.00 25.24 ? 25  GLU A CB  1 
ATOM   79   C  CG  . GLU A 1 10  ? 15.619  11.094  -6.322  1.00 31.87 ? 25  GLU A CG  1 
ATOM   80   C  CD  . GLU A 1 10  ? 15.978  12.284  -5.458  1.00 35.16 ? 25  GLU A CD  1 
ATOM   81   O  OE1 . GLU A 1 10  ? 15.103  12.782  -4.710  1.00 29.29 ? 25  GLU A OE1 1 
ATOM   82   O  OE2 . GLU A 1 10  ? 17.147  12.723  -5.524  1.00 39.40 ? 25  GLU A OE2 1 
ATOM   83   N  N   . ILE A 1 11  ? 11.129  10.674  -5.683  1.00 23.80 ? 26  ILE A N   1 
ATOM   84   C  CA  . ILE A 1 11  ? 9.851   9.986   -5.523  1.00 20.31 ? 26  ILE A CA  1 
ATOM   85   C  C   . ILE A 1 11  ? 8.758   10.634  -6.362  1.00 21.86 ? 26  ILE A C   1 
ATOM   86   O  O   . ILE A 1 11  ? 7.951   9.940   -6.968  1.00 20.18 ? 26  ILE A O   1 
ATOM   87   C  CB  . ILE A 1 11  ? 9.448   9.920   -4.042  1.00 22.32 ? 26  ILE A CB  1 
ATOM   88   C  CG1 . ILE A 1 11  ? 10.517  9.146   -3.268  1.00 28.27 ? 26  ILE A CG1 1 
ATOM   89   C  CG2 . ILE A 1 11  ? 8.085   9.237   -3.871  1.00 22.14 ? 26  ILE A CG2 1 
ATOM   90   C  CD1 . ILE A 1 11  ? 10.526  9.422   -1.790  1.00 33.45 ? 26  ILE A CD1 1 
ATOM   91   N  N   . ALA A 1 12  ? 8.732   11.965  -6.410  1.00 20.13 ? 27  ALA A N   1 
ATOM   92   C  CA  . ALA A 1 12  ? 7.824   12.670  -7.307  1.00 21.59 ? 27  ALA A CA  1 
ATOM   93   C  C   . ALA A 1 12  ? 8.042   12.230  -8.756  1.00 19.31 ? 27  ALA A C   1 
ATOM   94   O  O   . ALA A 1 12  ? 7.087   12.042  -9.512  1.00 19.57 ? 27  ALA A O   1 
ATOM   95   C  CB  . ALA A 1 12  ? 8.017   14.178  -7.184  1.00 25.10 ? 27  ALA A CB  1 
ATOM   96   N  N   . GLN A 1 13  ? 9.301   12.069  -9.145  1.00 20.99 ? 28  GLN A N   1 
ATOM   97   C  CA  . GLN A 1 13  ? 9.614   11.628  -10.504 1.00 22.47 ? 28  GLN A CA  1 
ATOM   98   C  C   . GLN A 1 13  ? 9.097   10.200  -10.751 1.00 21.25 ? 28  GLN A C   1 
ATOM   99   O  O   . GLN A 1 13  ? 8.530   9.898   -11.813 1.00 22.76 ? 28  GLN A O   1 
ATOM   100  C  CB  . GLN A 1 13  ? 11.123  11.700  -10.753 1.00 26.81 ? 28  GLN A CB  1 
ATOM   101  C  CG  . GLN A 1 13  ? 11.516  11.432  -12.204 1.00 29.89 ? 28  GLN A CG  1 
ATOM   102  C  CD  . GLN A 1 13  ? 12.995  11.680  -12.464 1.00 37.14 ? 28  GLN A CD  1 
ATOM   103  O  OE1 . GLN A 1 13  ? 13.843  11.380  -11.625 1.00 41.04 ? 28  GLN A OE1 1 
ATOM   104  N  NE2 . GLN A 1 13  ? 13.307  12.246  -13.627 1.00 42.08 ? 28  GLN A NE2 1 
ATOM   105  N  N   . LEU A 1 14  ? 9.299   9.327   -9.777  1.00 20.41 ? 29  LEU A N   1 
ATOM   106  C  CA  . LEU A 1 14  ? 8.825   7.945   -9.898  1.00 18.92 ? 29  LEU A CA  1 
ATOM   107  C  C   . LEU A 1 14  ? 7.304   7.896   -10.026 1.00 21.80 ? 29  LEU A C   1 
ATOM   108  O  O   . LEU A 1 14  ? 6.761   7.167   -10.862 1.00 19.80 ? 29  LEU A O   1 
ATOM   109  C  CB  . LEU A 1 14  ? 9.285   7.112   -8.711  1.00 21.59 ? 29  LEU A CB  1 
ATOM   110  C  CG  . LEU A 1 14  ? 8.678   5.706   -8.658  1.00 23.87 ? 29  LEU A CG  1 
ATOM   111  C  CD1 . LEU A 1 14  ? 9.103   4.888   -9.868  1.00 23.48 ? 29  LEU A CD1 1 
ATOM   112  C  CD2 . LEU A 1 14  ? 9.061   5.015   -7.356  1.00 23.71 ? 29  LEU A CD2 1 
ATOM   113  N  N   . MET A 1 15  ? 6.610   8.663   -9.190  1.00 19.23 ? 30  MET A N   1 
ATOM   114  C  CA  . MET A 1 15  ? 5.152   8.704   -9.277  1.00 19.29 ? 30  MET A CA  1 
ATOM   115  C  C   . MET A 1 15  ? 4.672   9.232   -10.622 1.00 21.45 ? 30  MET A C   1 
ATOM   116  O  O   . MET A 1 15  ? 3.738   8.689   -11.205 1.00 22.48 ? 30  MET A O   1 
ATOM   117  C  CB  . MET A 1 15  ? 4.564   9.507   -8.122  1.00 18.63 ? 30  MET A CB  1 
ATOM   118  C  CG  . MET A 1 15  ? 4.881   8.884   -6.787  1.00 18.41 ? 30  MET A CG  1 
ATOM   119  S  SD  . MET A 1 15  ? 4.424   9.950   -5.407  1.00 20.42 ? 30  MET A SD  1 
ATOM   120  C  CE  . MET A 1 15  ? 2.653   9.685   -5.395  1.00 20.70 ? 30  MET A CE  1 
ATOM   121  N  N   . SER A 1 16  ? 5.323   10.273  -11.133 1.00 21.93 ? 31  SER A N   1 
ATOM   122  C  CA  . SER A 1 16  ? 4.997   10.758  -12.473 1.00 22.23 ? 31  SER A CA  1 
ATOM   123  C  C   . SER A 1 16  ? 5.198   9.694   -13.545 1.00 21.09 ? 31  SER A C   1 
ATOM   124  O  O   . SER A 1 16  ? 4.351   9.543   -14.427 1.00 27.10 ? 31  SER A O   1 
ATOM   125  C  CB  . SER A 1 16  ? 5.813   12.007  -12.825 1.00 28.11 ? 31  SER A CB  1 
ATOM   126  O  OG  . SER A 1 16  ? 5.411   13.094  -12.020 1.00 31.99 ? 31  SER A OG  1 
ATOM   127  N  N   . LEU A 1 17  ? 6.312   8.968   -13.480 1.00 21.22 ? 32  LEU A N   1 
ATOM   128  C  CA  . LEU A 1 17  ? 6.587   7.914   -14.459 1.00 22.77 ? 32  LEU A CA  1 
ATOM   129  C  C   . LEU A 1 17  ? 5.463   6.878   -14.432 1.00 26.04 ? 32  LEU A C   1 
ATOM   130  O  O   . LEU A 1 17  ? 4.915   6.501   -15.469 1.00 25.03 ? 32  LEU A O   1 
ATOM   131  C  CB  . LEU A 1 17  ? 7.939   7.253   -14.166 1.00 23.23 ? 32  LEU A CB  1 
ATOM   132  C  CG  . LEU A 1 17  ? 8.427   6.059   -15.006 1.00 29.20 ? 32  LEU A CG  1 
ATOM   133  C  CD1 . LEU A 1 17  ? 9.941   5.990   -14.980 1.00 37.85 ? 32  LEU A CD1 1 
ATOM   134  C  CD2 . LEU A 1 17  ? 7.868   4.724   -14.519 1.00 33.34 ? 32  LEU A CD2 1 
ATOM   135  N  N   . ILE A 1 18  ? 5.123   6.432   -13.228 1.00 21.36 ? 33  ILE A N   1 
ATOM   136  C  CA  . ILE A 1 18  ? 4.095   5.416   -13.043 1.00 20.33 ? 33  ILE A CA  1 
ATOM   137  C  C   . ILE A 1 18  ? 2.744   5.885   -13.589 1.00 24.63 ? 33  ILE A C   1 
ATOM   138  O  O   . ILE A 1 18  ? 1.999   5.124   -14.216 1.00 24.48 ? 33  ILE A O   1 
ATOM   139  C  CB  . ILE A 1 18  ? 4.003   5.031   -11.556 1.00 17.32 ? 33  ILE A CB  1 
ATOM   140  C  CG1 . ILE A 1 18  ? 5.243   4.234   -11.151 1.00 19.97 ? 33  ILE A CG1 1 
ATOM   141  C  CG2 . ILE A 1 18  ? 2.718   4.232   -11.271 1.00 20.56 ? 33  ILE A CG2 1 
ATOM   142  C  CD1 . ILE A 1 18  ? 5.402   4.032   -9.659  1.00 22.43 ? 33  ILE A CD1 1 
ATOM   143  N  N   . ILE A 1 19  ? 2.435   7.157   -13.382 1.00 23.83 ? 34  ILE A N   1 
ATOM   144  C  CA  . ILE A 1 19  ? 1.192   7.720   -13.913 1.00 25.69 ? 34  ILE A CA  1 
ATOM   145  C  C   . ILE A 1 19  ? 1.214   7.933   -15.440 1.00 27.40 ? 34  ILE A C   1 
ATOM   146  O  O   . ILE A 1 19  ? 0.215   7.684   -16.122 1.00 34.72 ? 34  ILE A O   1 
ATOM   147  C  CB  . ILE A 1 19  ? 0.826   9.023   -13.168 1.00 27.79 ? 34  ILE A CB  1 
ATOM   148  C  CG1 . ILE A 1 19  ? 0.354   8.683   -11.754 1.00 22.14 ? 34  ILE A CG1 1 
ATOM   149  C  CG2 . ILE A 1 19  ? -0.268  9.802   -13.893 1.00 29.92 ? 34  ILE A CG2 1 
ATOM   150  C  CD1 . ILE A 1 19  ? 0.290   9.888   -10.852 1.00 28.92 ? 34  ILE A CD1 1 
ATOM   151  N  N   . ASN A 1 20  ? 2.351   8.359   -15.979 1.00 32.39 ? 35  ASN A N   1 
ATOM   152  C  CA  . ASN A 1 20  ? 2.404   8.769   -17.385 1.00 33.35 ? 35  ASN A CA  1 
ATOM   153  C  C   . ASN A 1 20  ? 2.862   7.708   -18.400 1.00 35.93 ? 35  ASN A C   1 
ATOM   154  O  O   . ASN A 1 20  ? 2.609   7.848   -19.600 1.00 38.64 ? 35  ASN A O   1 
ATOM   155  C  CB  . ASN A 1 20  ? 3.251   10.036  -17.533 1.00 37.36 ? 35  ASN A CB  1 
ATOM   156  C  CG  . ASN A 1 20  ? 2.856   11.128  -16.548 1.00 37.12 ? 35  ASN A CG  1 
ATOM   157  O  OD1 . ASN A 1 20  ? 1.699   11.224  -16.129 1.00 37.78 ? 35  ASN A OD1 1 
ATOM   158  N  ND2 . ASN A 1 20  ? 3.827   11.959  -16.172 1.00 38.74 ? 35  ASN A ND2 1 
ATOM   159  N  N   . THR A 1 21  ? 3.542   6.662   -17.939 1.00 33.63 ? 36  THR A N   1 
ATOM   160  C  CA  . THR A 1 21  ? 4.047   5.638   -18.859 1.00 33.45 ? 36  THR A CA  1 
ATOM   161  C  C   . THR A 1 21  ? 2.914   4.731   -19.364 1.00 33.14 ? 36  THR A C   1 
ATOM   162  O  O   . THR A 1 21  ? 1.976   4.421   -18.630 1.00 33.93 ? 36  THR A O   1 
ATOM   163  C  CB  . THR A 1 21  ? 5.194   4.793   -18.230 1.00 36.75 ? 36  THR A CB  1 
ATOM   164  O  OG1 . THR A 1 21  ? 6.266   5.657   -17.827 1.00 35.72 ? 36  THR A OG1 1 
ATOM   165  C  CG2 . THR A 1 21  ? 5.740   3.786   -19.229 1.00 36.31 ? 36  THR A CG2 1 
ATOM   166  N  N   . PHE A 1 22  ? 2.988   4.350   -20.637 1.00 34.59 ? 37  PHE A N   1 
ATOM   167  C  CA  . PHE A 1 22  ? 2.062   3.375   -21.193 1.00 32.65 ? 37  PHE A CA  1 
ATOM   168  C  C   . PHE A 1 22  ? 2.558   1.991   -20.794 1.00 32.42 ? 37  PHE A C   1 
ATOM   169  O  O   . PHE A 1 22  ? 3.655   1.577   -21.178 1.00 33.84 ? 37  PHE A O   1 
ATOM   170  C  CB  . PHE A 1 22  ? 1.989   3.499   -22.717 1.00 32.71 ? 37  PHE A CB  1 
ATOM   171  C  CG  . PHE A 1 22  ? 1.024   2.537   -23.357 1.00 31.74 ? 37  PHE A CG  1 
ATOM   172  C  CD1 . PHE A 1 22  ? -0.330  2.842   -23.435 1.00 33.94 ? 37  PHE A CD1 1 
ATOM   173  C  CD2 . PHE A 1 22  ? 1.471   1.325   -23.870 1.00 32.51 ? 37  PHE A CD2 1 
ATOM   174  C  CE1 . PHE A 1 22  ? -1.227  1.954   -24.017 1.00 34.72 ? 37  PHE A CE1 1 
ATOM   175  C  CE2 . PHE A 1 22  ? 0.579   0.430   -24.451 1.00 29.56 ? 37  PHE A CE2 1 
ATOM   176  C  CZ  . PHE A 1 22  ? -0.770  0.748   -24.522 1.00 30.48 ? 37  PHE A CZ  1 
ATOM   177  N  N   . TYR A 1 23  ? 1.753   1.291   -19.999 1.00 27.46 ? 38  TYR A N   1 
ATOM   178  C  CA  . TYR A 1 23  ? 2.102   -0.028  -19.499 1.00 26.96 ? 38  TYR A CA  1 
ATOM   179  C  C   . TYR A 1 23  ? 0.804   -0.766  -19.174 1.00 25.72 ? 38  TYR A C   1 
ATOM   180  O  O   . TYR A 1 23  ? 0.111   -0.413  -18.219 1.00 23.82 ? 38  TYR A O   1 
ATOM   181  C  CB  . TYR A 1 23  ? 2.958   0.102   -18.238 1.00 27.77 ? 38  TYR A CB  1 
ATOM   182  C  CG  . TYR A 1 23  ? 3.400   -1.223  -17.669 1.00 28.23 ? 38  TYR A CG  1 
ATOM   183  C  CD1 . TYR A 1 23  ? 4.427   -1.941  -18.264 1.00 27.19 ? 38  TYR A CD1 1 
ATOM   184  C  CD2 . TYR A 1 23  ? 2.794   -1.758  -16.535 1.00 26.38 ? 38  TYR A CD2 1 
ATOM   185  C  CE1 . TYR A 1 23  ? 4.839   -3.157  -17.755 1.00 29.25 ? 38  TYR A CE1 1 
ATOM   186  C  CE2 . TYR A 1 23  ? 3.203   -2.970  -16.013 1.00 26.97 ? 38  TYR A CE2 1 
ATOM   187  C  CZ  . TYR A 1 23  ? 4.226   -3.664  -16.630 1.00 28.21 ? 38  TYR A CZ  1 
ATOM   188  O  OH  . TYR A 1 23  ? 4.649   -4.872  -16.132 1.00 29.33 ? 38  TYR A OH  1 
ATOM   189  N  N   . SER A 1 24  ? 0.477   -1.788  -19.964 1.00 24.76 ? 39  SER A N   1 
ATOM   190  C  CA  . SER A 1 24  ? -0.828  -2.450  -19.872 1.00 25.25 ? 39  SER A CA  1 
ATOM   191  C  C   . SER A 1 24  ? -1.007  -3.430  -18.698 1.00 24.51 ? 39  SER A C   1 
ATOM   192  O  O   . SER A 1 24  ? -2.133  -3.669  -18.261 1.00 26.41 ? 39  SER A O   1 
ATOM   193  C  CB  . SER A 1 24  ? -1.152  -3.160  -21.190 1.00 26.66 ? 39  SER A CB  1 
ATOM   194  O  OG  . SER A 1 24  ? -1.255  -2.223  -22.250 1.00 25.83 ? 39  SER A OG  1 
ATOM   195  N  N   . ASN A 1 25  ? 0.095   -3.982  -18.200 1.00 23.17 ? 40  ASN A N   1 
ATOM   196  C  CA  . ASN A 1 25  ? 0.078   -4.999  -17.141 1.00 23.35 ? 40  ASN A CA  1 
ATOM   197  C  C   . ASN A 1 25  ? -0.111  -4.365  -15.754 1.00 22.93 ? 40  ASN A C   1 
ATOM   198  O  O   . ASN A 1 25  ? 0.713   -4.542  -14.847 1.00 21.53 ? 40  ASN A O   1 
ATOM   199  C  CB  . ASN A 1 25  ? 1.383   -5.805  -17.205 1.00 24.27 ? 40  ASN A CB  1 
ATOM   200  C  CG  . ASN A 1 25  ? 1.408   -6.992  -16.257 1.00 25.72 ? 40  ASN A CG  1 
ATOM   201  O  OD1 . ASN A 1 25  ? 0.390   -7.638  -16.007 1.00 26.00 ? 40  ASN A OD1 1 
ATOM   202  N  ND2 . ASN A 1 25  ? 2.590   -7.285  -15.726 1.00 26.11 ? 40  ASN A ND2 1 
ATOM   203  N  N   . LYS A 1 26  ? -1.211  -3.633  -15.597 1.00 22.15 ? 41  LYS A N   1 
ATOM   204  C  CA  . LYS A 1 26  ? -1.445  -2.859  -14.378 1.00 18.26 ? 41  LYS A CA  1 
ATOM   205  C  C   . LYS A 1 26  ? -1.769  -3.719  -13.164 1.00 21.71 ? 41  LYS A C   1 
ATOM   206  O  O   . LYS A 1 26  ? -1.576  -3.280  -12.026 1.00 18.59 ? 41  LYS A O   1 
ATOM   207  C  CB  . LYS A 1 26  ? -2.554  -1.833  -14.609 1.00 21.95 ? 41  LYS A CB  1 
ATOM   208  C  CG  . LYS A 1 26  ? -2.127  -0.658  -15.528 1.00 23.11 ? 41  LYS A CG  1 
ATOM   209  C  CD  . LYS A 1 26  ? -3.333  0.186   -15.903 1.00 24.13 ? 41  LYS A CD  1 
ATOM   210  C  CE  . LYS A 1 26  ? -2.981  1.294   -16.905 1.00 31.13 ? 41  LYS A CE  1 
ATOM   211  N  NZ  . LYS A 1 26  ? -2.381  2.484   -16.237 1.00 29.76 ? 41  LYS A NZ  1 
ATOM   212  N  N   . GLU A 1 27  ? -2.251  -4.938  -13.402 1.00 17.96 ? 42  GLU A N   1 
ATOM   213  C  CA  . GLU A 1 27  ? -2.720  -5.790  -12.307 1.00 21.51 ? 42  GLU A CA  1 
ATOM   214  C  C   . GLU A 1 27  ? -1.657  -6.064  -11.233 1.00 20.65 ? 42  GLU A C   1 
ATOM   215  O  O   . GLU A 1 27  ? -1.983  -6.476  -10.104 1.00 19.55 ? 42  GLU A O   1 
ATOM   216  C  CB  . GLU A 1 27  ? -3.251  -7.115  -12.863 1.00 21.10 ? 42  GLU A CB  1 
ATOM   217  C  CG  . GLU A 1 27  ? -2.171  -8.005  -13.439 1.00 23.86 ? 42  GLU A CG  1 
ATOM   218  C  CD  . GLU A 1 27  ? -2.727  -9.208  -14.169 1.00 28.04 ? 42  GLU A CD  1 
ATOM   219  O  OE1 . GLU A 1 27  ? -3.738  -9.058  -14.883 1.00 29.39 ? 42  GLU A OE1 1 
ATOM   220  O  OE2 . GLU A 1 27  ? -2.143  -10.298 -14.023 1.00 30.35 ? 42  GLU A OE2 1 
ATOM   221  N  N   . ILE A 1 28  ? -0.388  -5.834  -11.562 1.00 18.92 ? 43  ILE A N   1 
ATOM   222  C  CA  . ILE A 1 28  ? 0.685   -6.118  -10.608 1.00 19.16 ? 43  ILE A CA  1 
ATOM   223  C  C   . ILE A 1 28  ? 0.621   -5.254  -9.347  1.00 18.03 ? 43  ILE A C   1 
ATOM   224  O  O   . ILE A 1 28  ? 1.268   -5.573  -8.358  1.00 16.75 ? 43  ILE A O   1 
ATOM   225  C  CB  . ILE A 1 28  ? 2.091   -5.997  -11.235 1.00 22.09 ? 43  ILE A CB  1 
ATOM   226  C  CG1 . ILE A 1 28  ? 2.303   -4.598  -11.806 1.00 23.30 ? 43  ILE A CG1 1 
ATOM   227  C  CG2 . ILE A 1 28  ? 2.300   -7.060  -12.296 1.00 26.52 ? 43  ILE A CG2 1 
ATOM   228  C  CD1 . ILE A 1 28  ? 3.277   -3.794  -10.998 1.00 26.95 ? 43  ILE A CD1 1 
ATOM   229  N  N   . PHE A 1 29  ? -0.161  -4.177  -9.372  1.00 16.11 ? 44  PHE A N   1 
ATOM   230  C  CA  . PHE A 1 29  ? -0.271  -3.333  -8.176  1.00 17.07 ? 44  PHE A CA  1 
ATOM   231  C  C   . PHE A 1 29  ? -0.737  -4.177  -6.988  1.00 15.63 ? 44  PHE A C   1 
ATOM   232  O  O   . PHE A 1 29  ? -0.289  -3.970  -5.859  1.00 15.97 ? 44  PHE A O   1 
ATOM   233  C  CB  . PHE A 1 29  ? -1.239  -2.155  -8.379  1.00 15.52 ? 44  PHE A CB  1 
ATOM   234  C  CG  . PHE A 1 29  ? -2.682  -2.549  -8.273  1.00 15.49 ? 44  PHE A CG  1 
ATOM   235  C  CD1 . PHE A 1 29  ? -3.370  -3.010  -9.392  1.00 18.30 ? 44  PHE A CD1 1 
ATOM   236  C  CD2 . PHE A 1 29  ? -3.346  -2.514  -7.043  1.00 16.11 ? 44  PHE A CD2 1 
ATOM   237  C  CE1 . PHE A 1 29  ? -4.697  -3.404  -9.298  1.00 17.99 ? 44  PHE A CE1 1 
ATOM   238  C  CE2 . PHE A 1 29  ? -4.662  -2.919  -6.945  1.00 16.03 ? 44  PHE A CE2 1 
ATOM   239  C  CZ  . PHE A 1 29  ? -5.345  -3.358  -8.072  1.00 18.63 ? 44  PHE A CZ  1 
ATOM   240  N  N   . LEU A 1 30  ? -1.636  -5.127  -7.234  1.00 17.27 ? 45  LEU A N   1 
ATOM   241  C  CA  . LEU A 1 30  ? -2.254  -5.836  -6.119  1.00 15.77 ? 45  LEU A CA  1 
ATOM   242  C  C   . LEU A 1 30  ? -1.240  -6.764  -5.452  1.00 16.72 ? 45  LEU A C   1 
ATOM   243  O  O   . LEU A 1 30  ? -1.182  -6.855  -4.222  1.00 16.20 ? 45  LEU A O   1 
ATOM   244  C  CB  . LEU A 1 30  ? -3.514  -6.588  -6.572  1.00 16.15 ? 45  LEU A CB  1 
ATOM   245  C  CG  . LEU A 1 30  ? -4.305  -7.289  -5.463  1.00 17.03 ? 45  LEU A CG  1 
ATOM   246  C  CD1 . LEU A 1 30  ? -4.721  -6.281  -4.406  1.00 17.80 ? 45  LEU A CD1 1 
ATOM   247  C  CD2 . LEU A 1 30  ? -5.532  -7.978  -6.034  1.00 19.30 ? 45  LEU A CD2 1 
ATOM   248  N  N   . ARG A 1 31  ? -0.424  -7.431  -6.269  1.00 18.36 ? 46  ARG A N   1 
ATOM   249  C  CA  . ARG A 1 31  ? 0.640   -8.291  -5.764  1.00 16.14 ? 46  ARG A CA  1 
ATOM   250  C  C   . ARG A 1 31  ? 1.588   -7.497  -4.873  1.00 18.37 ? 46  ARG A C   1 
ATOM   251  O  O   . ARG A 1 31  ? 2.056   -7.990  -3.839  1.00 17.46 ? 46  ARG A O   1 
ATOM   252  C  CB  . ARG A 1 31  ? 1.428   -8.881  -6.933  1.00 22.37 ? 46  ARG A CB  1 
ATOM   253  C  CG  . ARG A 1 31  ? 2.650   -9.691  -6.522  1.00 24.90 ? 46  ARG A CG  1 
ATOM   254  C  CD  . ARG A 1 31  ? 3.473   -10.087 -7.742  1.00 26.55 ? 46  ARG A CD  1 
ATOM   255  N  NE  . ARG A 1 31  ? 4.082   -8.928  -8.396  1.00 28.86 ? 46  ARG A NE  1 
ATOM   256  C  CZ  . ARG A 1 31  ? 4.550   -8.936  -9.644  1.00 32.11 ? 46  ARG A CZ  1 
ATOM   257  N  NH1 . ARG A 1 31  ? 4.476   -10.040 -10.376 1.00 30.58 ? 46  ARG A NH1 1 
ATOM   258  N  NH2 . ARG A 1 31  ? 5.092   -7.839  -10.164 1.00 30.79 ? 46  ARG A NH2 1 
ATOM   259  N  N   . GLU A 1 32  ? 1.892   -6.269  -5.280  1.00 16.85 ? 47  GLU A N   1 
ATOM   260  C  CA  . GLU A 1 32  ? 2.839   -5.469  -4.524  1.00 14.11 ? 47  GLU A CA  1 
ATOM   261  C  C   . GLU A 1 32  ? 2.284   -5.055  -3.164  1.00 14.13 ? 47  GLU A C   1 
ATOM   262  O  O   . GLU A 1 32  ? 3.001   -5.077  -2.174  1.00 15.53 ? 47  GLU A O   1 
ATOM   263  C  CB  . GLU A 1 32  ? 3.261   -4.240  -5.326  1.00 16.34 ? 47  GLU A CB  1 
ATOM   264  C  CG  . GLU A 1 32  ? 3.924   -4.585  -6.669  1.00 18.54 ? 47  GLU A CG  1 
ATOM   265  C  CD  . GLU A 1 32  ? 5.145   -5.491  -6.526  1.00 22.63 ? 47  GLU A CD  1 
ATOM   266  O  OE1 . GLU A 1 32  ? 5.823   -5.438  -5.485  1.00 21.57 ? 47  GLU A OE1 1 
ATOM   267  O  OE2 . GLU A 1 32  ? 5.433   -6.266  -7.462  1.00 23.84 ? 47  GLU A OE2 1 
ATOM   268  N  N   . LEU A 1 33  ? 1.013   -4.652  -3.122  1.00 14.59 ? 48  LEU A N   1 
ATOM   269  C  CA  . LEU A 1 33  ? 0.408   -4.230  -1.854  1.00 14.80 ? 48  LEU A CA  1 
ATOM   270  C  C   . LEU A 1 33  ? 0.234   -5.415  -0.906  1.00 16.27 ? 48  LEU A C   1 
ATOM   271  O  O   . LEU A 1 33  ? 0.466   -5.289  0.299   1.00 14.00 ? 48  LEU A O   1 
ATOM   272  C  CB  . LEU A 1 33  ? -0.928  -3.515  -2.081  1.00 13.35 ? 48  LEU A CB  1 
ATOM   273  C  CG  . LEU A 1 33  ? -0.813  -2.227  -2.892  1.00 11.50 ? 48  LEU A CG  1 
ATOM   274  C  CD1 . LEU A 1 33  ? -2.206  -1.647  -3.069  1.00 14.73 ? 48  LEU A CD1 1 
ATOM   275  C  CD2 . LEU A 1 33  ? 0.073   -1.222  -2.197  1.00 15.85 ? 48  LEU A CD2 1 
ATOM   276  N  N   . ILE A 1 34  ? -0.168  -6.565  -1.446  1.00 15.27 ? 49  ILE A N   1 
ATOM   277  C  CA  . ILE A 1 34  ? -0.327  -7.768  -0.624  1.00 17.51 ? 49  ILE A CA  1 
ATOM   278  C  C   . ILE A 1 34  ? 1.029   -8.212  -0.077  1.00 16.77 ? 49  ILE A C   1 
ATOM   279  O  O   . ILE A 1 34  ? 1.145   -8.633  1.075   1.00 16.67 ? 49  ILE A O   1 
ATOM   280  C  CB  . ILE A 1 34  ? -0.998  -8.905  -1.422  1.00 14.37 ? 49  ILE A CB  1 
ATOM   281  C  CG1 . ILE A 1 34  ? -2.476  -8.600  -1.621  1.00 15.27 ? 49  ILE A CG1 1 
ATOM   282  C  CG2 . ILE A 1 34  ? -0.842  -10.262 -0.704  1.00 17.23 ? 49  ILE A CG2 1 
ATOM   283  C  CD1 . ILE A 1 34  ? -3.158  -9.524  -2.613  1.00 16.76 ? 49  ILE A CD1 1 
ATOM   284  N  N   . SER A 1 35  ? 2.062   -8.085  -0.904  1.00 16.78 ? 50  SER A N   1 
ATOM   285  C  CA  . SER A 1 35  ? 3.414   -8.406  -0.478  1.00 16.98 ? 50  SER A CA  1 
ATOM   286  C  C   . SER A 1 35  ? 3.843   -7.490  0.653   1.00 16.26 ? 50  SER A C   1 
ATOM   287  O  O   . SER A 1 35  ? 4.427   -7.956  1.627   1.00 15.42 ? 50  SER A O   1 
ATOM   288  C  CB  . SER A 1 35  ? 4.384   -8.289  -1.650  1.00 20.37 ? 50  SER A CB  1 
ATOM   289  O  OG  . SER A 1 35  ? 5.691   -8.631  -1.252  1.00 25.09 ? 50  SER A OG  1 
ATOM   290  N  N   . ASN A 1 36  ? 3.545   -6.194  0.535   1.00 15.67 ? 51  ASN A N   1 
ATOM   291  C  CA  . ASN A 1 36  ? 3.816   -5.254  1.627   1.00 15.53 ? 51  ASN A CA  1 
ATOM   292  C  C   . ASN A 1 36  ? 3.101   -5.647  2.929   1.00 16.07 ? 51  ASN A C   1 
ATOM   293  O  O   . ASN A 1 36  ? 3.674   -5.574  4.030   1.00 14.78 ? 51  ASN A O   1 
ATOM   294  C  CB  . ASN A 1 36  ? 3.399   -3.832  1.215   1.00 13.86 ? 51  ASN A CB  1 
ATOM   295  C  CG  . ASN A 1 36  ? 4.334   -3.231  0.184   1.00 18.16 ? 51  ASN A CG  1 
ATOM   296  O  OD1 . ASN A 1 36  ? 5.439   -3.739  -0.029  1.00 20.37 ? 51  ASN A OD1 1 
ATOM   297  N  ND2 . ASN A 1 36  ? 3.916   -2.123  -0.439  1.00 16.63 ? 51  ASN A ND2 1 
ATOM   298  N  N   . SER A 1 37  ? 1.840   -6.031  2.797   1.00 15.40 ? 52  SER A N   1 
ATOM   299  C  CA  . SER A 1 37  ? 1.057   -6.452  3.952   1.00 14.93 ? 52  SER A CA  1 
ATOM   300  C  C   . SER A 1 37  ? 1.661   -7.680  4.612   1.00 16.20 ? 52  SER A C   1 
ATOM   301  O  O   . SER A 1 37  ? 1.767   -7.752  5.844   1.00 16.33 ? 52  SER A O   1 
ATOM   302  C  CB  . SER A 1 37  ? -0.390  -6.725  3.552   1.00 15.68 ? 52  SER A CB  1 
ATOM   303  O  OG  . SER A 1 37  ? -1.040  -5.496  3.267   1.00 15.15 ? 52  SER A OG  1 
ATOM   304  N  N   . SER A 1 38  ? 2.057   -8.643  3.789   1.00 16.31 ? 53  SER A N   1 
ATOM   305  C  CA  . SER A 1 38  ? 2.683   -9.870  4.291   1.00 17.12 ? 53  SER A CA  1 
ATOM   306  C  C   . SER A 1 38  ? 3.967   -9.550  5.072   1.00 18.06 ? 53  SER A C   1 
ATOM   307  O  O   . SER A 1 38  ? 4.192   -10.091 6.164   1.00 18.85 ? 53  SER A O   1 
ATOM   308  C  CB  . SER A 1 38  ? 2.932   -10.834 3.126   1.00 17.48 ? 53  SER A CB  1 
ATOM   309  O  OG  . SER A 1 38  ? 3.485   -12.072 3.555   1.00 19.00 ? 53  SER A OG  1 
ATOM   310  N  N   . ASP A 1 39  ? 4.786   -8.649  4.535   1.00 17.04 ? 54  ASP A N   1 
ATOM   311  C  CA  . ASP A 1 39  ? 5.996   -8.196  5.222   1.00 17.27 ? 54  ASP A CA  1 
ATOM   312  C  C   . ASP A 1 39  ? 5.666   -7.568  6.582   1.00 17.07 ? 54  ASP A C   1 
ATOM   313  O  O   . ASP A 1 39  ? 6.353   -7.819  7.571   1.00 18.04 ? 54  ASP A O   1 
ATOM   314  C  CB  . ASP A 1 39  ? 6.770   -7.183  4.361   1.00 18.73 ? 54  ASP A CB  1 
ATOM   315  C  CG  . ASP A 1 39  ? 7.411   -7.807  3.127   1.00 19.24 ? 54  ASP A CG  1 
ATOM   316  O  OD1 . ASP A 1 39  ? 7.416   -9.048  2.990   1.00 20.06 ? 54  ASP A OD1 1 
ATOM   317  O  OD2 . ASP A 1 39  ? 7.926   -7.040  2.283   1.00 21.71 ? 54  ASP A OD2 1 
ATOM   318  N  N   . ALA A 1 40  ? 4.603   -6.760  6.635   1.00 16.82 ? 55  ALA A N   1 
ATOM   319  C  CA  . ALA A 1 40  ? 4.205   -6.070  7.864   1.00 15.30 ? 55  ALA A CA  1 
ATOM   320  C  C   . ALA A 1 40  ? 3.682   -7.056  8.888   1.00 17.73 ? 55  ALA A C   1 
ATOM   321  O  O   . ALA A 1 40  ? 3.874   -6.885  10.096  1.00 17.29 ? 55  ALA A O   1 
ATOM   322  C  CB  . ALA A 1 40  ? 3.136   -5.040  7.564   1.00 14.93 ? 55  ALA A CB  1 
ATOM   323  N  N   . LEU A 1 41  ? 2.973   -8.066  8.392   1.00 14.59 ? 56  LEU A N   1 
ATOM   324  C  CA  . LEU A 1 41  ? 2.464   -9.122  9.244   1.00 16.62 ? 56  LEU A CA  1 
ATOM   325  C  C   . LEU A 1 41  ? 3.638   -9.949  9.777   1.00 18.41 ? 56  LEU A C   1 
ATOM   326  O  O   . LEU A 1 41  ? 3.665   -10.292 10.962  1.00 17.80 ? 56  LEU A O   1 
ATOM   327  C  CB  . LEU A 1 41  ? 1.461   -9.973  8.472   1.00 16.21 ? 56  LEU A CB  1 
ATOM   328  C  CG  . LEU A 1 41  ? 0.132   -9.246  8.236   1.00 16.73 ? 56  LEU A CG  1 
ATOM   329  C  CD1 . LEU A 1 41  ? -0.609  -9.854  7.075   1.00 19.36 ? 56  LEU A CD1 1 
ATOM   330  C  CD2 . LEU A 1 41  ? -0.744  -9.293  9.502   1.00 17.36 ? 56  LEU A CD2 1 
ATOM   331  N  N   . ASP A 1 42  ? 4.617   -10.242 8.921   1.00 20.53 ? 57  ASP A N   1 
ATOM   332  C  CA  . ASP A 1 42  ? 5.819   -10.954 9.375   1.00 21.07 ? 57  ASP A CA  1 
ATOM   333  C  C   . ASP A 1 42  ? 6.479   -10.200 10.525  1.00 20.62 ? 57  ASP A C   1 
ATOM   334  O  O   . ASP A 1 42  ? 6.928   -10.809 11.508  1.00 19.49 ? 57  ASP A O   1 
ATOM   335  C  CB  . ASP A 1 42  ? 6.848   -11.099 8.248   1.00 19.77 ? 57  ASP A CB  1 
ATOM   336  C  CG  . ASP A 1 42  ? 6.507   -12.198 7.255   1.00 21.35 ? 57  ASP A CG  1 
ATOM   337  O  OD1 . ASP A 1 42  ? 5.568   -12.993 7.489   1.00 23.13 ? 57  ASP A OD1 1 
ATOM   338  O  OD2 . ASP A 1 42  ? 7.213   -12.260 6.226   1.00 22.85 ? 57  ASP A OD2 1 
ATOM   339  N  N   . LYS A 1 43  ? 6.534   -8.874  10.401  1.00 19.82 ? 58  LYS A N   1 
ATOM   340  C  CA  . LYS A 1 43  ? 7.244   -8.040  11.370  1.00 19.53 ? 58  LYS A CA  1 
ATOM   341  C  C   . LYS A 1 43  ? 6.587   -8.029  12.748  1.00 20.47 ? 58  LYS A C   1 
ATOM   342  O  O   . LYS A 1 43  ? 7.270   -8.181  13.762  1.00 21.46 ? 58  LYS A O   1 
ATOM   343  C  CB  . LYS A 1 43  ? 7.430   -6.608  10.847  1.00 20.14 ? 58  LYS A CB  1 
ATOM   344  C  CG  . LYS A 1 43  ? 8.363   -5.757  11.714  1.00 24.61 ? 58  LYS A CG  1 
ATOM   345  C  CD  . LYS A 1 43  ? 8.775   -4.468  11.006  1.00 26.68 ? 58  LYS A CD  1 
ATOM   346  C  CE  . LYS A 1 43  ? 9.852   -3.727  11.793  1.00 34.03 ? 58  LYS A CE  1 
ATOM   347  N  NZ  . LYS A 1 43  ? 10.312  -2.493  11.073  1.00 32.98 ? 58  LYS A NZ  1 
ATOM   348  N  N   . ILE A 1 44  ? 5.269   -7.846  12.799  1.00 19.11 ? 59  ILE A N   1 
ATOM   349  C  CA  . ILE A 1 44  ? 4.591   -7.846  14.099  1.00 19.40 ? 59  ILE A CA  1 
ATOM   350  C  C   . ILE A 1 44  ? 4.648   -9.252  14.701  1.00 20.79 ? 59  ILE A C   1 
ATOM   351  O  O   . ILE A 1 44  ? 4.818   -9.411  15.916  1.00 21.37 ? 59  ILE A O   1 
ATOM   352  C  CB  . ILE A 1 44  ? 3.129   -7.306  14.022  1.00 19.03 ? 59  ILE A CB  1 
ATOM   353  C  CG1 . ILE A 1 44  ? 2.512   -7.209  15.417  1.00 21.27 ? 59  ILE A CG1 1 
ATOM   354  C  CG2 . ILE A 1 44  ? 2.257   -8.188  13.137  1.00 18.72 ? 59  ILE A CG2 1 
ATOM   355  C  CD1 . ILE A 1 44  ? 3.281   -6.297  16.343  1.00 24.21 ? 59  ILE A CD1 1 
ATOM   356  N  N   . ARG A 1 45  ? 4.543   -10.271 13.852  1.00 19.73 ? 60  ARG A N   1 
ATOM   357  C  CA  . ARG A 1 45  ? 4.609   -11.643 14.341  1.00 22.32 ? 60  ARG A CA  1 
ATOM   358  C  C   . ARG A 1 45  ? 5.969   -11.907 14.989  1.00 23.87 ? 60  ARG A C   1 
ATOM   359  O  O   . ARG A 1 45  ? 6.034   -12.417 16.108  1.00 23.73 ? 60  ARG A O   1 
ATOM   360  C  CB  . ARG A 1 45  ? 4.342   -12.651 13.221  1.00 20.51 ? 60  ARG A CB  1 
ATOM   361  C  CG  . ARG A 1 45  ? 4.292   -14.101 13.737  1.00 23.01 ? 60  ARG A CG  1 
ATOM   362  C  CD  . ARG A 1 45  ? 4.084   -15.101 12.606  1.00 26.80 ? 60  ARG A CD  1 
ATOM   363  N  NE  . ARG A 1 45  ? 5.068   -14.920 11.542  1.00 31.47 ? 60  ARG A NE  1 
ATOM   364  C  CZ  . ARG A 1 45  ? 5.171   -15.690 10.458  1.00 34.16 ? 60  ARG A CZ  1 
ATOM   365  N  NH1 . ARG A 1 45  ? 4.348   -16.716 10.284  1.00 39.58 ? 60  ARG A NH1 1 
ATOM   366  N  NH2 . ARG A 1 45  ? 6.105   -15.432 9.544   1.00 30.80 ? 60  ARG A NH2 1 
ATOM   367  N  N   . TYR A 1 46  ? 7.046   -11.544 14.293  1.00 21.66 ? 61  TYR A N   1 
ATOM   368  C  CA  . TYR A 1 46  ? 8.389   -11.687 14.855  1.00 23.44 ? 61  TYR A CA  1 
ATOM   369  C  C   . TYR A 1 46  ? 8.563   -10.902 16.151  1.00 25.04 ? 61  TYR A C   1 
ATOM   370  O  O   . TYR A 1 46  ? 9.112   -11.425 17.118  1.00 25.47 ? 61  TYR A O   1 
ATOM   371  C  CB  . TYR A 1 46  ? 9.481   -11.284 13.865  1.00 24.37 ? 61  TYR A CB  1 
ATOM   372  C  CG  . TYR A 1 46  ? 10.854  -11.256 14.508  1.00 23.80 ? 61  TYR A CG  1 
ATOM   373  C  CD1 . TYR A 1 46  ? 11.559  -12.431 14.736  1.00 27.25 ? 61  TYR A CD1 1 
ATOM   374  C  CD2 . TYR A 1 46  ? 11.429  -10.056 14.920  1.00 27.10 ? 61  TYR A CD2 1 
ATOM   375  C  CE1 . TYR A 1 46  ? 12.809  -12.414 15.338  1.00 26.42 ? 61  TYR A CE1 1 
ATOM   376  C  CE2 . TYR A 1 46  ? 12.677  -10.023 15.523  1.00 28.44 ? 61  TYR A CE2 1 
ATOM   377  C  CZ  . TYR A 1 46  ? 13.365  -11.205 15.726  1.00 31.27 ? 61  TYR A CZ  1 
ATOM   378  O  OH  . TYR A 1 46  ? 14.607  -11.167 16.329  1.00 30.12 ? 61  TYR A OH  1 
ATOM   379  N  N   . GLU A 1 47  ? 8.099   -9.654  16.179  1.00 23.54 ? 62  GLU A N   1 
ATOM   380  C  CA  . GLU A 1 47  ? 8.247   -8.847  17.392  1.00 27.25 ? 62  GLU A CA  1 
ATOM   381  C  C   . GLU A 1 47  ? 7.463   -9.438  18.564  1.00 27.38 ? 62  GLU A C   1 
ATOM   382  O  O   . GLU A 1 47  ? 7.888   -9.338  19.720  1.00 27.95 ? 62  GLU A O   1 
ATOM   383  C  CB  . GLU A 1 47  ? 7.847   -7.386  17.152  1.00 27.19 ? 62  GLU A CB  1 
ATOM   384  C  CG  . GLU A 1 47  ? 8.824   -6.628  16.253  1.00 30.18 ? 62  GLU A CG  1 
ATOM   385  C  CD  . GLU A 1 47  ? 8.627   -5.120  16.283  1.00 35.67 ? 62  GLU A CD  1 
ATOM   386  O  OE1 . GLU A 1 47  ? 7.819   -4.629  17.101  1.00 35.32 ? 62  GLU A OE1 1 
ATOM   387  O  OE2 . GLU A 1 47  ? 9.284   -4.427  15.474  1.00 40.65 ? 62  GLU A OE2 1 
ATOM   388  N  N   . SER A 1 48  ? 6.327   -10.061 18.261  1.00 23.63 ? 63  SER A N   1 
ATOM   389  C  CA  . SER A 1 48  ? 5.458   -10.630 19.292  1.00 26.40 ? 63  SER A CA  1 
ATOM   390  C  C   . SER A 1 48  ? 6.095   -11.843 19.972  1.00 28.17 ? 63  SER A C   1 
ATOM   391  O  O   . SER A 1 48  ? 5.681   -12.242 21.062  1.00 30.80 ? 63  SER A O   1 
ATOM   392  C  CB  . SER A 1 48  ? 4.101   -11.032 18.706  1.00 25.17 ? 63  SER A CB  1 
ATOM   393  O  OG  . SER A 1 48  ? 4.156   -12.316 18.106  1.00 28.22 ? 63  SER A OG  1 
ATOM   394  N  N   . LEU A 1 49  ? 7.092   -12.436 19.328  1.00 26.98 ? 64  LEU A N   1 
ATOM   395  C  CA  . LEU A 1 49  ? 7.761   -13.602 19.907  1.00 30.00 ? 64  LEU A CA  1 
ATOM   396  C  C   . LEU A 1 49  ? 8.498   -13.233 21.181  1.00 35.29 ? 64  LEU A C   1 
ATOM   397  O  O   . LEU A 1 49  ? 8.499   -13.992 22.152  1.00 41.42 ? 64  LEU A O   1 
ATOM   398  C  CB  . LEU A 1 49  ? 8.739   -14.213 18.917  1.00 26.45 ? 64  LEU A CB  1 
ATOM   399  C  CG  . LEU A 1 49  ? 8.122   -14.766 17.648  1.00 28.07 ? 64  LEU A CG  1 
ATOM   400  C  CD1 . LEU A 1 49  ? 9.192   -15.503 16.888  1.00 29.97 ? 64  LEU A CD1 1 
ATOM   401  C  CD2 . LEU A 1 49  ? 6.949   -15.681 17.977  1.00 29.41 ? 64  LEU A CD2 1 
ATOM   402  N  N   . THR A 1 50  ? 9.128   -12.064 21.172  1.00 31.82 ? 65  THR A N   1 
ATOM   403  C  CA  . THR A 1 50  ? 9.871   -11.601 22.337  1.00 38.72 ? 65  THR A CA  1 
ATOM   404  C  C   . THR A 1 50  ? 9.036   -10.711 23.267  1.00 37.99 ? 65  THR A C   1 
ATOM   405  O  O   . THR A 1 50  ? 9.293   -10.660 24.470  1.00 40.62 ? 65  THR A O   1 
ATOM   406  C  CB  . THR A 1 50  ? 11.185  -10.924 21.924  1.00 37.53 ? 65  THR A CB  1 
ATOM   407  O  OG1 . THR A 1 50  ? 10.908  -9.829  21.045  1.00 40.33 ? 65  THR A OG1 1 
ATOM   408  C  CG2 . THR A 1 50  ? 12.064  -11.922 21.199  1.00 38.11 ? 65  THR A CG2 1 
ATOM   409  N  N   . ASP A 1 51  ? 8.036   -10.026 22.711  1.00 34.27 ? 66  ASP A N   1 
ATOM   410  C  CA  . ASP A 1 51  ? 7.087   -9.251  23.518  1.00 33.73 ? 66  ASP A CA  1 
ATOM   411  C  C   . ASP A 1 51  ? 5.637   -9.537  23.118  1.00 34.91 ? 66  ASP A C   1 
ATOM   412  O  O   . ASP A 1 51  ? 5.092   -8.868  22.232  1.00 34.38 ? 66  ASP A O   1 
ATOM   413  C  CB  . ASP A 1 51  ? 7.383   -7.745  23.416  1.00 33.85 ? 66  ASP A CB  1 
ATOM   414  C  CG  . ASP A 1 51  ? 6.466   -6.896  24.296  1.00 36.57 ? 66  ASP A CG  1 
ATOM   415  O  OD1 . ASP A 1 51  ? 5.687   -7.462  25.093  1.00 36.72 ? 66  ASP A OD1 1 
ATOM   416  O  OD2 . ASP A 1 51  ? 6.531   -5.652  24.192  1.00 38.66 ? 66  ASP A OD2 1 
ATOM   417  N  N   . PRO A 1 52  ? 4.999   -10.521 23.781  1.00 33.67 ? 67  PRO A N   1 
ATOM   418  C  CA  . PRO A 1 52  ? 3.637   -10.918 23.409  1.00 32.77 ? 67  PRO A CA  1 
ATOM   419  C  C   . PRO A 1 52  ? 2.610   -9.806  23.597  1.00 30.71 ? 67  PRO A C   1 
ATOM   420  O  O   . PRO A 1 52  ? 1.546   -9.863  22.984  1.00 29.79 ? 67  PRO A O   1 
ATOM   421  C  CB  . PRO A 1 52  ? 3.338   -12.082 24.362  1.00 35.56 ? 67  PRO A CB  1 
ATOM   422  C  CG  . PRO A 1 52  ? 4.677   -12.619 24.730  1.00 35.39 ? 67  PRO A CG  1 
ATOM   423  C  CD  . PRO A 1 52  ? 5.560   -11.407 24.816  1.00 35.04 ? 67  PRO A CD  1 
ATOM   424  N  N   . SER A 1 53  ? 2.922   -8.809  24.420  1.00 32.07 ? 68  SER A N   1 
ATOM   425  C  CA  . SER A 1 53  ? 1.996   -7.694  24.635  1.00 30.63 ? 68  SER A CA  1 
ATOM   426  C  C   . SER A 1 53  ? 1.778   -6.867  23.364  1.00 29.00 ? 68  SER A C   1 
ATOM   427  O  O   . SER A 1 53  ? 0.818   -6.099  23.274  1.00 28.97 ? 68  SER A O   1 
ATOM   428  C  CB  . SER A 1 53  ? 2.474   -6.787  25.774  1.00 32.46 ? 68  SER A CB  1 
ATOM   429  O  OG  . SER A 1 53  ? 3.595   -6.018  25.387  1.00 34.09 ? 68  SER A OG  1 
ATOM   430  N  N   . LYS A 1 54  ? 2.659   -7.029  22.380  1.00 31.73 ? 69  LYS A N   1 
ATOM   431  C  CA  . LYS A 1 54  ? 2.517   -6.308  21.120  1.00 27.18 ? 69  LYS A CA  1 
ATOM   432  C  C   . LYS A 1 54  ? 1.282   -6.773  20.340  1.00 27.33 ? 69  LYS A C   1 
ATOM   433  O  O   . LYS A 1 54  ? 0.848   -6.110  19.394  1.00 27.23 ? 69  LYS A O   1 
ATOM   434  C  CB  . LYS A 1 54  ? 3.789   -6.439  20.283  1.00 30.14 ? 69  LYS A CB  1 
ATOM   435  C  CG  . LYS A 1 54  ? 4.947   -5.602  20.812  1.00 30.53 ? 69  LYS A CG  1 
ATOM   436  C  CD  . LYS A 1 54  ? 6.109   -5.575  19.835  1.00 32.69 ? 69  LYS A CD  1 
ATOM   437  C  CE  . LYS A 1 54  ? 7.311   -4.845  20.415  1.00 34.86 ? 69  LYS A CE  1 
ATOM   438  N  NZ  . LYS A 1 54  ? 6.912   -3.548  21.014  1.00 43.96 ? 69  LYS A NZ  1 
ATOM   439  N  N   . LEU A 1 55  ? 0.706   -7.903  20.743  1.00 26.21 ? 70  LEU A N   1 
ATOM   440  C  CA  . LEU A 1 55  ? -0.518  -8.388  20.106  1.00 25.50 ? 70  LEU A CA  1 
ATOM   441  C  C   . LEU A 1 55  ? -1.781  -8.009  20.888  1.00 26.04 ? 70  LEU A C   1 
ATOM   442  O  O   . LEU A 1 55  ? -2.884  -8.425  20.536  1.00 23.64 ? 70  LEU A O   1 
ATOM   443  C  CB  . LEU A 1 55  ? -0.458  -9.902  19.858  1.00 25.38 ? 70  LEU A CB  1 
ATOM   444  C  CG  . LEU A 1 55  ? 0.512   -10.393 18.774  1.00 25.64 ? 70  LEU A CG  1 
ATOM   445  C  CD1 . LEU A 1 55  ? 0.389   -11.889 18.559  1.00 27.12 ? 70  LEU A CD1 1 
ATOM   446  C  CD2 . LEU A 1 55  ? 0.302   -9.662  17.445  1.00 27.83 ? 70  LEU A CD2 1 
ATOM   447  N  N   . ASP A 1 56  ? -1.623  -7.193  21.927  1.00 28.41 ? 71  ASP A N   1 
ATOM   448  C  CA  . ASP A 1 56  ? -2.781  -6.736  22.695  1.00 28.75 ? 71  ASP A CA  1 
ATOM   449  C  C   . ASP A 1 56  ? -3.716  -5.913  21.809  1.00 29.42 ? 71  ASP A C   1 
ATOM   450  O  O   . ASP A 1 56  ? -4.916  -5.833  22.057  1.00 29.25 ? 71  ASP A O   1 
ATOM   451  C  CB  . ASP A 1 56  ? -2.344  -5.920  23.915  1.00 29.39 ? 71  ASP A CB  1 
ATOM   452  C  CG  . ASP A 1 56  ? -1.683  -6.773  24.985  1.00 33.72 ? 71  ASP A CG  1 
ATOM   453  O  OD1 . ASP A 1 56  ? -1.783  -8.018  24.917  1.00 32.22 ? 71  ASP A OD1 1 
ATOM   454  O  OD2 . ASP A 1 56  ? -1.074  -6.182  25.905  1.00 36.76 ? 71  ASP A OD2 1 
ATOM   455  N  N   . SER A 1 57  ? -3.154  -5.340  20.748  1.00 28.46 ? 72  SER A N   1 
ATOM   456  C  CA  . SER A 1 57  ? -3.906  -4.527  19.797  1.00 27.33 ? 72  SER A CA  1 
ATOM   457  C  C   . SER A 1 57  ? -4.572  -5.380  18.716  1.00 28.82 ? 72  SER A C   1 
ATOM   458  O  O   . SER A 1 57  ? -5.183  -4.856  17.780  1.00 28.90 ? 72  SER A O   1 
ATOM   459  C  CB  . SER A 1 57  ? -2.972  -3.507  19.153  1.00 24.27 ? 72  SER A CB  1 
ATOM   460  O  OG  . SER A 1 57  ? -1.799  -4.147  18.694  1.00 24.08 ? 72  SER A OG  1 
ATOM   461  N  N   . GLY A 1 58  ? -4.462  -6.699  18.854  1.00 27.78 ? 73  GLY A N   1 
ATOM   462  C  CA  . GLY A 1 58  ? -5.109  -7.615  17.933  1.00 27.70 ? 73  GLY A CA  1 
ATOM   463  C  C   . GLY A 1 58  ? -4.221  -8.805  17.639  1.00 25.42 ? 73  GLY A C   1 
ATOM   464  O  O   . GLY A 1 58  ? -3.093  -8.652  17.193  1.00 23.36 ? 73  GLY A O   1 
ATOM   465  N  N   . LYS A 1 59  ? -4.729  -10.005 17.895  1.00 26.56 ? 74  LYS A N   1 
ATOM   466  C  CA  . LYS A 1 59  ? -3.917  -11.197 17.711  1.00 24.48 ? 74  LYS A CA  1 
ATOM   467  C  C   . LYS A 1 59  ? -4.045  -11.745 16.296  1.00 23.16 ? 74  LYS A C   1 
ATOM   468  O  O   . LYS A 1 59  ? -3.158  -12.444 15.817  1.00 24.42 ? 74  LYS A O   1 
ATOM   469  C  CB  . LYS A 1 59  ? -4.312  -12.274 18.724  1.00 28.57 ? 74  LYS A CB  1 
ATOM   470  C  CG  . LYS A 1 59  ? -5.808  -12.443 18.859  1.00 35.61 ? 74  LYS A CG  1 
ATOM   471  C  CD  . LYS A 1 59  ? -6.355  -11.602 20.020  1.00 44.43 ? 74  LYS A CD  1 
ATOM   472  C  CE  . LYS A 1 59  ? -7.747  -11.047 19.706  1.00 41.90 ? 74  LYS A CE  1 
ATOM   473  N  NZ  . LYS A 1 59  ? -7.726  -9.566  19.540  1.00 39.27 ? 74  LYS A NZ  1 
ATOM   474  N  N   . GLU A 1 60  ? -5.143  -11.423 15.623  1.00 22.55 ? 75  GLU A N   1 
ATOM   475  C  CA  . GLU A 1 60  ? -5.380  -11.995 14.305  1.00 22.89 ? 75  GLU A CA  1 
ATOM   476  C  C   . GLU A 1 60  ? -4.475  -11.365 13.243  1.00 23.97 ? 75  GLU A C   1 
ATOM   477  O  O   . GLU A 1 60  ? -4.363  -10.139 13.157  1.00 22.26 ? 75  GLU A O   1 
ATOM   478  C  CB  . GLU A 1 60  ? -6.847  -11.858 13.904  1.00 30.32 ? 75  GLU A CB  1 
ATOM   479  C  CG  . GLU A 1 60  ? -7.193  -12.744 12.724  1.00 33.75 ? 75  GLU A CG  1 
ATOM   480  C  CD  . GLU A 1 60  ? -8.647  -12.650 12.312  1.00 41.81 ? 75  GLU A CD  1 
ATOM   481  O  OE1 . GLU A 1 60  ? -8.980  -13.208 11.244  1.00 42.01 ? 75  GLU A OE1 1 
ATOM   482  O  OE2 . GLU A 1 60  ? -9.443  -12.012 13.041  1.00 45.78 ? 75  GLU A OE2 1 
ATOM   483  N  N   . LEU A 1 61  ? -3.827  -12.214 12.448  1.00 20.32 ? 76  LEU A N   1 
ATOM   484  C  CA  . LEU A 1 61  ? -2.890  -11.745 11.437  1.00 18.21 ? 76  LEU A CA  1 
ATOM   485  C  C   . LEU A 1 61  ? -3.455  -12.104 10.070  1.00 19.13 ? 76  LEU A C   1 
ATOM   486  O  O   . LEU A 1 61  ? -3.445  -13.277 9.670   1.00 21.79 ? 76  LEU A O   1 
ATOM   487  C  CB  . LEU A 1 61  ? -1.509  -12.374 11.645  1.00 20.95 ? 76  LEU A CB  1 
ATOM   488  C  CG  . LEU A 1 61  ? -0.852  -12.140 13.007  1.00 19.44 ? 76  LEU A CG  1 
ATOM   489  C  CD1 . LEU A 1 61  ? 0.526   -12.770 13.059  1.00 22.88 ? 76  LEU A CD1 1 
ATOM   490  C  CD2 . LEU A 1 61  ? -0.751  -10.657 13.316  1.00 20.21 ? 76  LEU A CD2 1 
ATOM   491  N  N   . HIS A 1 62  ? -3.996  -11.111 9.366   1.00 19.64 ? 77  HIS A N   1 
ATOM   492  C  CA  . HIS A 1 62  ? -4.689  -11.401 8.112   1.00 18.87 ? 77  HIS A CA  1 
ATOM   493  C  C   . HIS A 1 62  ? -4.691  -10.222 7.153   1.00 15.82 ? 77  HIS A C   1 
ATOM   494  O  O   . HIS A 1 62  ? -4.270  -9.118  7.500   1.00 16.51 ? 77  HIS A O   1 
ATOM   495  C  CB  . HIS A 1 62  ? -6.133  -11.853 8.376   1.00 21.00 ? 77  HIS A CB  1 
ATOM   496  C  CG  . HIS A 1 62  ? -7.013  -10.785 8.960   1.00 26.32 ? 77  HIS A CG  1 
ATOM   497  N  ND1 . HIS A 1 62  ? -7.656  -10.936 10.169  1.00 33.76 ? 77  HIS A ND1 1 
ATOM   498  C  CD2 . HIS A 1 62  ? -7.363  -9.561  8.504   1.00 27.16 ? 77  HIS A CD2 1 
ATOM   499  C  CE1 . HIS A 1 62  ? -8.369  -9.854  10.430  1.00 26.09 ? 77  HIS A CE1 1 
ATOM   500  N  NE2 . HIS A 1 62  ? -8.209  -9.003  9.439   1.00 26.35 ? 77  HIS A NE2 1 
ATOM   501  N  N   . ILE A 1 63  ? -5.158  -10.487 5.939   1.00 16.18 ? 78  ILE A N   1 
ATOM   502  C  CA  . ILE A 1 63  ? -5.299  -9.468  4.897   1.00 15.17 ? 78  ILE A CA  1 
ATOM   503  C  C   . ILE A 1 63  ? -6.728  -9.539  4.343   1.00 16.56 ? 78  ILE A C   1 
ATOM   504  O  O   . ILE A 1 63  ? -7.209  -10.625 4.006   1.00 17.83 ? 78  ILE A O   1 
ATOM   505  C  CB  . ILE A 1 63  ? -4.308  -9.742  3.753   1.00 14.07 ? 78  ILE A CB  1 
ATOM   506  C  CG1 . ILE A 1 63  ? -2.868  -9.713  4.272   1.00 16.16 ? 78  ILE A CG1 1 
ATOM   507  C  CG2 . ILE A 1 63  ? -4.494  -8.737  2.621   1.00 15.71 ? 78  ILE A CG2 1 
ATOM   508  C  CD1 . ILE A 1 63  ? -1.833  -10.227 3.250   1.00 14.95 ? 78  ILE A CD1 1 
ATOM   509  N  N   . ASN A 1 64  ? -7.413  -8.398  4.266   1.00 16.57 ? 79  ASN A N   1 
ATOM   510  C  CA  . ASN A 1 64  ? -8.743  -8.354  3.673   1.00 16.28 ? 79  ASN A CA  1 
ATOM   511  C  C   . ASN A 1 64  ? -8.717  -7.471  2.447   1.00 16.61 ? 79  ASN A C   1 
ATOM   512  O  O   . ASN A 1 64  ? -8.095  -6.400  2.459   1.00 17.03 ? 79  ASN A O   1 
ATOM   513  C  CB  . ASN A 1 64  ? -9.777  -7.795  4.657   1.00 16.65 ? 79  ASN A CB  1 
ATOM   514  C  CG  . ASN A 1 64  ? -10.017 -8.709  5.844   1.00 16.18 ? 79  ASN A CG  1 
ATOM   515  O  OD1 . ASN A 1 64  ? -9.811  -9.924  5.769   1.00 17.82 ? 79  ASN A OD1 1 
ATOM   516  N  ND2 . ASN A 1 64  ? -10.463 -8.121  6.949   1.00 18.89 ? 79  ASN A ND2 1 
ATOM   517  N  N   . LEU A 1 65  ? -9.404  -7.908  1.393   1.00 15.26 ? 80  LEU A N   1 
ATOM   518  C  CA  . LEU A 1 65  ? -9.515  -7.124  0.169   1.00 14.49 ? 80  LEU A CA  1 
ATOM   519  C  C   . LEU A 1 65  ? -10.972 -6.715  0.000   1.00 16.24 ? 80  LEU A C   1 
ATOM   520  O  O   . LEU A 1 65  ? -11.852 -7.572  -0.124  1.00 16.67 ? 80  LEU A O   1 
ATOM   521  C  CB  . LEU A 1 65  ? -9.077  -7.956  -1.046  1.00 15.53 ? 80  LEU A CB  1 
ATOM   522  C  CG  . LEU A 1 65  ? -7.684  -8.574  -0.977  1.00 14.68 ? 80  LEU A CG  1 
ATOM   523  C  CD1 . LEU A 1 65  ? -7.442  -9.480  -2.202  1.00 17.69 ? 80  LEU A CD1 1 
ATOM   524  C  CD2 . LEU A 1 65  ? -6.607  -7.479  -0.910  1.00 14.80 ? 80  LEU A CD2 1 
ATOM   525  N  N   . ILE A 1 66  ? -11.220 -5.411  -0.010  1.00 15.31 ? 81  ILE A N   1 
ATOM   526  C  CA  . ILE A 1 66  ? -12.578 -4.886  0.053   1.00 15.22 ? 81  ILE A CA  1 
ATOM   527  C  C   . ILE A 1 66  ? -12.878 -3.940  -1.100  1.00 18.10 ? 81  ILE A C   1 
ATOM   528  O  O   . ILE A 1 66  ? -12.399 -2.790  -1.117  1.00 18.44 ? 81  ILE A O   1 
ATOM   529  C  CB  . ILE A 1 66  ? -12.814 -4.153  1.388   1.00 15.26 ? 81  ILE A CB  1 
ATOM   530  C  CG1 . ILE A 1 66  ? -12.403 -5.046  2.565   1.00 14.66 ? 81  ILE A CG1 1 
ATOM   531  C  CG2 . ILE A 1 66  ? -14.275 -3.685  1.501   1.00 18.38 ? 81  ILE A CG2 1 
ATOM   532  C  CD1 . ILE A 1 66  ? -12.444 -4.356  3.917   1.00 15.21 ? 81  ILE A CD1 1 
ATOM   533  N  N   . PRO A 1 67  ? -13.682 -4.412  -2.075  1.00 15.54 ? 82  PRO A N   1 
ATOM   534  C  CA  . PRO A 1 67  ? -14.092 -3.550  -3.184  1.00 17.52 ? 82  PRO A CA  1 
ATOM   535  C  C   . PRO A 1 67  ? -15.379 -2.828  -2.821  1.00 23.55 ? 82  PRO A C   1 
ATOM   536  O  O   . PRO A 1 67  ? -16.244 -3.408  -2.154  1.00 21.14 ? 82  PRO A O   1 
ATOM   537  C  CB  . PRO A 1 67  ? -14.342 -4.546  -4.320  1.00 21.36 ? 82  PRO A CB  1 
ATOM   538  C  CG  . PRO A 1 67  ? -14.828 -5.801  -3.611  1.00 22.14 ? 82  PRO A CG  1 
ATOM   539  C  CD  . PRO A 1 67  ? -14.151 -5.805  -2.248  1.00 18.70 ? 82  PRO A CD  1 
ATOM   540  N  N   . ASN A 1 68  ? -15.497 -1.574  -3.232  1.00 23.04 ? 83  ASN A N   1 
ATOM   541  C  CA  . ASN A 1 68  ? -16.725 -0.825  -2.997  1.00 24.34 ? 83  ASN A CA  1 
ATOM   542  C  C   . ASN A 1 68  ? -17.066 -0.061  -4.260  1.00 25.47 ? 83  ASN A C   1 
ATOM   543  O  O   . ASN A 1 68  ? -16.426 0.937   -4.572  1.00 27.66 ? 83  ASN A O   1 
ATOM   544  C  CB  . ASN A 1 68  ? -16.573 0.127   -1.801  1.00 25.02 ? 83  ASN A CB  1 
ATOM   545  C  CG  . ASN A 1 68  ? -17.878 0.830   -1.447  1.00 29.94 ? 83  ASN A CG  1 
ATOM   546  O  OD1 . ASN A 1 68  ? -18.515 1.441   -2.300  1.00 27.80 ? 83  ASN A OD1 1 
ATOM   547  N  ND2 . ASN A 1 68  ? -18.285 0.730   -0.190  1.00 31.91 ? 83  ASN A ND2 1 
ATOM   548  N  N   . LYS A 1 69  ? -18.074 -0.532  -4.988  1.00 26.15 ? 84  LYS A N   1 
ATOM   549  C  CA  . LYS A 1 69  ? -18.386 0.034   -6.297  1.00 29.74 ? 84  LYS A CA  1 
ATOM   550  C  C   . LYS A 1 69  ? -19.005 1.423   -6.217  1.00 29.35 ? 84  LYS A C   1 
ATOM   551  O  O   . LYS A 1 69  ? -18.839 2.233   -7.126  1.00 31.33 ? 84  LYS A O   1 
ATOM   552  C  CB  . LYS A 1 69  ? -19.293 -0.907  -7.091  1.00 30.06 ? 84  LYS A CB  1 
ATOM   553  C  CG  . LYS A 1 69  ? -18.534 -2.035  -7.765  1.00 33.54 ? 84  LYS A CG  1 
ATOM   554  C  CD  . LYS A 1 69  ? -19.455 -2.977  -8.507  1.00 35.95 ? 84  LYS A CD  1 
ATOM   555  C  CE  . LYS A 1 69  ? -18.649 -3.951  -9.348  1.00 39.30 ? 84  LYS A CE  1 
ATOM   556  N  NZ  . LYS A 1 69  ? -19.509 -5.037  -9.889  1.00 39.59 ? 84  LYS A NZ  1 
ATOM   557  N  N   . GLN A 1 70  ? -19.723 1.696   -5.136  1.00 30.88 ? 85  GLN A N   1 
ATOM   558  C  CA  . GLN A 1 70  ? -20.330 3.016   -4.971  1.00 34.44 ? 85  GLN A CA  1 
ATOM   559  C  C   . GLN A 1 70  ? -19.275 4.099   -4.742  1.00 33.05 ? 85  GLN A C   1 
ATOM   560  O  O   . GLN A 1 70  ? -19.388 5.204   -5.277  1.00 32.97 ? 85  GLN A O   1 
ATOM   561  C  CB  . GLN A 1 70  ? -21.349 3.020   -3.832  1.00 36.69 ? 85  GLN A CB  1 
ATOM   562  C  CG  . GLN A 1 70  ? -21.966 4.391   -3.600  1.00 41.49 ? 85  GLN A CG  1 
ATOM   563  C  CD  . GLN A 1 70  ? -23.400 4.308   -3.124  1.00 51.53 ? 85  GLN A CD  1 
ATOM   564  O  OE1 . GLN A 1 70  ? -23.706 4.641   -1.979  1.00 55.40 ? 85  GLN A OE1 1 
ATOM   565  N  NE2 . GLN A 1 70  ? -24.291 3.861   -4.006  1.00 50.34 ? 85  GLN A NE2 1 
ATOM   566  N  N   . ASP A 1 71  ? -18.251 3.770   -3.957  1.00 29.08 ? 86  ASP A N   1 
ATOM   567  C  CA  . ASP A 1 71  ? -17.152 4.693   -3.688  1.00 28.53 ? 86  ASP A CA  1 
ATOM   568  C  C   . ASP A 1 71  ? -16.061 4.623   -4.765  1.00 24.29 ? 86  ASP A C   1 
ATOM   569  O  O   . ASP A 1 71  ? -15.194 5.493   -4.841  1.00 25.87 ? 86  ASP A O   1 
ATOM   570  C  CB  . ASP A 1 71  ? -16.545 4.405   -2.309  1.00 30.08 ? 86  ASP A CB  1 
ATOM   571  C  CG  . ASP A 1 71  ? -17.519 4.657   -1.177  1.00 33.73 ? 86  ASP A CG  1 
ATOM   572  O  OD1 . ASP A 1 71  ? -18.506 5.390   -1.396  1.00 38.58 ? 86  ASP A OD1 1 
ATOM   573  O  OD2 . ASP A 1 71  ? -17.296 4.128   -0.065  1.00 33.87 ? 86  ASP A OD2 1 
ATOM   574  N  N   . ARG A 1 72  ? -16.129 3.590   -5.601  1.00 25.58 ? 87  ARG A N   1 
ATOM   575  C  CA  . ARG A 1 72  ? -15.073 3.274   -6.567  1.00 24.12 ? 87  ARG A CA  1 
ATOM   576  C  C   . ARG A 1 72  ? -13.699 3.113   -5.894  1.00 19.58 ? 87  ARG A C   1 
ATOM   577  O  O   . ARG A 1 72  ? -12.682 3.652   -6.359  1.00 22.88 ? 87  ARG A O   1 
ATOM   578  C  CB  . ARG A 1 72  ? -15.013 4.295   -7.704  1.00 25.96 ? 87  ARG A CB  1 
ATOM   579  C  CG  . ARG A 1 72  ? -14.467 3.704   -8.990  1.00 27.19 ? 87  ARG A CG  1 
ATOM   580  C  CD  . ARG A 1 72  ? -13.821 4.751   -9.862  1.00 29.22 ? 87  ARG A CD  1 
ATOM   581  N  NE  . ARG A 1 72  ? -14.796 5.629   -10.496 1.00 33.42 ? 87  ARG A NE  1 
ATOM   582  C  CZ  . ARG A 1 72  ? -14.481 6.784   -11.084 1.00 39.35 ? 87  ARG A CZ  1 
ATOM   583  N  NH1 . ARG A 1 72  ? -13.221 7.200   -11.108 1.00 32.10 ? 87  ARG A NH1 1 
ATOM   584  N  NH2 . ARG A 1 72  ? -15.430 7.527   -11.643 1.00 39.08 ? 87  ARG A NH2 1 
ATOM   585  N  N   . THR A 1 73  ? -13.678 2.343   -4.817  1.00 22.23 ? 88  THR A N   1 
ATOM   586  C  CA  . THR A 1 73  ? -12.441 2.083   -4.085  1.00 17.40 ? 88  THR A CA  1 
ATOM   587  C  C   . THR A 1 73  ? -12.160 0.591   -3.966  1.00 19.67 ? 88  THR A C   1 
ATOM   588  O  O   . THR A 1 73  ? -13.084 -0.221  -3.854  1.00 21.85 ? 88  THR A O   1 
ATOM   589  C  CB  . THR A 1 73  ? -12.503 2.671   -2.672  1.00 21.71 ? 88  THR A CB  1 
ATOM   590  O  OG1 . THR A 1 73  ? -13.623 2.114   -1.981  1.00 21.27 ? 88  THR A OG1 1 
ATOM   591  C  CG2 . THR A 1 73  ? -12.636 4.194   -2.715  1.00 22.29 ? 88  THR A CG2 1 
ATOM   592  N  N   . LEU A 1 74  ? -10.877 0.238   -3.997  1.00 17.00 ? 89  LEU A N   1 
ATOM   593  C  CA  . LEU A 1 74  ? -10.433 -1.093  -3.583  1.00 17.26 ? 89  LEU A CA  1 
ATOM   594  C  C   . LEU A 1 74  ? -9.499  -0.893  -2.395  1.00 17.00 ? 89  LEU A C   1 
ATOM   595  O  O   . LEU A 1 74  ? -8.530  -0.135  -2.469  1.00 15.66 ? 89  LEU A O   1 
ATOM   596  C  CB  . LEU A 1 74  ? -9.692  -1.813  -4.712  1.00 18.31 ? 89  LEU A CB  1 
ATOM   597  C  CG  . LEU A 1 74  ? -9.109  -3.185  -4.355  1.00 16.63 ? 89  LEU A CG  1 
ATOM   598  C  CD1 . LEU A 1 74  ? -10.204 -4.176  -3.981  1.00 17.54 ? 89  LEU A CD1 1 
ATOM   599  C  CD2 . LEU A 1 74  ? -8.279  -3.716  -5.518  1.00 17.10 ? 89  LEU A CD2 1 
ATOM   600  N  N   . THR A 1 75  ? -9.802  -1.547  -1.282  1.00 15.88 ? 90  THR A N   1 
ATOM   601  C  CA  . THR A 1 75  ? -9.025  -1.336  -0.072  1.00 13.84 ? 90  THR A CA  1 
ATOM   602  C  C   . THR A 1 75  ? -8.292  -2.614  0.283   1.00 17.07 ? 90  THR A C   1 
ATOM   603  O  O   . THR A 1 75  ? -8.882  -3.697  0.280   1.00 15.20 ? 90  THR A O   1 
ATOM   604  C  CB  . THR A 1 75  ? -9.945  -0.934  1.103   1.00 17.38 ? 90  THR A CB  1 
ATOM   605  O  OG1 . THR A 1 75  ? -10.622 0.289   0.781   1.00 16.21 ? 90  THR A OG1 1 
ATOM   606  C  CG2 . THR A 1 75  ? -9.151  -0.744  2.392   1.00 16.88 ? 90  THR A CG2 1 
ATOM   607  N  N   . ILE A 1 76  ? -7.001  -2.485  0.561   1.00 14.25 ? 91  ILE A N   1 
ATOM   608  C  CA  . ILE A 1 76  ? -6.198  -3.618  1.020   1.00 15.66 ? 91  ILE A CA  1 
ATOM   609  C  C   . ILE A 1 76  ? -5.952  -3.377  2.513   1.00 14.38 ? 91  ILE A C   1 
ATOM   610  O  O   . ILE A 1 76  ? -5.249  -2.434  2.871   1.00 14.68 ? 91  ILE A O   1 
ATOM   611  C  CB  . ILE A 1 76  ? -4.839  -3.715  0.277   1.00 15.02 ? 91  ILE A CB  1 
ATOM   612  C  CG1 . ILE A 1 76  ? -5.026  -4.041  -1.209  1.00 17.07 ? 91  ILE A CG1 1 
ATOM   613  C  CG2 . ILE A 1 76  ? -3.970  -4.792  0.906   1.00 14.79 ? 91  ILE A CG2 1 
ATOM   614  C  CD1 . ILE A 1 76  ? -5.470  -2.842  -2.088  1.00 17.78 ? 91  ILE A CD1 1 
ATOM   615  N  N   . VAL A 1 77  ? -6.547  -4.206  3.373   1.00 15.01 ? 92  VAL A N   1 
ATOM   616  C  CA  . VAL A 1 77  ? -6.412  -4.063  4.829   1.00 14.21 ? 92  VAL A CA  1 
ATOM   617  C  C   . VAL A 1 77  ? -5.527  -5.154  5.408   1.00 15.02 ? 92  VAL A C   1 
ATOM   618  O  O   . VAL A 1 77  ? -5.699  -6.323  5.079   1.00 15.59 ? 92  VAL A O   1 
ATOM   619  C  CB  . VAL A 1 77  ? -7.765  -4.253  5.541   1.00 15.97 ? 92  VAL A CB  1 
ATOM   620  C  CG1 . VAL A 1 77  ? -7.609  -3.992  7.054   1.00 18.14 ? 92  VAL A CG1 1 
ATOM   621  C  CG2 . VAL A 1 77  ? -8.806  -3.339  4.960   1.00 16.85 ? 92  VAL A CG2 1 
ATOM   622  N  N   . ASP A 1 78  ? -4.591  -4.791  6.281   1.00 15.40 ? 93  ASP A N   1 
ATOM   623  C  CA  . ASP A 1 78  ? -3.829  -5.812  6.992   1.00 14.53 ? 93  ASP A CA  1 
ATOM   624  C  C   . ASP A 1 78  ? -3.786  -5.488  8.474   1.00 16.35 ? 93  ASP A C   1 
ATOM   625  O  O   . ASP A 1 78  ? -4.027  -4.344  8.877   1.00 16.08 ? 93  ASP A O   1 
ATOM   626  C  CB  . ASP A 1 78  ? -2.398  -5.973  6.421   1.00 15.11 ? 93  ASP A CB  1 
ATOM   627  C  CG  . ASP A 1 78  ? -1.531  -4.752  6.640   1.00 17.09 ? 93  ASP A CG  1 
ATOM   628  O  OD1 . ASP A 1 78  ? -1.233  -4.443  7.809   1.00 15.97 ? 93  ASP A OD1 1 
ATOM   629  O  OD2 . ASP A 1 78  ? -1.102  -4.119  5.640   1.00 16.48 ? 93  ASP A OD2 1 
ATOM   630  N  N   . THR A 1 79  ? -3.486  -6.501  9.281   1.00 16.52 ? 94  THR A N   1 
ATOM   631  C  CA  . THR A 1 79  ? -3.297  -6.293  10.712  1.00 16.05 ? 94  THR A CA  1 
ATOM   632  C  C   . THR A 1 79  ? -1.821  -6.437  11.072  1.00 16.80 ? 94  THR A C   1 
ATOM   633  O  O   . THR A 1 79  ? -1.466  -6.967  12.138  1.00 19.27 ? 94  THR A O   1 
ATOM   634  C  CB  . THR A 1 79  ? -4.159  -7.250  11.531  1.00 17.44 ? 94  THR A CB  1 
ATOM   635  O  OG1 . THR A 1 79  ? -3.939  -8.600  11.095  1.00 16.75 ? 94  THR A OG1 1 
ATOM   636  C  CG2 . THR A 1 79  ? -5.638  -6.893  11.356  1.00 19.69 ? 94  THR A CG2 1 
ATOM   637  N  N   . GLY A 1 80  ? -0.966  -5.961  10.169  1.00 16.24 ? 95  GLY A N   1 
ATOM   638  C  CA  . GLY A 1 80  ? 0.472   -5.971  10.389  1.00 17.24 ? 95  GLY A CA  1 
ATOM   639  C  C   . GLY A 1 80  ? 0.975   -4.937  11.385  1.00 17.20 ? 95  GLY A C   1 
ATOM   640  O  O   . GLY A 1 80  ? 0.215   -4.398  12.196  1.00 15.90 ? 95  GLY A O   1 
ATOM   641  N  N   . ILE A 1 81  ? 2.275   -4.668  11.330  1.00 14.28 ? 96  ILE A N   1 
ATOM   642  C  CA  . ILE A 1 81  ? 2.914   -3.787  12.304  1.00 15.83 ? 96  ILE A CA  1 
ATOM   643  C  C   . ILE A 1 81  ? 2.430   -2.323  12.253  1.00 18.78 ? 96  ILE A C   1 
ATOM   644  O  O   . ILE A 1 81  ? 2.500   -1.591  13.257  1.00 17.32 ? 96  ILE A O   1 
ATOM   645  C  CB  . ILE A 1 81  ? 4.447   -3.834  12.165  1.00 16.30 ? 96  ILE A CB  1 
ATOM   646  C  CG1 . ILE A 1 81  ? 5.101   -3.120  13.351  1.00 22.75 ? 96  ILE A CG1 1 
ATOM   647  C  CG2 . ILE A 1 81  ? 4.878   -3.218  10.840  1.00 17.66 ? 96  ILE A CG2 1 
ATOM   648  C  CD1 . ILE A 1 81  ? 6.233   -3.898  13.992  1.00 23.86 ? 96  ILE A CD1 1 
ATOM   649  N  N   . GLY A 1 82  ? 1.927   -1.892  11.098  1.00 16.99 ? 97  GLY A N   1 
ATOM   650  C  CA  . GLY A 1 82  ? 1.467   -0.523  10.970  1.00 16.83 ? 97  GLY A CA  1 
ATOM   651  C  C   . GLY A 1 82  ? 2.627   0.451   10.847  1.00 17.40 ? 97  GLY A C   1 
ATOM   652  O  O   . GLY A 1 82  ? 3.787   0.037   10.885  1.00 17.42 ? 97  GLY A O   1 
ATOM   653  N  N   . MET A 1 83  ? 2.319   1.736   10.686  1.00 16.17 ? 98  MET A N   1 
ATOM   654  C  CA  . MET A 1 83  ? 3.350   2.757   10.490  1.00 16.54 ? 98  MET A CA  1 
ATOM   655  C  C   . MET A 1 83  ? 3.182   3.918   11.464  1.00 18.78 ? 98  MET A C   1 
ATOM   656  O  O   . MET A 1 83  ? 2.063   4.364   11.728  1.00 16.50 ? 98  MET A O   1 
ATOM   657  C  CB  . MET A 1 83  ? 3.320   3.278   9.051   1.00 18.23 ? 98  MET A CB  1 
ATOM   658  C  CG  . MET A 1 83  ? 3.853   2.284   8.025   1.00 17.90 ? 98  MET A CG  1 
ATOM   659  S  SD  . MET A 1 83  ? 3.749   2.868   6.322   1.00 20.58 ? 98  MET A SD  1 
ATOM   660  C  CE  . MET A 1 83  ? 1.988   2.780   6.066   1.00 19.37 ? 98  MET A CE  1 
ATOM   661  N  N   . THR A 1 84  ? 4.302   4.402   11.997  1.00 18.89 ? 99  THR A N   1 
ATOM   662  C  CA  . THR A 1 84  ? 4.295   5.579   12.864  1.00 19.21 ? 99  THR A CA  1 
ATOM   663  C  C   . THR A 1 84  ? 4.252   6.860   12.038  1.00 20.51 ? 99  THR A C   1 
ATOM   664  O  O   . THR A 1 84  ? 4.447   6.836   10.824  1.00 19.74 ? 99  THR A O   1 
ATOM   665  C  CB  . THR A 1 84  ? 5.556   5.643   13.722  1.00 20.57 ? 99  THR A CB  1 
ATOM   666  O  OG1 . THR A 1 84  ? 6.703   5.719   12.866  1.00 21.95 ? 99  THR A OG1 1 
ATOM   667  C  CG2 . THR A 1 84  ? 5.658   4.417   14.600  1.00 20.50 ? 99  THR A CG2 1 
ATOM   668  N  N   . LYS A 1 85  ? 4.005   7.985   12.697  1.00 20.32 ? 100 LYS A N   1 
ATOM   669  C  CA  . LYS A 1 85  ? 4.084   9.265   12.004  1.00 23.19 ? 100 LYS A CA  1 
ATOM   670  C  C   . LYS A 1 85  ? 5.478   9.482   11.411  1.00 19.94 ? 100 LYS A C   1 
ATOM   671  O  O   . LYS A 1 85  ? 5.611   9.966   10.280  1.00 19.67 ? 100 LYS A O   1 
ATOM   672  C  CB  . LYS A 1 85  ? 3.721   10.415  12.942  1.00 22.67 ? 100 LYS A CB  1 
ATOM   673  C  CG  . LYS A 1 85  ? 3.422   11.703  12.189  1.00 27.21 ? 100 LYS A CG  1 
ATOM   674  C  CD  . LYS A 1 85  ? 3.087   12.851  13.132  1.00 29.15 ? 100 LYS A CD  1 
ATOM   675  C  CE  . LYS A 1 85  ? 2.703   14.087  12.336  1.00 32.39 ? 100 LYS A CE  1 
ATOM   676  N  NZ  . LYS A 1 85  ? 2.569   15.303  13.181  1.00 36.08 ? 100 LYS A NZ  1 
ATOM   677  N  N   . ALA A 1 86  ? 6.514   9.103   12.163  1.00 20.70 ? 101 ALA A N   1 
ATOM   678  C  CA  . ALA A 1 86  ? 7.894   9.239   11.680  1.00 24.67 ? 101 ALA A CA  1 
ATOM   679  C  C   . ALA A 1 86  ? 8.146   8.394   10.420  1.00 25.14 ? 101 ALA A C   1 
ATOM   680  O  O   . ALA A 1 86  ? 8.867   8.821   9.504   1.00 22.26 ? 101 ALA A O   1 
ATOM   681  C  CB  . ALA A 1 86  ? 8.889   8.885   12.783  1.00 27.87 ? 101 ALA A CB  1 
ATOM   682  N  N   . ASP A 1 87  ? 7.556   7.201   10.380  1.00 21.35 ? 102 ASP A N   1 
ATOM   683  C  CA  . ASP A 1 87  ? 7.594   6.375   9.179   1.00 20.41 ? 102 ASP A CA  1 
ATOM   684  C  C   . ASP A 1 87  ? 7.014   7.131   7.981   1.00 22.35 ? 102 ASP A C   1 
ATOM   685  O  O   . ASP A 1 87  ? 7.646   7.228   6.928   1.00 22.09 ? 102 ASP A O   1 
ATOM   686  C  CB  . ASP A 1 87  ? 6.795   5.083   9.382   1.00 21.50 ? 102 ASP A CB  1 
ATOM   687  C  CG  . ASP A 1 87  ? 7.533   4.034   10.203  1.00 22.96 ? 102 ASP A CG  1 
ATOM   688  O  OD1 . ASP A 1 87  ? 8.779   4.069   10.266  1.00 23.80 ? 102 ASP A OD1 1 
ATOM   689  O  OD2 . ASP A 1 87  ? 6.840   3.163   10.785  1.00 23.83 ? 102 ASP A OD2 1 
ATOM   690  N  N   . LEU A 1 88  ? 5.804   7.660   8.145   1.00 17.80 ? 103 LEU A N   1 
ATOM   691  C  CA  . LEU A 1 88  ? 5.086   8.313   7.050   1.00 19.04 ? 103 LEU A CA  1 
ATOM   692  C  C   . LEU A 1 88  ? 5.802   9.548   6.509   1.00 24.79 ? 103 LEU A C   1 
ATOM   693  O  O   . LEU A 1 88  ? 5.820   9.796   5.304   1.00 23.37 ? 103 LEU A O   1 
ATOM   694  C  CB  . LEU A 1 88  ? 3.683   8.723   7.517   1.00 17.32 ? 103 LEU A CB  1 
ATOM   695  C  CG  . LEU A 1 88  ? 2.715   7.598   7.871   1.00 15.80 ? 103 LEU A CG  1 
ATOM   696  C  CD1 . LEU A 1 88  ? 1.431   8.207   8.387   1.00 20.17 ? 103 LEU A CD1 1 
ATOM   697  C  CD2 . LEU A 1 88  ? 2.411   6.775   6.631   1.00 16.84 ? 103 LEU A CD2 1 
ATOM   698  N  N   . ILE A 1 89  ? 6.402   10.314  7.411   1.00 24.40 ? 104 ILE A N   1 
ATOM   699  C  CA  . ILE A 1 89  ? 6.960   11.616  7.061   1.00 24.99 ? 104 ILE A CA  1 
ATOM   700  C  C   . ILE A 1 89  ? 8.448   11.588  6.731   1.00 30.79 ? 104 ILE A C   1 
ATOM   701  O  O   . ILE A 1 89  ? 8.907   12.308  5.841   1.00 32.99 ? 104 ILE A O   1 
ATOM   702  C  CB  . ILE A 1 89  ? 6.695   12.608  8.196   1.00 26.19 ? 104 ILE A CB  1 
ATOM   703  C  CG1 . ILE A 1 89  ? 5.204   12.925  8.242   1.00 24.23 ? 104 ILE A CG1 1 
ATOM   704  C  CG2 . ILE A 1 89  ? 7.499   13.884  8.024   1.00 33.60 ? 104 ILE A CG2 1 
ATOM   705  C  CD1 . ILE A 1 89  ? 4.784   13.584  9.522   1.00 28.59 ? 104 ILE A CD1 1 
ATOM   706  N  N   . ASN A 1 90  ? 9.199   10.763  7.451   1.00 26.19 ? 105 ASN A N   1 
ATOM   707  C  CA  . ASN A 1 90  ? 10.654  10.758  7.327   1.00 28.10 ? 105 ASN A CA  1 
ATOM   708  C  C   . ASN A 1 90  ? 11.218  9.450   6.781   1.00 29.35 ? 105 ASN A C   1 
ATOM   709  O  O   . ASN A 1 90  ? 11.915  9.434   5.757   1.00 29.24 ? 105 ASN A O   1 
ATOM   710  C  CB  . ASN A 1 90  ? 11.297  11.029  8.691   1.00 30.09 ? 105 ASN A CB  1 
ATOM   711  C  CG  . ASN A 1 90  ? 11.104  12.452  9.152   1.00 38.54 ? 105 ASN A CG  1 
ATOM   712  O  OD1 . ASN A 1 90  ? 11.754  13.364  8.644   1.00 43.50 ? 105 ASN A OD1 1 
ATOM   713  N  ND2 . ASN A 1 90  ? 10.215  12.653  10.123  1.00 40.47 ? 105 ASN A ND2 1 
ATOM   714  N  N   . ASN A 1 91  ? 10.927  8.359   7.480   1.00 25.42 ? 106 ASN A N   1 
ATOM   715  C  CA  . ASN A 1 91  ? 11.597  7.100   7.200   1.00 24.06 ? 106 ASN A CA  1 
ATOM   716  C  C   . ASN A 1 91  ? 11.290  6.541   5.820   1.00 23.98 ? 106 ASN A C   1 
ATOM   717  O  O   . ASN A 1 91  ? 12.199  6.093   5.134   1.00 25.06 ? 106 ASN A O   1 
ATOM   718  C  CB  . ASN A 1 91  ? 11.291  6.068   8.291   1.00 23.56 ? 106 ASN A CB  1 
ATOM   719  C  CG  . ASN A 1 91  ? 11.699  6.543   9.668   1.00 29.24 ? 106 ASN A CG  1 
ATOM   720  O  OD1 . ASN A 1 91  ? 12.575  7.394   9.801   1.00 26.07 ? 106 ASN A OD1 1 
ATOM   721  N  ND2 . ASN A 1 91  ? 11.054  6.009   10.701  1.00 24.73 ? 106 ASN A ND2 1 
ATOM   722  N  N   . LEU A 1 92  ? 10.014  6.559   5.429   1.00 24.79 ? 107 LEU A N   1 
ATOM   723  C  CA  . LEU A 1 92  ? 9.601   6.084   4.108   1.00 25.30 ? 107 LEU A CA  1 
ATOM   724  C  C   . LEU A 1 92  ? 10.387  6.813   3.038   1.00 24.52 ? 107 LEU A C   1 
ATOM   725  O  O   . LEU A 1 92  ? 10.955  6.187   2.146   1.00 28.97 ? 107 LEU A O   1 
ATOM   726  C  CB  . LEU A 1 92  ? 8.113   6.338   3.863   1.00 24.88 ? 107 LEU A CB  1 
ATOM   727  C  CG  . LEU A 1 92  ? 7.076   5.404   4.476   1.00 28.44 ? 107 LEU A CG  1 
ATOM   728  C  CD1 . LEU A 1 92  ? 5.669   5.855   4.096   1.00 23.09 ? 107 LEU A CD1 1 
ATOM   729  C  CD2 . LEU A 1 92  ? 7.306   3.981   4.036   1.00 28.54 ? 107 LEU A CD2 1 
ATOM   730  N  N   . GLY A 1 93  ? 10.420  8.139   3.138   1.00 26.38 ? 108 GLY A N   1 
ATOM   731  C  CA  . GLY A 1 93  ? 11.125  8.972   2.179   1.00 25.30 ? 108 GLY A CA  1 
ATOM   732  C  C   . GLY A 1 93  ? 12.592  8.614   2.035   1.00 28.96 ? 108 GLY A C   1 
ATOM   733  O  O   . GLY A 1 93  ? 13.121  8.538   0.919   1.00 28.02 ? 108 GLY A O   1 
ATOM   734  N  N   . THR A 1 94  ? 13.253  8.401   3.167   1.00 25.80 ? 109 THR A N   1 
ATOM   735  C  CA  . THR A 1 94  ? 14.660  8.002   3.168   1.00 25.40 ? 109 THR A CA  1 
ATOM   736  C  C   . THR A 1 94  ? 14.892  6.701   2.398   1.00 29.79 ? 109 THR A C   1 
ATOM   737  O  O   . THR A 1 94  ? 15.750  6.640   1.506   1.00 29.65 ? 109 THR A O   1 
ATOM   738  C  CB  . THR A 1 94  ? 15.174  7.826   4.598   1.00 27.16 ? 109 THR A CB  1 
ATOM   739  O  OG1 . THR A 1 94  ? 15.097  9.080   5.285   1.00 29.29 ? 109 THR A OG1 1 
ATOM   740  C  CG2 . THR A 1 94  ? 16.618  7.330   4.588   1.00 31.93 ? 109 THR A CG2 1 
ATOM   741  N  N   . ILE A 1 95  ? 14.126  5.666   2.747   1.00 27.49 ? 110 ILE A N   1 
ATOM   742  C  CA  . ILE A 1 95  ? 14.224  4.371   2.077   1.00 28.52 ? 110 ILE A CA  1 
ATOM   743  C  C   . ILE A 1 95  ? 13.829  4.459   0.608   1.00 30.37 ? 110 ILE A C   1 
ATOM   744  O  O   . ILE A 1 95  ? 14.519  3.919   -0.269  1.00 33.05 ? 110 ILE A O   1 
ATOM   745  C  CB  . ILE A 1 95  ? 13.349  3.298   2.791   1.00 33.56 ? 110 ILE A CB  1 
ATOM   746  C  CG1 . ILE A 1 95  ? 14.193  2.433   3.718   1.00 37.88 ? 110 ILE A CG1 1 
ATOM   747  C  CG2 . ILE A 1 95  ? 12.685  2.368   1.793   1.00 36.23 ? 110 ILE A CG2 1 
ATOM   748  C  CD1 . ILE A 1 95  ? 14.913  3.195   4.785   1.00 33.38 ? 110 ILE A CD1 1 
ATOM   749  N  N   . ALA A 1 96  ? 12.727  5.153   0.338   1.00 24.73 ? 111 ALA A N   1 
ATOM   750  C  CA  . ALA A 1 96  ? 12.177  5.227   -1.009  1.00 28.44 ? 111 ALA A CA  1 
ATOM   751  C  C   . ALA A 1 96  ? 13.091  5.970   -1.987  1.00 28.53 ? 111 ALA A C   1 
ATOM   752  O  O   . ALA A 1 96  ? 13.093  5.678   -3.183  1.00 29.72 ? 111 ALA A O   1 
ATOM   753  C  CB  . ALA A 1 96  ? 10.808  5.874   -0.977  1.00 28.87 ? 111 ALA A CB  1 
ATOM   754  N  N   . LYS A 1 97  ? 13.846  6.946   -1.490  1.00 27.72 ? 112 LYS A N   1 
ATOM   755  C  CA  . LYS A 1 97  ? 14.739  7.708   -2.368  1.00 27.95 ? 112 LYS A CA  1 
ATOM   756  C  C   . LYS A 1 97  ? 15.799  6.810   -3.017  1.00 26.55 ? 112 LYS A C   1 
ATOM   757  O  O   . LYS A 1 97  ? 16.018  6.854   -4.234  1.00 27.54 ? 112 LYS A O   1 
ATOM   758  C  CB  . LYS A 1 97  ? 15.399  8.871   -1.612  1.00 29.71 ? 112 LYS A CB  1 
ATOM   759  C  CG  . LYS A 1 97  ? 16.345  9.698   -2.482  1.00 28.48 ? 112 LYS A CG  1 
ATOM   760  C  CD  . LYS A 1 97  ? 16.888  10.910  -1.736  1.00 28.46 ? 112 LYS A CD  1 
ATOM   761  C  CE  . LYS A 1 97  ? 18.104  11.486  -2.446  1.00 36.46 ? 112 LYS A CE  1 
ATOM   762  N  NZ  . LYS A 1 97  ? 18.653  12.659  -1.709  1.00 36.12 ? 112 LYS A NZ  1 
ATOM   763  N  N   . SER A 1 98  ? 16.456  5.993   -2.206  1.00 28.25 ? 113 SER A N   1 
ATOM   764  C  CA  . SER A 1 98  ? 17.475  5.095   -2.727  1.00 28.18 ? 113 SER A CA  1 
ATOM   765  C  C   . SER A 1 98  ? 16.863  4.015   -3.612  1.00 29.16 ? 113 SER A C   1 
ATOM   766  O  O   . SER A 1 98  ? 17.423  3.673   -4.648  1.00 26.05 ? 113 SER A O   1 
ATOM   767  C  CB  . SER A 1 98  ? 18.290  4.472   -1.592  1.00 31.27 ? 113 SER A CB  1 
ATOM   768  O  OG  . SER A 1 98  ? 17.462  4.076   -0.522  1.00 37.74 ? 113 SER A OG  1 
ATOM   769  N  N   . GLY A 1 99  ? 15.708  3.483   -3.208  1.00 28.62 ? 114 GLY A N   1 
ATOM   770  C  CA  . GLY A 1 99  ? 15.041  2.460   -3.999  1.00 27.01 ? 114 GLY A CA  1 
ATOM   771  C  C   . GLY A 1 99  ? 14.616  2.974   -5.362  1.00 27.21 ? 114 GLY A C   1 
ATOM   772  O  O   . GLY A 1 99  ? 14.706  2.267   -6.373  1.00 26.09 ? 114 GLY A O   1 
ATOM   773  N  N   . THR A 1 100 ? 14.158  4.219   -5.401  1.00 25.64 ? 115 THR A N   1 
ATOM   774  C  CA  . THR A 1 100 ? 13.761  4.825   -6.666  1.00 26.15 ? 115 THR A CA  1 
ATOM   775  C  C   . THR A 1 100 ? 14.950  4.955   -7.614  1.00 30.26 ? 115 THR A C   1 
ATOM   776  O  O   . THR A 1 100 ? 14.841  4.642   -8.802  1.00 29.38 ? 115 THR A O   1 
ATOM   777  C  CB  . THR A 1 100 ? 13.122  6.207   -6.455  1.00 28.17 ? 115 THR A CB  1 
ATOM   778  O  OG1 . THR A 1 100 ? 11.927  6.058   -5.676  1.00 29.42 ? 115 THR A OG1 1 
ATOM   779  C  CG2 . THR A 1 100 ? 12.764  6.833   -7.794  1.00 28.89 ? 115 THR A CG2 1 
ATOM   780  N  N   . LYS A 1 101 ? 16.079  5.419   -7.085  1.00 28.17 ? 116 LYS A N   1 
ATOM   781  C  CA  . LYS A 1 101 ? 17.278  5.608   -7.899  1.00 31.75 ? 116 LYS A CA  1 
ATOM   782  C  C   . LYS A 1 101 ? 17.698  4.290   -8.543  1.00 32.21 ? 116 LYS A C   1 
ATOM   783  O  O   . LYS A 1 101 ? 17.969  4.229   -9.744  1.00 34.58 ? 116 LYS A O   1 
ATOM   784  C  CB  . LYS A 1 101 ? 18.422  6.188   -7.057  1.00 32.76 ? 116 LYS A CB  1 
ATOM   785  C  CG  . LYS A 1 101 ? 19.673  6.533   -7.871  1.00 40.23 ? 116 LYS A CG  1 
ATOM   786  C  CD  . LYS A 1 101 ? 20.846  6.944   -6.979  1.00 43.43 ? 116 LYS A CD  1 
ATOM   787  C  CE  . LYS A 1 101 ? 22.106  7.221   -7.801  1.00 45.45 ? 116 LYS A CE  1 
ATOM   788  N  NZ  . LYS A 1 101 ? 22.597  6.021   -8.541  1.00 43.88 ? 116 LYS A NZ  1 
ATOM   789  N  N   . ALA A 1 102 ? 17.718  3.228   -7.746  1.00 30.61 ? 117 ALA A N   1 
ATOM   790  C  CA  . ALA A 1 102 ? 18.045  1.903   -8.260  1.00 30.07 ? 117 ALA A CA  1 
ATOM   791  C  C   . ALA A 1 102 ? 17.037  1.425   -9.314  1.00 33.20 ? 117 ALA A C   1 
ATOM   792  O  O   . ALA A 1 102 ? 17.424  0.867   -10.343 1.00 31.52 ? 117 ALA A O   1 
ATOM   793  C  CB  . ALA A 1 102 ? 18.144  0.906   -7.119  1.00 28.33 ? 117 ALA A CB  1 
ATOM   794  N  N   . PHE A 1 103 ? 15.749  1.643   -9.058  1.00 27.58 ? 118 PHE A N   1 
ATOM   795  C  CA  . PHE A 1 103 ? 14.702  1.200   -9.974  1.00 27.67 ? 118 PHE A CA  1 
ATOM   796  C  C   . PHE A 1 103 ? 14.810  1.933   -11.315 1.00 31.04 ? 118 PHE A C   1 
ATOM   797  O  O   . PHE A 1 103 ? 14.686  1.327   -12.383 1.00 30.03 ? 118 PHE A O   1 
ATOM   798  C  CB  . PHE A 1 103 ? 13.318  1.410   -9.336  1.00 24.40 ? 118 PHE A CB  1 
ATOM   799  C  CG  . PHE A 1 103 ? 12.166  0.973   -10.202 1.00 24.03 ? 118 PHE A CG  1 
ATOM   800  C  CD1 . PHE A 1 103 ? 12.140  -0.291  -10.779 1.00 24.05 ? 118 PHE A CD1 1 
ATOM   801  C  CD2 . PHE A 1 103 ? 11.090  1.822   -10.416 1.00 25.91 ? 118 PHE A CD2 1 
ATOM   802  C  CE1 . PHE A 1 103 ? 11.069  -0.689  -11.572 1.00 25.23 ? 118 PHE A CE1 1 
ATOM   803  C  CE2 . PHE A 1 103 ? 10.019  1.434   -11.203 1.00 27.82 ? 118 PHE A CE2 1 
ATOM   804  C  CZ  . PHE A 1 103 ? 10.007  0.170   -11.782 1.00 28.23 ? 118 PHE A CZ  1 
ATOM   805  N  N   . MET A 1 104 ? 15.055  3.237   -11.248 1.00 30.48 ? 119 MET A N   1 
ATOM   806  C  CA  . MET A 1 104 ? 15.225  4.049   -12.449 1.00 36.10 ? 119 MET A CA  1 
ATOM   807  C  C   . MET A 1 104 ? 16.402  3.551   -13.266 1.00 36.90 ? 119 MET A C   1 
ATOM   808  O  O   . MET A 1 104 ? 16.318  3.434   -14.489 1.00 43.32 ? 119 MET A O   1 
ATOM   809  C  CB  . MET A 1 104 ? 15.459  5.512   -12.079 1.00 34.10 ? 119 MET A CB  1 
ATOM   810  C  CG  . MET A 1 104 ? 14.296  6.172   -11.373 1.00 34.43 ? 119 MET A CG  1 
ATOM   811  S  SD  . MET A 1 104 ? 12.818  6.287   -12.392 1.00 47.89 ? 119 MET A SD  1 
ATOM   812  C  CE  . MET A 1 104 ? 12.076  7.746   -11.641 1.00 28.10 ? 119 MET A CE  1 
ATOM   813  N  N   . GLU A 1 105 ? 17.504  3.263   -12.580 1.00 36.30 ? 120 GLU A N   1 
ATOM   814  C  CA  . GLU A 1 105 ? 18.683  2.716   -13.232 1.00 41.27 ? 120 GLU A CA  1 
ATOM   815  C  C   . GLU A 1 105 ? 18.375  1.370   -13.876 1.00 45.27 ? 120 GLU A C   1 
ATOM   816  O  O   . GLU A 1 105 ? 18.682  1.156   -15.049 1.00 45.30 ? 120 GLU A O   1 
ATOM   817  C  CB  . GLU A 1 105 ? 19.831  2.587   -12.234 1.00 43.74 ? 120 GLU A CB  1 
ATOM   818  C  CG  . GLU A 1 105 ? 20.386  3.932   -11.774 1.00 44.01 ? 120 GLU A CG  1 
ATOM   819  C  CD  . GLU A 1 105 ? 21.564  3.782   -10.831 1.00 49.17 ? 120 GLU A CD  1 
ATOM   820  O  OE1 . GLU A 1 105 ? 21.827  2.642   -10.384 1.00 49.75 ? 120 GLU A OE1 1 
ATOM   821  O  OE2 . GLU A 1 105 ? 22.228  4.803   -10.543 1.00 50.47 ? 120 GLU A OE2 1 
ATOM   822  N  N   . ALA A 1 106 ? 17.757  0.472   -13.113 1.00 41.03 ? 121 ALA A N   1 
ATOM   823  C  CA  . ALA A 1 106 ? 17.416  -0.854  -13.621 1.00 41.35 ? 121 ALA A CA  1 
ATOM   824  C  C   . ALA A 1 106 ? 16.524  -0.775  -14.855 1.00 42.69 ? 121 ALA A C   1 
ATOM   825  O  O   . ALA A 1 106 ? 16.670  -1.574  -15.778 1.00 48.22 ? 121 ALA A O   1 
ATOM   826  C  CB  . ALA A 1 106 ? 16.756  -1.682  -12.548 1.00 39.46 ? 121 ALA A CB  1 
ATOM   827  N  N   . LEU A 1 107 ? 15.615  0.197   -14.877 1.00 39.64 ? 122 LEU A N   1 
ATOM   828  C  CA  . LEU A 1 107 ? 14.747  0.409   -16.033 1.00 43.83 ? 122 LEU A CA  1 
ATOM   829  C  C   . LEU A 1 107 ? 15.574  0.758   -17.269 1.00 49.63 ? 122 LEU A C   1 
ATOM   830  O  O   . LEU A 1 107 ? 15.082  0.689   -18.398 1.00 50.52 ? 122 LEU A O   1 
ATOM   831  C  CB  . LEU A 1 107 ? 13.701  1.498   -15.758 1.00 37.58 ? 122 LEU A CB  1 
ATOM   832  C  CG  . LEU A 1 107 ? 12.541  1.127   -14.827 1.00 34.76 ? 122 LEU A CG  1 
ATOM   833  C  CD1 . LEU A 1 107 ? 11.612  2.306   -14.567 1.00 35.52 ? 122 LEU A CD1 1 
ATOM   834  C  CD2 . LEU A 1 107 ? 11.758  -0.031  -15.413 1.00 34.34 ? 122 LEU A CD2 1 
ATOM   835  N  N   . GLN A 1 108 ? 16.835  1.129   -17.047 1.00 52.67 ? 123 GLN A N   1 
ATOM   836  C  CA  . GLN A 1 108 ? 17.755  1.408   -18.145 1.00 53.41 ? 123 GLN A CA  1 
ATOM   837  C  C   . GLN A 1 108 ? 18.834  0.339   -18.309 1.00 54.20 ? 123 GLN A C   1 
ATOM   838  O  O   . GLN A 1 108 ? 19.651  0.401   -19.227 1.00 60.14 ? 123 GLN A O   1 
ATOM   839  C  CB  . GLN A 1 108 ? 18.345  2.818   -18.028 1.00 57.10 ? 123 GLN A CB  1 
ATOM   840  C  CG  . GLN A 1 108 ? 17.312  3.935   -18.211 1.00 56.78 ? 123 GLN A CG  1 
ATOM   841  C  CD  . GLN A 1 108 ? 16.704  3.990   -19.618 1.00 64.08 ? 123 GLN A CD  1 
ATOM   842  O  OE1 . GLN A 1 108 ? 16.764  3.026   -20.389 1.00 65.78 ? 123 GLN A OE1 1 
ATOM   843  N  NE2 . GLN A 1 108 ? 16.116  5.135   -19.955 1.00 60.57 ? 123 GLN A NE2 1 
ATOM   844  N  N   . ALA A 1 109 ? 18.823  -0.643  -17.412 1.00 55.01 ? 124 ALA A N   1 
ATOM   845  C  CA  . ALA A 1 109 ? 19.391  -1.951  -17.710 1.00 54.08 ? 124 ALA A CA  1 
ATOM   846  C  C   . ALA A 1 109 ? 18.244  -2.793  -18.267 1.00 57.33 ? 124 ALA A C   1 
ATOM   847  O  O   . ALA A 1 109 ? 18.184  -4.011  -18.063 1.00 57.87 ? 124 ALA A O   1 
ATOM   848  C  CB  . ALA A 1 109 ? 19.979  -2.594  -16.472 1.00 52.17 ? 124 ALA A CB  1 
ATOM   849  N  N   . GLY A 1 110 ? 17.316  -2.108  -18.940 1.00 53.20 ? 125 GLY A N   1 
ATOM   850  C  CA  . GLY A 1 110 ? 16.214  -2.728  -19.652 1.00 51.01 ? 125 GLY A CA  1 
ATOM   851  C  C   . GLY A 1 110 ? 15.102  -3.369  -18.835 1.00 51.28 ? 125 GLY A C   1 
ATOM   852  O  O   . GLY A 1 110 ? 14.197  -3.973  -19.409 1.00 49.61 ? 125 GLY A O   1 
ATOM   853  N  N   . ALA A 1 111 ? 15.156  -3.248  -17.509 1.00 49.75 ? 126 ALA A N   1 
ATOM   854  C  CA  . ALA A 1 111 ? 14.135  -3.868  -16.656 1.00 45.02 ? 126 ALA A CA  1 
ATOM   855  C  C   . ALA A 1 111 ? 12.750  -3.299  -16.946 1.00 42.81 ? 126 ALA A C   1 
ATOM   856  O  O   . ALA A 1 111 ? 12.618  -2.258  -17.593 1.00 43.37 ? 126 ALA A O   1 
ATOM   857  C  CB  . ALA A 1 111 ? 14.483  -3.709  -15.185 1.00 41.55 ? 126 ALA A CB  1 
ATOM   858  N  N   . ASP A 1 112 ? 11.709  -3.977  -16.478 1.00 39.83 ? 127 ASP A N   1 
ATOM   859  C  CA  . ASP A 1 112 ? 10.369  -3.463  -16.701 1.00 37.81 ? 127 ASP A CA  1 
ATOM   860  C  C   . ASP A 1 112 ? 9.697   -3.130  -15.373 1.00 33.33 ? 127 ASP A C   1 
ATOM   861  O  O   . ASP A 1 112 ? 10.161  -3.545  -14.306 1.00 32.78 ? 127 ASP A O   1 
ATOM   862  C  CB  . ASP A 1 112 ? 9.531   -4.440  -17.528 1.00 40.58 ? 127 ASP A CB  1 
ATOM   863  C  CG  . ASP A 1 112 ? 8.873   -5.497  -16.683 1.00 38.53 ? 127 ASP A CG  1 
ATOM   864  O  OD1 . ASP A 1 112 ? 9.606   -6.362  -16.153 1.00 42.54 ? 127 ASP A OD1 1 
ATOM   865  O  OD2 . ASP A 1 112 ? 7.626   -5.455  -16.548 1.00 36.17 ? 127 ASP A OD2 1 
ATOM   866  N  N   . ILE A 1 113 ? 8.617   -2.361  -15.459 1.00 31.77 ? 128 ILE A N   1 
ATOM   867  C  CA  . ILE A 1 113 ? 7.914   -1.845  -14.294 1.00 29.24 ? 128 ILE A CA  1 
ATOM   868  C  C   . ILE A 1 113 ? 7.513   -2.956  -13.313 1.00 30.22 ? 128 ILE A C   1 
ATOM   869  O  O   . ILE A 1 113 ? 7.496   -2.743  -12.106 1.00 27.14 ? 128 ILE A O   1 
ATOM   870  C  CB  . ILE A 1 113 ? 6.716   -0.952  -14.746 1.00 27.93 ? 128 ILE A CB  1 
ATOM   871  C  CG1 . ILE A 1 113 ? 7.239   0.429   -15.171 1.00 30.81 ? 128 ILE A CG1 1 
ATOM   872  C  CG2 . ILE A 1 113 ? 5.663   -0.806  -13.654 1.00 29.66 ? 128 ILE A CG2 1 
ATOM   873  C  CD1 . ILE A 1 113 ? 6.313   1.207   -16.085 1.00 33.93 ? 128 ILE A CD1 1 
ATOM   874  N  N   . SER A 1 114 ? 7.253   -4.158  -13.821 1.00 27.72 ? 129 SER A N   1 
ATOM   875  C  CA  . SER A 1 114 ? 6.829   -5.259  -12.950 1.00 28.34 ? 129 SER A CA  1 
ATOM   876  C  C   . SER A 1 114 ? 7.887   -5.681  -11.920 1.00 29.24 ? 129 SER A C   1 
ATOM   877  O  O   . SER A 1 114 ? 7.581   -6.426  -10.987 1.00 27.12 ? 129 SER A O   1 
ATOM   878  C  CB  . SER A 1 114 ? 6.365   -6.468  -13.773 1.00 30.40 ? 129 SER A CB  1 
ATOM   879  O  OG  . SER A 1 114 ? 7.464   -7.177  -14.309 1.00 33.35 ? 129 SER A OG  1 
ATOM   880  N  N   . MET A 1 115 ? 9.123   -5.205  -12.068 1.00 26.91 ? 130 MET A N   1 
ATOM   881  C  CA  . MET A 1 115 ? 10.176  -5.551  -11.112 1.00 27.73 ? 130 MET A CA  1 
ATOM   882  C  C   . MET A 1 115 ? 10.290  -4.536  -9.967  1.00 26.31 ? 130 MET A C   1 
ATOM   883  O  O   . MET A 1 115 ? 11.192  -4.618  -9.131  1.00 24.48 ? 130 MET A O   1 
ATOM   884  C  CB  . MET A 1 115 ? 11.519  -5.706  -11.837 1.00 30.85 ? 130 MET A CB  1 
ATOM   885  C  CG  . MET A 1 115 ? 11.505  -6.776  -12.925 1.00 34.18 ? 130 MET A CG  1 
ATOM   886  S  SD  . MET A 1 115 ? 13.124  -6.968  -13.697 1.00 48.08 ? 130 MET A SD  1 
ATOM   887  C  CE  . MET A 1 115 ? 12.797  -8.232  -14.926 1.00 46.85 ? 130 MET A CE  1 
ATOM   888  N  N   . ILE A 1 116 ? 9.354   -3.590  -9.933  1.00 24.40 ? 131 ILE A N   1 
ATOM   889  C  CA  . ILE A 1 116 ? 9.372   -2.502  -8.952  1.00 22.37 ? 131 ILE A CA  1 
ATOM   890  C  C   . ILE A 1 116 ? 9.535   -2.969  -7.497  1.00 23.68 ? 131 ILE A C   1 
ATOM   891  O  O   . ILE A 1 116 ? 10.219  -2.323  -6.701  1.00 21.40 ? 131 ILE A O   1 
ATOM   892  C  CB  . ILE A 1 116 ? 8.115   -1.613  -9.123  1.00 21.63 ? 131 ILE A CB  1 
ATOM   893  C  CG1 . ILE A 1 116 ? 8.199   -0.345  -8.267  1.00 20.62 ? 131 ILE A CG1 1 
ATOM   894  C  CG2 . ILE A 1 116 ? 6.829   -2.410  -8.845  1.00 21.42 ? 131 ILE A CG2 1 
ATOM   895  C  CD1 . ILE A 1 116 ? 7.035   0.609   -8.496  1.00 21.64 ? 131 ILE A CD1 1 
ATOM   896  N  N   . GLY A 1 117 ? 8.927   -4.105  -7.166  1.00 23.55 ? 132 GLY A N   1 
ATOM   897  C  CA  . GLY A 1 117 ? 8.940   -4.617  -5.806  1.00 23.52 ? 132 GLY A CA  1 
ATOM   898  C  C   . GLY A 1 117 ? 10.328  -4.972  -5.305  1.00 24.82 ? 132 GLY A C   1 
ATOM   899  O  O   . GLY A 1 117 ? 10.587  -4.957  -4.107  1.00 24.53 ? 132 GLY A O   1 
ATOM   900  N  N   . GLN A 1 118 ? 11.234  -5.285  -6.222  1.00 24.74 ? 133 GLN A N   1 
ATOM   901  C  CA  . GLN A 1 118 ? 12.595  -5.628  -5.814  1.00 28.15 ? 133 GLN A CA  1 
ATOM   902  C  C   . GLN A 1 118 ? 13.373  -4.417  -5.309  1.00 28.46 ? 133 GLN A C   1 
ATOM   903  O  O   . GLN A 1 118 ? 14.478  -4.565  -4.791  1.00 25.64 ? 133 GLN A O   1 
ATOM   904  C  CB  . GLN A 1 118 ? 13.360  -6.271  -6.971  1.00 25.23 ? 133 GLN A CB  1 
ATOM   905  C  CG  . GLN A 1 118 ? 12.760  -7.560  -7.495  1.00 30.75 ? 133 GLN A CG  1 
ATOM   906  C  CD  . GLN A 1 118 ? 13.617  -8.181  -8.575  1.00 35.18 ? 133 GLN A CD  1 
ATOM   907  O  OE1 . GLN A 1 118 ? 14.844  -8.214  -8.465  1.00 40.27 ? 133 GLN A OE1 1 
ATOM   908  N  NE2 . GLN A 1 118 ? 12.979  -8.657  -9.635  1.00 34.36 ? 133 GLN A NE2 1 
ATOM   909  N  N   . PHE A 1 119 ? 12.808  -3.223  -5.477  1.00 22.82 ? 134 PHE A N   1 
ATOM   910  C  CA  . PHE A 1 119 ? 13.486  -1.990  -5.080  1.00 22.41 ? 134 PHE A CA  1 
ATOM   911  C  C   . PHE A 1 119 ? 12.792  -1.304  -3.908  1.00 25.45 ? 134 PHE A C   1 
ATOM   912  O  O   . PHE A 1 119 ? 13.087  -0.149  -3.586  1.00 24.86 ? 134 PHE A O   1 
ATOM   913  C  CB  . PHE A 1 119 ? 13.598  -1.049  -6.289  1.00 24.70 ? 134 PHE A CB  1 
ATOM   914  C  CG  . PHE A 1 119 ? 14.251  -1.697  -7.484  1.00 23.64 ? 134 PHE A CG  1 
ATOM   915  C  CD1 . PHE A 1 119 ? 13.487  -2.373  -8.431  1.00 24.72 ? 134 PHE A CD1 1 
ATOM   916  C  CD2 . PHE A 1 119 ? 15.636  -1.660  -7.642  1.00 29.62 ? 134 PHE A CD2 1 
ATOM   917  C  CE1 . PHE A 1 119 ? 14.080  -2.980  -9.523  1.00 26.74 ? 134 PHE A CE1 1 
ATOM   918  C  CE2 . PHE A 1 119 ? 16.238  -2.265  -8.728  1.00 24.09 ? 134 PHE A CE2 1 
ATOM   919  C  CZ  . PHE A 1 119 ? 15.459  -2.939  -9.667  1.00 27.04 ? 134 PHE A CZ  1 
ATOM   920  N  N   . GLY A 1 120 ? 11.870  -2.032  -3.281  1.00 22.69 ? 135 GLY A N   1 
ATOM   921  C  CA  . GLY A 1 120 ? 11.205  -1.580  -2.075  1.00 25.87 ? 135 GLY A CA  1 
ATOM   922  C  C   . GLY A 1 120 ? 10.219  -0.450  -2.280  1.00 25.54 ? 135 GLY A C   1 
ATOM   923  O  O   . GLY A 1 120 ? 9.754   0.144   -1.311  1.00 27.34 ? 135 GLY A O   1 
ATOM   924  N  N   . VAL A 1 121 ? 9.884   -0.151  -3.531  1.00 21.27 ? 136 VAL A N   1 
ATOM   925  C  CA  . VAL A 1 121 ? 8.946   0.938   -3.792  1.00 18.99 ? 136 VAL A CA  1 
ATOM   926  C  C   . VAL A 1 121 ? 7.703   0.457   -4.541  1.00 18.09 ? 136 VAL A C   1 
ATOM   927  O  O   . VAL A 1 121 ? 7.036   1.235   -5.237  1.00 17.61 ? 136 VAL A O   1 
ATOM   928  C  CB  . VAL A 1 121 ? 9.609   2.128   -4.511  1.00 19.51 ? 136 VAL A CB  1 
ATOM   929  C  CG1 . VAL A 1 121 ? 10.528  2.859   -3.559  1.00 21.20 ? 136 VAL A CG1 1 
ATOM   930  C  CG2 . VAL A 1 121 ? 10.377  1.659   -5.730  1.00 20.89 ? 136 VAL A CG2 1 
ATOM   931  N  N   . GLY A 1 122 ? 7.398   -0.827  -4.373  1.00 16.19 ? 137 GLY A N   1 
ATOM   932  C  CA  . GLY A 1 122 ? 6.224   -1.422  -4.985  1.00 17.74 ? 137 GLY A CA  1 
ATOM   933  C  C   . GLY A 1 122 ? 4.933   -0.702  -4.640  1.00 14.17 ? 137 GLY A C   1 
ATOM   934  O  O   . GLY A 1 122 ? 4.009   -0.682  -5.441  1.00 15.59 ? 137 GLY A O   1 
ATOM   935  N  N   . PHE A 1 123 ? 4.859   -0.114  -3.455  1.00 14.56 ? 138 PHE A N   1 
ATOM   936  C  CA  . PHE A 1 123 ? 3.669   0.662   -3.076  1.00 14.76 ? 138 PHE A CA  1 
ATOM   937  C  C   . PHE A 1 123 ? 3.231   1.631   -4.166  1.00 16.90 ? 138 PHE A C   1 
ATOM   938  O  O   . PHE A 1 123 ? 2.035   1.782   -4.417  1.00 14.12 ? 138 PHE A O   1 
ATOM   939  C  CB  . PHE A 1 123 ? 3.939   1.455   -1.796  1.00 15.40 ? 138 PHE A CB  1 
ATOM   940  C  CG  . PHE A 1 123 ? 2.874   2.482   -1.472  1.00 16.63 ? 138 PHE A CG  1 
ATOM   941  C  CD1 . PHE A 1 123 ? 1.702   2.109   -0.823  1.00 16.55 ? 138 PHE A CD1 1 
ATOM   942  C  CD2 . PHE A 1 123 ? 3.065   3.830   -1.789  1.00 16.94 ? 138 PHE A CD2 1 
ATOM   943  C  CE1 . PHE A 1 123 ? 0.717   3.067   -0.517  1.00 15.29 ? 138 PHE A CE1 1 
ATOM   944  C  CE2 . PHE A 1 123 ? 2.095   4.780   -1.490  1.00 16.65 ? 138 PHE A CE2 1 
ATOM   945  C  CZ  . PHE A 1 123 ? 0.924   4.401   -0.860  1.00 17.25 ? 138 PHE A CZ  1 
ATOM   946  N  N   . TYR A 1 124 ? 4.186   2.307   -4.802  1.00 18.82 ? 139 TYR A N   1 
ATOM   947  C  CA  . TYR A 1 124 ? 3.829   3.376   -5.734  1.00 15.73 ? 139 TYR A CA  1 
ATOM   948  C  C   . TYR A 1 124 ? 3.188   2.864   -7.019  1.00 16.70 ? 139 TYR A C   1 
ATOM   949  O  O   . TYR A 1 124 ? 2.609   3.636   -7.780  1.00 17.07 ? 139 TYR A O   1 
ATOM   950  C  CB  . TYR A 1 124 ? 5.027   4.307   -6.005  1.00 15.76 ? 139 TYR A CB  1 
ATOM   951  C  CG  . TYR A 1 124 ? 5.529   4.954   -4.733  1.00 17.10 ? 139 TYR A CG  1 
ATOM   952  C  CD1 . TYR A 1 124 ? 4.932   6.105   -4.222  1.00 18.69 ? 139 TYR A CD1 1 
ATOM   953  C  CD2 . TYR A 1 124 ? 6.578   4.384   -4.012  1.00 15.75 ? 139 TYR A CD2 1 
ATOM   954  C  CE1 . TYR A 1 124 ? 5.390   6.683   -3.028  1.00 18.92 ? 139 TYR A CE1 1 
ATOM   955  C  CE2 . TYR A 1 124 ? 7.034   4.941   -2.822  1.00 17.30 ? 139 TYR A CE2 1 
ATOM   956  C  CZ  . TYR A 1 124 ? 6.440   6.087   -2.335  1.00 17.91 ? 139 TYR A CZ  1 
ATOM   957  O  OH  . TYR A 1 124 ? 6.914   6.631   -1.154  1.00 17.92 ? 139 TYR A OH  1 
ATOM   958  N  N   . SER A 1 125 ? 3.244   1.554   -7.236  1.00 15.00 ? 140 SER A N   1 
ATOM   959  C  CA  . SER A 1 125 ? 2.554   0.957   -8.375  1.00 15.56 ? 140 SER A CA  1 
ATOM   960  C  C   . SER A 1 125 ? 1.036   1.084   -8.232  1.00 15.91 ? 140 SER A C   1 
ATOM   961  O  O   . SER A 1 125 ? 0.289   0.883   -9.190  1.00 16.38 ? 140 SER A O   1 
ATOM   962  C  CB  . SER A 1 125 ? 2.982   -0.497  -8.579  1.00 17.31 ? 140 SER A CB  1 
ATOM   963  O  OG  . SER A 1 125 ? 2.380   -1.361  -7.627  1.00 17.78 ? 140 SER A OG  1 
ATOM   964  N  N   . ALA A 1 126 ? 0.584   1.453   -7.036  1.00 16.27 ? 141 ALA A N   1 
ATOM   965  C  CA  . ALA A 1 126 ? -0.821  1.765   -6.812  1.00 13.71 ? 141 ALA A CA  1 
ATOM   966  C  C   . ALA A 1 126 ? -1.304  2.819   -7.788  1.00 16.71 ? 141 ALA A C   1 
ATOM   967  O  O   . ALA A 1 126 ? -2.481  2.832   -8.162  1.00 15.53 ? 141 ALA A O   1 
ATOM   968  C  CB  . ALA A 1 126 ? -1.028  2.255   -5.385  1.00 16.43 ? 141 ALA A CB  1 
ATOM   969  N  N   . TYR A 1 127 ? -0.398  3.712   -8.182  1.00 15.80 ? 142 TYR A N   1 
ATOM   970  C  CA  . TYR A 1 127 ? -0.767  4.801   -9.093  1.00 16.06 ? 142 TYR A CA  1 
ATOM   971  C  C   . TYR A 1 127 ? -0.944  4.375   -10.557 1.00 20.49 ? 142 TYR A C   1 
ATOM   972  O  O   . TYR A 1 127 ? -1.262  5.207   -11.409 1.00 19.29 ? 142 TYR A O   1 
ATOM   973  C  CB  . TYR A 1 127 ? 0.180   6.004   -8.930  1.00 16.03 ? 142 TYR A CB  1 
ATOM   974  C  CG  . TYR A 1 127 ? -0.041  6.666   -7.589  1.00 15.42 ? 142 TYR A CG  1 
ATOM   975  C  CD1 . TYR A 1 127 ? -1.037  7.615   -7.423  1.00 16.78 ? 142 TYR A CD1 1 
ATOM   976  C  CD2 . TYR A 1 127 ? 0.707   6.293   -6.481  1.00 16.85 ? 142 TYR A CD2 1 
ATOM   977  C  CE1 . TYR A 1 127 ? -1.269  8.200   -6.192  1.00 17.61 ? 142 TYR A CE1 1 
ATOM   978  C  CE2 . TYR A 1 127 ? 0.490   6.871   -5.248  1.00 19.70 ? 142 TYR A CE2 1 
ATOM   979  C  CZ  . TYR A 1 127 ? -0.499  7.823   -5.111  1.00 17.42 ? 142 TYR A CZ  1 
ATOM   980  O  OH  . TYR A 1 127 ? -0.726  8.379   -3.874  1.00 18.38 ? 142 TYR A OH  1 
ATOM   981  N  N   . LEU A 1 128 ? -0.761  3.085   -10.834 1.00 17.58 ? 143 LEU A N   1 
ATOM   982  C  CA  . LEU A 1 128 ? -1.111  2.520   -12.139 1.00 18.72 ? 143 LEU A CA  1 
ATOM   983  C  C   . LEU A 1 128 ? -2.626  2.490   -12.272 1.00 20.71 ? 143 LEU A C   1 
ATOM   984  O  O   . LEU A 1 128 ? -3.172  2.652   -13.361 1.00 20.78 ? 143 LEU A O   1 
ATOM   985  C  CB  . LEU A 1 128 ? -0.577  1.090   -12.269 1.00 17.08 ? 143 LEU A CB  1 
ATOM   986  C  CG  . LEU A 1 128 ? 0.929   0.893   -12.353 1.00 18.74 ? 143 LEU A CG  1 
ATOM   987  C  CD1 . LEU A 1 128 ? 1.266   -0.591  -12.305 1.00 20.42 ? 143 LEU A CD1 1 
ATOM   988  C  CD2 . LEU A 1 128 ? 1.450   1.530   -13.642 1.00 20.06 ? 143 LEU A CD2 1 
ATOM   989  N  N   . VAL A 1 129 ? -3.309  2.265   -11.156 1.00 18.27 ? 144 VAL A N   1 
ATOM   990  C  CA  . VAL A 1 129 ? -4.763  2.138   -11.200 1.00 17.88 ? 144 VAL A CA  1 
ATOM   991  C  C   . VAL A 1 129 ? -5.540  3.186   -10.405 1.00 19.28 ? 144 VAL A C   1 
ATOM   992  O  O   . VAL A 1 129 ? -6.751  3.328   -10.595 1.00 21.16 ? 144 VAL A O   1 
ATOM   993  C  CB  . VAL A 1 129 ? -5.233  0.719   -10.790 1.00 16.83 ? 144 VAL A CB  1 
ATOM   994  C  CG1 . VAL A 1 129 ? -4.625  -0.327  -11.709 1.00 20.51 ? 144 VAL A CG1 1 
ATOM   995  C  CG2 . VAL A 1 129 ? -4.888  0.417   -9.321  1.00 18.42 ? 144 VAL A CG2 1 
ATOM   996  N  N   . ALA A 1 130 ? -4.862  3.922   -9.523  1.00 18.60 ? 145 ALA A N   1 
ATOM   997  C  CA  . ALA A 1 130 ? -5.553  4.842   -8.622  1.00 15.80 ? 145 ALA A CA  1 
ATOM   998  C  C   . ALA A 1 130 ? -5.214  6.291   -8.926  1.00 19.03 ? 145 ALA A C   1 
ATOM   999  O  O   . ALA A 1 130 ? -4.053  6.614   -9.162  1.00 19.16 ? 145 ALA A O   1 
ATOM   1000 C  CB  . ALA A 1 130 ? -5.202  4.532   -7.143  1.00 17.16 ? 145 ALA A CB  1 
ATOM   1001 N  N   . GLU A 1 131 ? -6.224  7.159   -8.897  1.00 19.86 ? 146 GLU A N   1 
ATOM   1002 C  CA  . GLU A 1 131 ? -6.003  8.596   -9.064  1.00 21.97 ? 146 GLU A CA  1 
ATOM   1003 C  C   . GLU A 1 131 ? -5.608  9.208   -7.724  1.00 22.31 ? 146 GLU A C   1 
ATOM   1004 O  O   . GLU A 1 131 ? -4.974  10.253  -7.677  1.00 21.32 ? 146 GLU A O   1 
ATOM   1005 C  CB  . GLU A 1 131 ? -7.265  9.275   -9.607  1.00 20.36 ? 146 GLU A CB  1 
ATOM   1006 C  CG  . GLU A 1 131 ? -8.460  9.148   -8.681  1.00 21.92 ? 146 GLU A CG  1 
ATOM   1007 C  CD  . GLU A 1 131 ? -9.756  9.734   -9.251  1.00 34.10 ? 146 GLU A CD  1 
ATOM   1008 O  OE1 . GLU A 1 131 ? -9.767  10.191  -10.421 1.00 32.62 ? 146 GLU A OE1 1 
ATOM   1009 O  OE2 . GLU A 1 131 ? -10.771 9.722   -8.511  1.00 32.95 ? 146 GLU A OE2 1 
ATOM   1010 N  N   . LYS A 1 132 ? -6.004  8.553   -6.633  1.00 19.43 ? 147 LYS A N   1 
ATOM   1011 C  CA  . LYS A 1 132 ? -5.680  9.017   -5.277  1.00 19.76 ? 147 LYS A CA  1 
ATOM   1012 C  C   . LYS A 1 132 ? -5.528  7.787   -4.389  1.00 17.61 ? 147 LYS A C   1 
ATOM   1013 O  O   . LYS A 1 132 ? -6.243  6.798   -4.576  1.00 18.22 ? 147 LYS A O   1 
ATOM   1014 C  CB  . LYS A 1 132 ? -6.796  9.910   -4.715  1.00 19.18 ? 147 LYS A CB  1 
ATOM   1015 C  CG  . LYS A 1 132 ? -6.502  10.449  -3.324  1.00 20.23 ? 147 LYS A CG  1 
ATOM   1016 C  CD  . LYS A 1 132 ? -7.462  11.565  -2.906  1.00 22.92 ? 147 LYS A CD  1 
ATOM   1017 C  CE  . LYS A 1 132 ? -8.840  11.038  -2.557  1.00 25.21 ? 147 LYS A CE  1 
ATOM   1018 N  NZ  . LYS A 1 132 ? -9.785  12.162  -2.269  1.00 28.59 ? 147 LYS A NZ  1 
ATOM   1019 N  N   . VAL A 1 133 ? -4.578  7.835   -3.464  1.00 16.22 ? 148 VAL A N   1 
ATOM   1020 C  CA  . VAL A 1 133 ? -4.370  6.740   -2.517  1.00 15.81 ? 148 VAL A CA  1 
ATOM   1021 C  C   . VAL A 1 133 ? -4.440  7.303   -1.118  1.00 16.72 ? 148 VAL A C   1 
ATOM   1022 O  O   . VAL A 1 133 ? -3.788  8.289   -0.806  1.00 17.08 ? 148 VAL A O   1 
ATOM   1023 C  CB  . VAL A 1 133 ? -3.011  6.040   -2.720  1.00 17.08 ? 148 VAL A CB  1 
ATOM   1024 C  CG1 . VAL A 1 133 ? -2.854  4.897   -1.714  1.00 14.78 ? 148 VAL A CG1 1 
ATOM   1025 C  CG2 . VAL A 1 133 ? -2.882  5.508   -4.149  1.00 18.16 ? 148 VAL A CG2 1 
ATOM   1026 N  N   . THR A 1 134 ? -5.246  6.681   -0.267  1.00 16.34 ? 149 THR A N   1 
ATOM   1027 C  CA  . THR A 1 134 ? -5.352  7.102   1.125   1.00 14.66 ? 149 THR A CA  1 
ATOM   1028 C  C   . THR A 1 134 ? -4.858  5.933   1.953   1.00 15.91 ? 149 THR A C   1 
ATOM   1029 O  O   . THR A 1 134 ? -5.284  4.803   1.724   1.00 17.03 ? 149 THR A O   1 
ATOM   1030 C  CB  . THR A 1 134 ? -6.825  7.381   1.503   1.00 18.01 ? 149 THR A CB  1 
ATOM   1031 O  OG1 . THR A 1 134 ? -7.371  8.346   0.603   1.00 19.00 ? 149 THR A OG1 1 
ATOM   1032 C  CG2 . THR A 1 134 ? -6.933  7.908   2.930   1.00 19.85 ? 149 THR A CG2 1 
ATOM   1033 N  N   . VAL A 1 135 ? -3.929  6.182   2.875   1.00 14.76 ? 150 VAL A N   1 
ATOM   1034 C  CA  . VAL A 1 135 ? -3.408  5.110   3.721   1.00 13.36 ? 150 VAL A CA  1 
ATOM   1035 C  C   . VAL A 1 135 ? -3.751  5.380   5.167   1.00 14.46 ? 150 VAL A C   1 
ATOM   1036 O  O   . VAL A 1 135 ? -3.322  6.382   5.730   1.00 15.57 ? 150 VAL A O   1 
ATOM   1037 C  CB  . VAL A 1 135 ? -1.877  4.964   3.565   1.00 14.19 ? 150 VAL A CB  1 
ATOM   1038 C  CG1 . VAL A 1 135 ? -1.366  3.866   4.480   1.00 14.41 ? 150 VAL A CG1 1 
ATOM   1039 C  CG2 . VAL A 1 135 ? -1.539  4.618   2.132   1.00 14.54 ? 150 VAL A CG2 1 
ATOM   1040 N  N   . ILE A 1 136 ? -4.556  4.502   5.764   1.00 15.25 ? 151 ILE A N   1 
ATOM   1041 C  CA  . ILE A 1 136 ? -4.884  4.644   7.176   1.00 15.20 ? 151 ILE A CA  1 
ATOM   1042 C  C   . ILE A 1 136 ? -4.022  3.662   7.934   1.00 14.33 ? 151 ILE A C   1 
ATOM   1043 O  O   . ILE A 1 136 ? -4.003  2.487   7.602   1.00 16.82 ? 151 ILE A O   1 
ATOM   1044 C  CB  . ILE A 1 136 ? -6.349  4.292   7.479   1.00 17.81 ? 151 ILE A CB  1 
ATOM   1045 C  CG1 . ILE A 1 136 ? -7.287  4.952   6.470   1.00 21.96 ? 151 ILE A CG1 1 
ATOM   1046 C  CG2 . ILE A 1 136 ? -6.710  4.736   8.890   1.00 20.29 ? 151 ILE A CG2 1 
ATOM   1047 C  CD1 . ILE A 1 136 ? -7.266  6.442   6.522   1.00 21.77 ? 151 ILE A CD1 1 
ATOM   1048 N  N   . THR A 1 137 ? -3.320  4.116   8.962   1.00 15.30 ? 152 THR A N   1 
ATOM   1049 C  CA  . THR A 1 137 ? -2.380  3.213   9.608   1.00 15.26 ? 152 THR A CA  1 
ATOM   1050 C  C   . THR A 1 137 ? -2.278  3.452   11.110  1.00 16.94 ? 152 THR A C   1 
ATOM   1051 O  O   . THR A 1 137 ? -2.428  4.577   11.583  1.00 17.33 ? 152 THR A O   1 
ATOM   1052 C  CB  . THR A 1 137 ? -0.991  3.295   8.920   1.00 15.46 ? 152 THR A CB  1 
ATOM   1053 O  OG1 . THR A 1 137 ? -0.185  2.169   9.302   1.00 16.66 ? 152 THR A OG1 1 
ATOM   1054 C  CG2 . THR A 1 137 ? -0.294  4.616   9.264   1.00 16.17 ? 152 THR A CG2 1 
ATOM   1055 N  N   . LYS A 1 138 ? -2.042  2.373   11.846  1.00 16.45 ? 153 LYS A N   1 
ATOM   1056 C  CA  . LYS A 1 138 ? -1.928  2.422   13.301  1.00 20.08 ? 153 LYS A CA  1 
ATOM   1057 C  C   . LYS A 1 138 ? -0.835  1.475   13.769  1.00 19.47 ? 153 LYS A C   1 
ATOM   1058 O  O   . LYS A 1 138 ? -0.928  0.266   13.567  1.00 16.73 ? 153 LYS A O   1 
ATOM   1059 C  CB  . LYS A 1 138 ? -3.251  2.013   13.949  1.00 17.17 ? 153 LYS A CB  1 
ATOM   1060 C  CG  . LYS A 1 138 ? -3.178  1.855   15.481  1.00 20.72 ? 153 LYS A CG  1 
ATOM   1061 C  CD  . LYS A 1 138 ? -3.024  3.198   16.190  1.00 19.16 ? 153 LYS A CD  1 
ATOM   1062 C  CE  . LYS A 1 138 ? -3.129  3.050   17.715  1.00 23.58 ? 153 LYS A CE  1 
ATOM   1063 N  NZ  . LYS A 1 138 ? -1.942  2.361   18.313  1.00 22.13 ? 153 LYS A NZ  1 
ATOM   1064 N  N   . HIS A 1 139 ? 0.192   2.038   14.398  1.00 17.13 ? 154 HIS A N   1 
ATOM   1065 C  CA  . HIS A 1 139 ? 1.321   1.281   14.924  1.00 20.25 ? 154 HIS A CA  1 
ATOM   1066 C  C   . HIS A 1 139 ? 1.175   1.308   16.439  1.00 22.54 ? 154 HIS A C   1 
ATOM   1067 O  O   . HIS A 1 139 ? 0.621   2.264   16.985  1.00 22.35 ? 154 HIS A O   1 
ATOM   1068 C  CB  . HIS A 1 139 ? 2.611   1.990   14.498  1.00 18.68 ? 154 HIS A CB  1 
ATOM   1069 C  CG  . HIS A 1 139 ? 3.873   1.276   14.870  1.00 21.01 ? 154 HIS A CG  1 
ATOM   1070 N  ND1 . HIS A 1 139 ? 4.367   1.246   16.158  1.00 24.54 ? 154 HIS A ND1 1 
ATOM   1071 C  CD2 . HIS A 1 139 ? 4.771   0.604   14.110  1.00 21.32 ? 154 HIS A CD2 1 
ATOM   1072 C  CE1 . HIS A 1 139 ? 5.499   0.565   16.179  1.00 21.96 ? 154 HIS A CE1 1 
ATOM   1073 N  NE2 . HIS A 1 139 ? 5.765   0.162   14.949  1.00 22.10 ? 154 HIS A NE2 1 
ATOM   1074 N  N   . ASN A 1 140 ? 1.627   0.260   17.123  1.00 21.57 ? 155 ASN A N   1 
ATOM   1075 C  CA  . ASN A 1 140 ? 1.592   0.280   18.583  1.00 26.35 ? 155 ASN A CA  1 
ATOM   1076 C  C   . ASN A 1 140 ? 2.346   1.512   19.096  1.00 25.76 ? 155 ASN A C   1 
ATOM   1077 O  O   . ASN A 1 140 ? 3.345   1.923   18.502  1.00 25.85 ? 155 ASN A O   1 
ATOM   1078 C  CB  . ASN A 1 140 ? 2.212   -0.997  19.173  1.00 24.98 ? 155 ASN A CB  1 
ATOM   1079 C  CG  . ASN A 1 140 ? 1.348   -2.250  18.953  1.00 21.48 ? 155 ASN A CG  1 
ATOM   1080 O  OD1 . ASN A 1 140 ? 0.121   -2.183  18.860  1.00 25.56 ? 155 ASN A OD1 1 
ATOM   1081 N  ND2 . ASN A 1 140 ? 2.001   -3.404  18.897  1.00 23.24 ? 155 ASN A ND2 1 
ATOM   1082 N  N   . ASP A 1 141 ? 1.867   2.103   20.188  1.00 26.51 ? 156 ASP A N   1 
ATOM   1083 C  CA  . ASP A 1 141 ? 2.530   3.276   20.780  1.00 35.43 ? 156 ASP A CA  1 
ATOM   1084 C  C   . ASP A 1 141 ? 2.586   4.530   19.887  1.00 33.20 ? 156 ASP A C   1 
ATOM   1085 O  O   . ASP A 1 141 ? 3.409   5.420   20.114  1.00 33.45 ? 156 ASP A O   1 
ATOM   1086 C  CB  . ASP A 1 141 ? 3.951   2.933   21.260  1.00 35.18 ? 156 ASP A CB  1 
ATOM   1087 C  CG  . ASP A 1 141 ? 4.039   1.568   21.908  1.00 40.19 ? 156 ASP A CG  1 
ATOM   1088 O  OD1 . ASP A 1 141 ? 3.454   1.390   22.995  1.00 39.74 ? 156 ASP A OD1 1 
ATOM   1089 O  OD2 . ASP A 1 141 ? 4.706   0.679   21.331  1.00 43.00 ? 156 ASP A OD2 1 
ATOM   1090 N  N   . ASP A 1 142 ? 1.734   4.603   18.870  1.00 29.72 ? 157 ASP A N   1 
ATOM   1091 C  CA  . ASP A 1 142 ? 1.530   5.866   18.155  1.00 26.67 ? 157 ASP A CA  1 
ATOM   1092 C  C   . ASP A 1 142 ? 0.053   5.970   17.821  1.00 26.33 ? 157 ASP A C   1 
ATOM   1093 O  O   . ASP A 1 142 ? -0.699  5.016   18.048  1.00 24.78 ? 157 ASP A O   1 
ATOM   1094 C  CB  . ASP A 1 142 ? 2.388   5.953   16.886  1.00 26.38 ? 157 ASP A CB  1 
ATOM   1095 C  CG  . ASP A 1 142 ? 2.719   7.392   16.491  1.00 28.08 ? 157 ASP A CG  1 
ATOM   1096 O  OD1 . ASP A 1 142 ? 2.040   8.334   16.962  1.00 26.58 ? 157 ASP A OD1 1 
ATOM   1097 O  OD2 . ASP A 1 142 ? 3.660   7.594   15.689  1.00 28.52 ? 157 ASP A OD2 1 
ATOM   1098 N  N   . GLU A 1 143 ? -0.356  7.122   17.291  1.00 25.03 ? 158 GLU A N   1 
ATOM   1099 C  CA  . GLU A 1 143 ? -1.753  7.388   16.958  1.00 25.80 ? 158 GLU A CA  1 
ATOM   1100 C  C   . GLU A 1 143 ? -2.139  6.800   15.608  1.00 21.71 ? 158 GLU A C   1 
ATOM   1101 O  O   . GLU A 1 143 ? -1.276  6.380   14.835  1.00 23.53 ? 158 GLU A O   1 
ATOM   1102 C  CB  . GLU A 1 143 ? -1.990  8.901   16.917  1.00 28.05 ? 158 GLU A CB  1 
ATOM   1103 C  CG  . GLU A 1 143 ? -1.645  9.600   18.216  1.00 34.52 ? 158 GLU A CG  1 
ATOM   1104 C  CD  . GLU A 1 143 ? -2.371  8.985   19.385  1.00 40.55 ? 158 GLU A CD  1 
ATOM   1105 O  OE1 . GLU A 1 143 ? -3.618  8.922   19.336  1.00 43.09 ? 158 GLU A OE1 1 
ATOM   1106 O  OE2 . GLU A 1 143 ? -1.700  8.543   20.345  1.00 47.30 ? 158 GLU A OE2 1 
ATOM   1107 N  N   . GLN A 1 144 ? -3.435  6.781   15.316  1.00 19.88 ? 159 GLN A N   1 
ATOM   1108 C  CA  . GLN A 1 144 ? -3.894  6.366   13.993  1.00 20.04 ? 159 GLN A CA  1 
ATOM   1109 C  C   . GLN A 1 144 ? -3.765  7.563   13.059  1.00 22.94 ? 159 GLN A C   1 
ATOM   1110 O  O   . GLN A 1 144 ? -4.213  8.666   13.396  1.00 24.73 ? 159 GLN A O   1 
ATOM   1111 C  CB  . GLN A 1 144 ? -5.348  5.891   14.072  1.00 21.53 ? 159 GLN A CB  1 
ATOM   1112 C  CG  . GLN A 1 144 ? -5.907  5.309   12.784  1.00 19.64 ? 159 GLN A CG  1 
ATOM   1113 C  CD  . GLN A 1 144 ? -7.126  4.434   13.036  1.00 25.36 ? 159 GLN A CD  1 
ATOM   1114 O  OE1 . GLN A 1 144 ? -7.088  3.530   13.873  1.00 26.31 ? 159 GLN A OE1 1 
ATOM   1115 N  NE2 . GLN A 1 144 ? -8.206  4.693   12.309  1.00 25.26 ? 159 GLN A NE2 1 
ATOM   1116 N  N   . TYR A 1 145 ? -3.136  7.365   11.899  1.00 18.02 ? 160 TYR A N   1 
ATOM   1117 C  CA  . TYR A 1 145 ? -2.941  8.463   10.947  1.00 17.39 ? 160 TYR A CA  1 
ATOM   1118 C  C   . TYR A 1 145 ? -3.568  8.159   9.609   1.00 18.62 ? 160 TYR A C   1 
ATOM   1119 O  O   . TYR A 1 145 ? -3.729  6.993   9.245   1.00 16.51 ? 160 TYR A O   1 
ATOM   1120 C  CB  . TYR A 1 145 ? -1.444  8.718   10.722  1.00 16.90 ? 160 TYR A CB  1 
ATOM   1121 C  CG  . TYR A 1 145 ? -0.742  9.158   11.969  1.00 20.33 ? 160 TYR A CG  1 
ATOM   1122 C  CD1 . TYR A 1 145 ? -0.845  10.466  12.414  1.00 22.70 ? 160 TYR A CD1 1 
ATOM   1123 C  CD2 . TYR A 1 145 ? 0.016   8.266   12.707  1.00 21.74 ? 160 TYR A CD2 1 
ATOM   1124 C  CE1 . TYR A 1 145 ? -0.205  10.876  13.569  1.00 24.15 ? 160 TYR A CE1 1 
ATOM   1125 C  CE2 . TYR A 1 145 ? 0.651   8.659   13.870  1.00 22.87 ? 160 TYR A CE2 1 
ATOM   1126 C  CZ  . TYR A 1 145 ? 0.535   9.961   14.293  1.00 24.58 ? 160 TYR A CZ  1 
ATOM   1127 O  OH  . TYR A 1 145 ? 1.177   10.345  15.441  1.00 27.41 ? 160 TYR A OH  1 
ATOM   1128 N  N   . ALA A 1 146 ? -3.907  9.219   8.877   1.00 16.24 ? 161 ALA A N   1 
ATOM   1129 C  CA  . ALA A 1 146 ? -4.341  9.101   7.491   1.00 17.14 ? 161 ALA A CA  1 
ATOM   1130 C  C   . ALA A 1 146 ? -3.331  9.842   6.643   1.00 18.62 ? 161 ALA A C   1 
ATOM   1131 O  O   . ALA A 1 146 ? -3.164  11.056  6.813   1.00 17.38 ? 161 ALA A O   1 
ATOM   1132 C  CB  . ALA A 1 146 ? -5.718  9.715   7.304   1.00 18.25 ? 161 ALA A CB  1 
ATOM   1133 N  N   . TRP A 1 147 ? -2.658  9.114   5.749   1.00 15.28 ? 162 TRP A N   1 
ATOM   1134 C  CA  . TRP A 1 147 ? -1.748  9.675   4.745   1.00 15.79 ? 162 TRP A CA  1 
ATOM   1135 C  C   . TRP A 1 147 ? -2.526  9.710   3.441   1.00 15.83 ? 162 TRP A C   1 
ATOM   1136 O  O   . TRP A 1 147 ? -3.335  8.823   3.176   1.00 16.36 ? 162 TRP A O   1 
ATOM   1137 C  CB  . TRP A 1 147 ? -0.552  8.720   4.613   1.00 15.68 ? 162 TRP A CB  1 
ATOM   1138 C  CG  . TRP A 1 147 ? 0.481   9.019   3.545   1.00 15.37 ? 162 TRP A CG  1 
ATOM   1139 C  CD1 . TRP A 1 147 ? 1.717   9.567   3.738   1.00 17.00 ? 162 TRP A CD1 1 
ATOM   1140 C  CD2 . TRP A 1 147 ? 0.393   8.707   2.142   1.00 15.29 ? 162 TRP A CD2 1 
ATOM   1141 N  NE1 . TRP A 1 147 ? 2.393   9.641   2.535   1.00 16.62 ? 162 TRP A NE1 1 
ATOM   1142 C  CE2 . TRP A 1 147 ? 1.601   9.120   1.547   1.00 15.60 ? 162 TRP A CE2 1 
ATOM   1143 C  CE3 . TRP A 1 147 ? -0.605  8.130   1.336   1.00 14.40 ? 162 TRP A CE3 1 
ATOM   1144 C  CZ2 . TRP A 1 147 ? 1.844   8.981   0.170   1.00 17.69 ? 162 TRP A CZ2 1 
ATOM   1145 C  CZ3 . TRP A 1 147 ? -0.361  7.985   -0.027  1.00 15.37 ? 162 TRP A CZ3 1 
ATOM   1146 C  CH2 . TRP A 1 147 ? 0.857   8.404   -0.595  1.00 16.39 ? 162 TRP A CH2 1 
ATOM   1147 N  N   . GLU A 1 148 ? -2.306  10.717  2.603   1.00 15.54 ? 163 GLU A N   1 
ATOM   1148 C  CA  . GLU A 1 148 ? -3.034  10.745  1.342   1.00 16.01 ? 163 GLU A CA  1 
ATOM   1149 C  C   . GLU A 1 148 ? -2.271  11.492  0.281   1.00 17.67 ? 163 GLU A C   1 
ATOM   1150 O  O   . GLU A 1 148 ? -1.640  12.510  0.564   1.00 17.96 ? 163 GLU A O   1 
ATOM   1151 C  CB  . GLU A 1 148 ? -4.404  11.392  1.543   1.00 20.18 ? 163 GLU A CB  1 
ATOM   1152 C  CG  . GLU A 1 148 ? -5.304  11.343  0.341   1.00 21.59 ? 163 GLU A CG  1 
ATOM   1153 C  CD  . GLU A 1 148 ? -6.714  11.779  0.678   1.00 27.49 ? 163 GLU A CD  1 
ATOM   1154 O  OE1 . GLU A 1 148 ? -6.936  13.003  0.805   1.00 24.77 ? 163 GLU A OE1 1 
ATOM   1155 O  OE2 . GLU A 1 148 ? -7.590  10.901  0.829   1.00 22.12 ? 163 GLU A OE2 1 
ATOM   1156 N  N   . SER A 1 149 ? -2.321  10.994  -0.947  1.00 15.52 ? 164 SER A N   1 
ATOM   1157 C  CA  . SER A 1 149 ? -1.696  11.740  -2.041  1.00 17.43 ? 164 SER A CA  1 
ATOM   1158 C  C   . SER A 1 149 ? -2.369  11.458  -3.373  1.00 20.89 ? 164 SER A C   1 
ATOM   1159 O  O   . SER A 1 149 ? -2.708  10.312  -3.677  1.00 17.87 ? 164 SER A O   1 
ATOM   1160 C  CB  . SER A 1 149 ? -0.207  11.410  -2.130  1.00 17.86 ? 164 SER A CB  1 
ATOM   1161 O  OG  . SER A 1 149 ? 0.399   12.150  -3.183  1.00 17.95 ? 164 SER A OG  1 
ATOM   1162 N  N   . SER A 1 150 ? -2.576  12.503  -4.169  1.00 18.37 ? 165 SER A N   1 
ATOM   1163 C  CA  . SER A 1 150 ? -3.031  12.304  -5.541  1.00 20.77 ? 165 SER A CA  1 
ATOM   1164 C  C   . SER A 1 150 ? -1.872  12.562  -6.494  1.00 22.62 ? 165 SER A C   1 
ATOM   1165 O  O   . SER A 1 150 ? -2.078  12.915  -7.664  1.00 23.28 ? 165 SER A O   1 
ATOM   1166 C  CB  . SER A 1 150 ? -4.218  13.209  -5.872  1.00 21.60 ? 165 SER A CB  1 
ATOM   1167 O  OG  . SER A 1 150 ? -5.311  12.957  -5.008  1.00 22.48 ? 165 SER A OG  1 
ATOM   1168 N  N   . ALA A 1 151 ? -0.661  12.347  -5.980  1.00 19.84 ? 166 ALA A N   1 
ATOM   1169 C  CA  . ALA A 1 151 ? 0.587   12.687  -6.650  1.00 22.11 ? 166 ALA A CA  1 
ATOM   1170 C  C   . ALA A 1 151 ? 0.631   14.195  -6.841  1.00 23.26 ? 166 ALA A C   1 
ATOM   1171 O  O   . ALA A 1 151 ? 0.127   14.936  -5.996  1.00 23.91 ? 166 ALA A O   1 
ATOM   1172 C  CB  . ALA A 1 151 ? 0.736   11.941  -7.972  1.00 23.67 ? 166 ALA A CB  1 
ATOM   1173 N  N   . GLY A 1 152 ? 1.223   14.663  -7.929  1.00 26.25 ? 167 GLY A N   1 
ATOM   1174 C  CA  . GLY A 1 152 ? 1.351   16.095  -8.111  1.00 23.28 ? 167 GLY A CA  1 
ATOM   1175 C  C   . GLY A 1 152 ? 2.375   16.700  -7.167  1.00 22.08 ? 167 GLY A C   1 
ATOM   1176 O  O   . GLY A 1 152 ? 2.452   17.923  -7.024  1.00 28.67 ? 167 GLY A O   1 
ATOM   1177 N  N   . GLY A 1 153 ? 3.154   15.844  -6.509  1.00 18.96 ? 168 GLY A N   1 
ATOM   1178 C  CA  . GLY A 1 153 ? 4.306   16.289  -5.753  1.00 20.73 ? 168 GLY A CA  1 
ATOM   1179 C  C   . GLY A 1 153 ? 4.091   16.538  -4.268  1.00 19.90 ? 168 GLY A C   1 
ATOM   1180 O  O   . GLY A 1 153 ? 5.026   16.965  -3.583  1.00 20.94 ? 168 GLY A O   1 
ATOM   1181 N  N   . SER A 1 154 ? 2.887   16.272  -3.760  1.00 16.39 ? 169 SER A N   1 
ATOM   1182 C  CA  . SER A 1 154 ? 2.630   16.496  -2.337  1.00 16.45 ? 169 SER A CA  1 
ATOM   1183 C  C   . SER A 1 154 ? 1.818   15.367  -1.739  1.00 15.93 ? 169 SER A C   1 
ATOM   1184 O  O   . SER A 1 154 ? 1.125   14.639  -2.456  1.00 17.32 ? 169 SER A O   1 
ATOM   1185 C  CB  . SER A 1 154 ? 1.910   17.822  -2.097  1.00 15.80 ? 169 SER A CB  1 
ATOM   1186 O  OG  . SER A 1 154 ? 0.607   17.835  -2.639  1.00 18.32 ? 169 SER A OG  1 
ATOM   1187 N  N   . PHE A 1 155 ? 1.913   15.235  -0.421  1.00 14.94 ? 170 PHE A N   1 
ATOM   1188 C  CA  . PHE A 1 155 ? 1.015   14.353  0.320   1.00 15.61 ? 170 PHE A CA  1 
ATOM   1189 C  C   . PHE A 1 155 ? 0.575   15.016  1.613   1.00 16.54 ? 170 PHE A C   1 
ATOM   1190 O  O   . PHE A 1 155 ? 1.218   15.951  2.084   1.00 17.20 ? 170 PHE A O   1 
ATOM   1191 C  CB  . PHE A 1 155 ? 1.684   13.011  0.618   1.00 16.11 ? 170 PHE A CB  1 
ATOM   1192 C  CG  . PHE A 1 155 ? 2.910   13.095  1.496   1.00 18.71 ? 170 PHE A CG  1 
ATOM   1193 C  CD1 . PHE A 1 155 ? 2.820   12.887  2.872   1.00 16.15 ? 170 PHE A CD1 1 
ATOM   1194 C  CD2 . PHE A 1 155 ? 4.162   13.337  0.942   1.00 18.06 ? 170 PHE A CD2 1 
ATOM   1195 C  CE1 . PHE A 1 155 ? 3.960   12.938  3.680   1.00 17.71 ? 170 PHE A CE1 1 
ATOM   1196 C  CE2 . PHE A 1 155 ? 5.307   13.390  1.743   1.00 20.41 ? 170 PHE A CE2 1 
ATOM   1197 C  CZ  . PHE A 1 155 ? 5.210   13.186  3.107   1.00 17.99 ? 170 PHE A CZ  1 
ATOM   1198 N  N   . THR A 1 156 ? -0.521  14.534  2.191   1.00 16.81 ? 171 THR A N   1 
ATOM   1199 C  CA  . THR A 1 156 ? -0.954  15.067  3.476   1.00 16.28 ? 171 THR A CA  1 
ATOM   1200 C  C   . THR A 1 156 ? -0.892  13.993  4.553   1.00 18.19 ? 171 THR A C   1 
ATOM   1201 O  O   . THR A 1 156 ? -1.016  12.798  4.261   1.00 14.96 ? 171 THR A O   1 
ATOM   1202 C  CB  . THR A 1 156 ? -2.374  15.608  3.410   1.00 19.47 ? 171 THR A CB  1 
ATOM   1203 O  OG1 . THR A 1 156 ? -3.262  14.555  3.016   1.00 17.60 ? 171 THR A OG1 1 
ATOM   1204 C  CG2 . THR A 1 156 ? -2.464  16.759  2.408   1.00 20.60 ? 171 THR A CG2 1 
ATOM   1205 N  N   . VAL A 1 157 ? -0.692  14.416  5.798   1.00 16.78 ? 172 VAL A N   1 
ATOM   1206 C  CA  . VAL A 1 157 ? -0.829  13.502  6.936   1.00 16.75 ? 172 VAL A CA  1 
ATOM   1207 C  C   . VAL A 1 157 ? -1.725  14.187  7.962   1.00 20.84 ? 172 VAL A C   1 
ATOM   1208 O  O   . VAL A 1 157 ? -1.548  15.375  8.240   1.00 19.77 ? 172 VAL A O   1 
ATOM   1209 C  CB  . VAL A 1 157 ? 0.527   13.178  7.587   1.00 17.84 ? 172 VAL A CB  1 
ATOM   1210 C  CG1 . VAL A 1 157 ? 0.323   12.327  8.845   1.00 23.79 ? 172 VAL A CG1 1 
ATOM   1211 C  CG2 . VAL A 1 157 ? 1.427   12.443  6.632   1.00 17.25 ? 172 VAL A CG2 1 
ATOM   1212 N  N   . ARG A 1 158 ? -2.693  13.451  8.510   1.00 20.43 ? 173 ARG A N   1 
ATOM   1213 C  CA  . ARG A 1 158 ? -3.518  13.973  9.590   1.00 21.61 ? 173 ARG A CA  1 
ATOM   1214 C  C   . ARG A 1 158 ? -3.785  12.867  10.595  1.00 24.35 ? 173 ARG A C   1 
ATOM   1215 O  O   . ARG A 1 158 ? -3.672  11.685  10.267  1.00 21.17 ? 173 ARG A O   1 
ATOM   1216 C  CB  . ARG A 1 158 ? -4.841  14.551  9.057   1.00 24.27 ? 173 ARG A CB  1 
ATOM   1217 C  CG  . ARG A 1 158 ? -5.825  13.520  8.491   1.00 26.99 ? 173 ARG A CG  1 
ATOM   1218 C  CD  . ARG A 1 158 ? -6.863  14.179  7.571   1.00 36.31 ? 173 ARG A CD  1 
ATOM   1219 N  NE  . ARG A 1 158 ? -6.282  14.547  6.274   1.00 36.41 ? 173 ARG A NE  1 
ATOM   1220 C  CZ  . ARG A 1 158 ? -6.924  15.216  5.312   1.00 40.20 ? 173 ARG A CZ  1 
ATOM   1221 N  NH1 . ARG A 1 158 ? -8.180  15.611  5.483   1.00 36.58 ? 173 ARG A NH1 1 
ATOM   1222 N  NH2 . ARG A 1 158 ? -6.306  15.493  4.173   1.00 40.07 ? 173 ARG A NH2 1 
ATOM   1223 N  N   . THR A 1 159 ? -4.116  13.250  11.826  1.00 24.03 ? 174 THR A N   1 
ATOM   1224 C  CA  . THR A 1 159 ? -4.624  12.289  12.801  1.00 23.77 ? 174 THR A CA  1 
ATOM   1225 C  C   . THR A 1 159 ? -6.001  11.809  12.330  1.00 29.54 ? 174 THR A C   1 
ATOM   1226 O  O   . THR A 1 159 ? -6.842  12.622  11.924  1.00 27.05 ? 174 THR A O   1 
ATOM   1227 C  CB  . THR A 1 159 ? -4.700  12.925  14.200  1.00 27.26 ? 174 THR A CB  1 
ATOM   1228 O  OG1 . THR A 1 159 ? -3.378  13.283  14.623  1.00 31.78 ? 174 THR A OG1 1 
ATOM   1229 C  CG2 . THR A 1 159 ? -5.276  11.947  15.193  1.00 31.41 ? 174 THR A CG2 1 
ATOM   1230 N  N   . ASP A 1 160 ? -6.231  10.494  12.352  1.00 24.76 ? 175 ASP A N   1 
ATOM   1231 C  CA  . ASP A 1 160 ? -7.449  9.941   11.772  1.00 29.25 ? 175 ASP A CA  1 
ATOM   1232 C  C   . ASP A 1 160 ? -8.553  9.800   12.811  1.00 31.35 ? 175 ASP A C   1 
ATOM   1233 O  O   . ASP A 1 160 ? -8.330  9.241   13.883  1.00 33.11 ? 175 ASP A O   1 
ATOM   1234 C  CB  . ASP A 1 160 ? -7.193  8.576   11.140  1.00 27.47 ? 175 ASP A CB  1 
ATOM   1235 C  CG  . ASP A 1 160 ? -8.438  7.997   10.493  1.00 30.89 ? 175 ASP A CG  1 
ATOM   1236 O  OD1 . ASP A 1 160 ? -9.177  8.753   9.822   1.00 36.82 ? 175 ASP A OD1 1 
ATOM   1237 O  OD2 . ASP A 1 160 ? -8.689  6.784   10.661  1.00 29.29 ? 175 ASP A OD2 1 
ATOM   1238 N  N   . THR A 1 161 ? -9.741  10.280  12.462  1.00 34.89 ? 176 THR A N   1 
ATOM   1239 C  CA  . THR A 1 161 ? -10.892 10.249  13.359  1.00 42.17 ? 176 THR A CA  1 
ATOM   1240 C  C   . THR A 1 161 ? -11.914 9.178   12.980  1.00 42.46 ? 176 THR A C   1 
ATOM   1241 O  O   . THR A 1 161 ? -12.991 9.102   13.577  1.00 46.84 ? 176 THR A O   1 
ATOM   1242 C  CB  . THR A 1 161 ? -11.601 11.613  13.393  1.00 44.38 ? 176 THR A CB  1 
ATOM   1243 O  OG1 . THR A 1 161 ? -11.705 12.127  12.057  1.00 45.64 ? 176 THR A OG1 1 
ATOM   1244 C  CG2 . THR A 1 161 ? -10.824 12.595  14.261  1.00 40.12 ? 176 THR A CG2 1 
ATOM   1245 N  N   . GLY A 1 162 ? -11.577 8.355   11.990  1.00 39.56 ? 177 GLY A N   1 
ATOM   1246 C  CA  . GLY A 1 162 ? -12.468 7.294   11.552  1.00 39.16 ? 177 GLY A CA  1 
ATOM   1247 C  C   . GLY A 1 162 ? -12.523 6.146   12.544  1.00 36.21 ? 177 GLY A C   1 
ATOM   1248 O  O   . GLY A 1 162 ? -12.072 6.269   13.686  1.00 37.68 ? 177 GLY A O   1 
ATOM   1249 N  N   . GLU A 1 163 ? -13.086 5.026   12.108  1.00 37.91 ? 178 GLU A N   1 
ATOM   1250 C  CA  . GLU A 1 163 ? -13.175 3.834   12.941  1.00 36.21 ? 178 GLU A CA  1 
ATOM   1251 C  C   . GLU A 1 163 ? -11.771 3.381   13.353  1.00 34.02 ? 178 GLU A C   1 
ATOM   1252 O  O   . GLU A 1 163 ? -10.917 3.155   12.490  1.00 30.40 ? 178 GLU A O   1 
ATOM   1253 C  CB  . GLU A 1 163 ? -13.882 2.726   12.156  1.00 34.91 ? 178 GLU A CB  1 
ATOM   1254 C  CG  . GLU A 1 163 ? -14.371 1.546   12.986  1.00 38.34 ? 178 GLU A CG  1 
ATOM   1255 C  CD  . GLU A 1 163 ? -15.573 1.886   13.858  1.00 36.43 ? 178 GLU A CD  1 
ATOM   1256 O  OE1 . GLU A 1 163 ? -15.749 1.226   14.903  1.00 37.05 ? 178 GLU A OE1 1 
ATOM   1257 O  OE2 . GLU A 1 163 ? -16.340 2.807   13.499  1.00 36.11 ? 178 GLU A OE2 1 
ATOM   1258 N  N   . PRO A 1 164 ? -11.519 3.277   14.671  1.00 31.32 ? 179 PRO A N   1 
ATOM   1259 C  CA  . PRO A 1 164 ? -10.230 2.796   15.182  1.00 31.48 ? 179 PRO A CA  1 
ATOM   1260 C  C   . PRO A 1 164 ? -9.918  1.399   14.650  1.00 31.86 ? 179 PRO A C   1 
ATOM   1261 O  O   . PRO A 1 164 ? -10.818 0.553   14.635  1.00 30.39 ? 179 PRO A O   1 
ATOM   1262 C  CB  . PRO A 1 164 ? -10.456 2.743   16.698  1.00 30.79 ? 179 PRO A CB  1 
ATOM   1263 C  CG  . PRO A 1 164 ? -11.521 3.754   16.957  1.00 32.71 ? 179 PRO A CG  1 
ATOM   1264 C  CD  . PRO A 1 164 ? -12.434 3.664   15.763  1.00 34.95 ? 179 PRO A CD  1 
ATOM   1265 N  N   . MET A 1 165 ? -8.674  1.165   14.225  1.00 22.92 ? 180 MET A N   1 
ATOM   1266 C  CA  . MET A 1 165 ? -8.288  -0.096  13.597  1.00 25.67 ? 180 MET A CA  1 
ATOM   1267 C  C   . MET A 1 165 ? -7.617  -1.107  14.511  1.00 28.50 ? 180 MET A C   1 
ATOM   1268 O  O   . MET A 1 165 ? -7.446  -2.266  14.125  1.00 32.59 ? 180 MET A O   1 
ATOM   1269 C  CB  . MET A 1 165 ? -7.311  0.169   12.462  1.00 27.12 ? 180 MET A CB  1 
ATOM   1270 C  CG  . MET A 1 165 ? -7.858  0.969   11.335  1.00 32.31 ? 180 MET A CG  1 
ATOM   1271 S  SD  . MET A 1 165 ? -6.457  1.475   10.332  1.00 35.00 ? 180 MET A SD  1 
ATOM   1272 C  CE  . MET A 1 165 ? -5.613  -0.087  10.125  1.00 27.61 ? 180 MET A CE  1 
ATOM   1273 N  N   . GLY A 1 166 ? -7.198  -0.676  15.694  1.00 27.11 ? 181 GLY A N   1 
ATOM   1274 C  CA  . GLY A 1 166 ? -6.476  -1.565  16.591  1.00 25.60 ? 181 GLY A CA  1 
ATOM   1275 C  C   . GLY A 1 166 ? -4.987  -1.561  16.287  1.00 22.02 ? 181 GLY A C   1 
ATOM   1276 O  O   . GLY A 1 166 ? -4.181  -1.079  17.091  1.00 21.83 ? 181 GLY A O   1 
ATOM   1277 N  N   . ARG A 1 167 ? -4.630  -2.101  15.121  1.00 22.49 ? 182 ARG A N   1 
ATOM   1278 C  CA  . ARG A 1 167 ? -3.251  -2.106  14.626  1.00 18.35 ? 182 ARG A CA  1 
ATOM   1279 C  C   . ARG A 1 167 ? -3.279  -2.554  13.172  1.00 17.15 ? 182 ARG A C   1 
ATOM   1280 O  O   . ARG A 1 167 ? -4.041  -3.454  12.808  1.00 18.32 ? 182 ARG A O   1 
ATOM   1281 C  CB  . ARG A 1 167 ? -2.366  -3.071  15.428  1.00 19.90 ? 182 ARG A CB  1 
ATOM   1282 C  CG  . ARG A 1 167 ? -0.890  -3.050  15.011  1.00 17.16 ? 182 ARG A CG  1 
ATOM   1283 C  CD  . ARG A 1 167 ? -0.134  -4.318  15.465  1.00 16.68 ? 182 ARG A CD  1 
ATOM   1284 N  NE  . ARG A 1 167 ? -0.679  -5.526  14.829  1.00 18.12 ? 182 ARG A NE  1 
ATOM   1285 C  CZ  . ARG A 1 167 ? -1.383  -6.462  15.458  1.00 19.10 ? 182 ARG A CZ  1 
ATOM   1286 N  NH1 . ARG A 1 167 ? -1.642  -6.355  16.761  1.00 21.74 ? 182 ARG A NH1 1 
ATOM   1287 N  NH2 . ARG A 1 167 ? -1.839  -7.515  14.789  1.00 20.34 ? 182 ARG A NH2 1 
ATOM   1288 N  N   . GLY A 1 168 ? -2.459  -1.929  12.335  1.00 17.94 ? 183 GLY A N   1 
ATOM   1289 C  CA  . GLY A 1 168 ? -2.391  -2.350  10.947  1.00 16.29 ? 183 GLY A CA  1 
ATOM   1290 C  C   . GLY A 1 168 ? -2.428  -1.199  9.968   1.00 17.43 ? 183 GLY A C   1 
ATOM   1291 O  O   . GLY A 1 168 ? -2.261  -0.034  10.342  1.00 16.17 ? 183 GLY A O   1 
ATOM   1292 N  N   . THR A 1 169 ? -2.678  -1.539  8.709   1.00 17.68 ? 184 THR A N   1 
ATOM   1293 C  CA  . THR A 1 169 ? -2.663  -0.565  7.628   1.00 17.46 ? 184 THR A CA  1 
ATOM   1294 C  C   . THR A 1 169 ? -3.794  -0.855  6.650   1.00 16.26 ? 184 THR A C   1 
ATOM   1295 O  O   . THR A 1 169 ? -4.044  -2.015  6.298   1.00 16.51 ? 184 THR A O   1 
ATOM   1296 C  CB  . THR A 1 169 ? -1.301  -0.609  6.902   1.00 15.21 ? 184 THR A CB  1 
ATOM   1297 O  OG1 . THR A 1 169 ? -0.267  -0.292  7.841   1.00 15.82 ? 184 THR A OG1 1 
ATOM   1298 C  CG2 . THR A 1 169 ? -1.239  0.390   5.743   1.00 13.37 ? 184 THR A CG2 1 
ATOM   1299 N  N   . LYS A 1 170 ? -4.492  0.201   6.236   1.00 14.80 ? 185 LYS A N   1 
ATOM   1300 C  CA  . LYS A 1 170 ? -5.461  0.111   5.151   1.00 15.28 ? 185 LYS A CA  1 
ATOM   1301 C  C   . LYS A 1 170 ? -4.980  0.960   3.990   1.00 15.17 ? 185 LYS A C   1 
ATOM   1302 O  O   . LYS A 1 170 ? -4.760  2.158   4.159   1.00 16.85 ? 185 LYS A O   1 
ATOM   1303 C  CB  . LYS A 1 170 ? -6.827  0.672   5.580   1.00 15.84 ? 185 LYS A CB  1 
ATOM   1304 C  CG  . LYS A 1 170 ? -7.577  -0.066  6.664   1.00 25.12 ? 185 LYS A CG  1 
ATOM   1305 C  CD  . LYS A 1 170 ? -8.993  0.527   6.704   1.00 27.39 ? 185 LYS A CD  1 
ATOM   1306 C  CE  . LYS A 1 170 ? -9.753  0.228   7.979   1.00 36.45 ? 185 LYS A CE  1 
ATOM   1307 N  NZ  . LYS A 1 170 ? -11.073 0.926   7.932   1.00 36.55 ? 185 LYS A NZ  1 
ATOM   1308 N  N   . VAL A 1 171 ? -4.809  0.353   2.819   1.00 14.35 ? 186 VAL A N   1 
ATOM   1309 C  CA  . VAL A 1 171 ? -4.489  1.122   1.620   1.00 13.73 ? 186 VAL A CA  1 
ATOM   1310 C  C   . VAL A 1 171 ? -5.743  1.260   0.773   1.00 14.23 ? 186 VAL A C   1 
ATOM   1311 O  O   . VAL A 1 171 ? -6.265  0.276   0.247   1.00 15.69 ? 186 VAL A O   1 
ATOM   1312 C  CB  . VAL A 1 171 ? -3.359  0.465   0.832   1.00 14.98 ? 186 VAL A CB  1 
ATOM   1313 C  CG1 . VAL A 1 171 ? -2.987  1.325   -0.379  1.00 14.86 ? 186 VAL A CG1 1 
ATOM   1314 C  CG2 . VAL A 1 171 ? -2.150  0.289   1.743   1.00 15.40 ? 186 VAL A CG2 1 
ATOM   1315 N  N   . ILE A 1 172 ? -6.245  2.484   0.670   1.00 15.36 ? 187 ILE A N   1 
ATOM   1316 C  CA  . ILE A 1 172 ? -7.504  2.734   -0.028  1.00 16.43 ? 187 ILE A CA  1 
ATOM   1317 C  C   . ILE A 1 172 ? -7.208  3.295   -1.410  1.00 16.39 ? 187 ILE A C   1 
ATOM   1318 O  O   . ILE A 1 172 ? -6.676  4.407   -1.541  1.00 17.70 ? 187 ILE A O   1 
ATOM   1319 C  CB  . ILE A 1 172 ? -8.383  3.734   0.740   1.00 16.26 ? 187 ILE A CB  1 
ATOM   1320 C  CG1 . ILE A 1 172 ? -8.664  3.227   2.165   1.00 16.09 ? 187 ILE A CG1 1 
ATOM   1321 C  CG2 . ILE A 1 172 ? -9.695  3.965   -0.009  1.00 18.88 ? 187 ILE A CG2 1 
ATOM   1322 C  CD1 . ILE A 1 172 ? -9.208  4.307   3.094   1.00 19.75 ? 187 ILE A CD1 1 
ATOM   1323 N  N   . LEU A 1 173 ? -7.546  2.529   -2.447  1.00 14.27 ? 188 LEU A N   1 
ATOM   1324 C  CA  . LEU A 1 173 ? -7.256  2.948   -3.812  1.00 14.82 ? 188 LEU A CA  1 
ATOM   1325 C  C   . LEU A 1 173 ? -8.498  3.566   -4.427  1.00 19.97 ? 188 LEU A C   1 
ATOM   1326 O  O   . LEU A 1 173 ? -9.465  2.855   -4.701  1.00 16.36 ? 188 LEU A O   1 
ATOM   1327 C  CB  . LEU A 1 173 ? -6.856  1.743   -4.666  1.00 16.03 ? 188 LEU A CB  1 
ATOM   1328 C  CG  . LEU A 1 173 ? -5.688  0.935   -4.116  1.00 15.38 ? 188 LEU A CG  1 
ATOM   1329 C  CD1 . LEU A 1 173 ? -5.467  -0.301  -4.975  1.00 19.31 ? 188 LEU A CD1 1 
ATOM   1330 C  CD2 . LEU A 1 173 ? -4.439  1.784   -4.078  1.00 16.74 ? 188 LEU A CD2 1 
ATOM   1331 N  N   . HIS A 1 174 ? -8.474  4.876   -4.648  1.00 17.48 ? 189 HIS A N   1 
ATOM   1332 C  CA  . HIS A 1 174 ? -9.561  5.535   -5.357  1.00 20.70 ? 189 HIS A CA  1 
ATOM   1333 C  C   . HIS A 1 174 ? -9.275  5.352   -6.844  1.00 21.62 ? 189 HIS A C   1 
ATOM   1334 O  O   . HIS A 1 174 ? -8.390  6.001   -7.395  1.00 20.53 ? 189 HIS A O   1 
ATOM   1335 C  CB  . HIS A 1 174 ? -9.623  7.016   -4.969  1.00 18.70 ? 189 HIS A CB  1 
ATOM   1336 C  CG  . HIS A 1 174 ? -9.710  7.245   -3.489  1.00 21.65 ? 189 HIS A CG  1 
ATOM   1337 N  ND1 . HIS A 1 174 ? -10.911 7.373   -2.825  1.00 23.80 ? 189 HIS A ND1 1 
ATOM   1338 C  CD2 . HIS A 1 174 ? -8.744  7.360   -2.544  1.00 21.74 ? 189 HIS A CD2 1 
ATOM   1339 C  CE1 . HIS A 1 174 ? -10.682 7.554   -1.535  1.00 24.77 ? 189 HIS A CE1 1 
ATOM   1340 N  NE2 . HIS A 1 174 ? -9.375  7.550   -1.339  1.00 24.53 ? 189 HIS A NE2 1 
ATOM   1341 N  N   . LEU A 1 175 ? -9.994  4.432   -7.477  1.00 19.88 ? 190 LEU A N   1 
ATOM   1342 C  CA  . LEU A 1 175 ? -9.610  3.962   -8.799  1.00 18.58 ? 190 LEU A CA  1 
ATOM   1343 C  C   . LEU A 1 175 ? -9.872  4.993   -9.895  1.00 21.26 ? 190 LEU A C   1 
ATOM   1344 O  O   . LEU A 1 175 ? -10.835 5.767   -9.818  1.00 23.86 ? 190 LEU A O   1 
ATOM   1345 C  CB  . LEU A 1 175 ? -10.341 2.661   -9.130  1.00 21.01 ? 190 LEU A CB  1 
ATOM   1346 C  CG  . LEU A 1 175 ? -10.019 1.455   -8.252  1.00 16.99 ? 190 LEU A CG  1 
ATOM   1347 C  CD1 . LEU A 1 175 ? -10.863 0.266   -8.692  1.00 21.75 ? 190 LEU A CD1 1 
ATOM   1348 C  CD2 . LEU A 1 175 ? -8.545  1.114   -8.358  1.00 17.91 ? 190 LEU A CD2 1 
ATOM   1349 N  N   . LYS A 1 176 ? -9.005  4.991   -10.903 1.00 21.27 ? 191 LYS A N   1 
ATOM   1350 C  CA  . LYS A 1 176 ? -9.220  5.770   -12.129 1.00 24.96 ? 191 LYS A CA  1 
ATOM   1351 C  C   . LYS A 1 176 ? -10.487 5.271   -12.797 1.00 26.23 ? 191 LYS A C   1 
ATOM   1352 O  O   . LYS A 1 176 ? -10.832 4.088   -12.674 1.00 26.08 ? 191 LYS A O   1 
ATOM   1353 C  CB  . LYS A 1 176 ? -8.047  5.578   -13.091 1.00 22.56 ? 191 LYS A CB  1 
ATOM   1354 C  CG  . LYS A 1 176 ? -6.705  6.083   -12.552 1.00 25.62 ? 191 LYS A CG  1 
ATOM   1355 C  CD  . LYS A 1 176 ? -5.555  5.773   -13.522 1.00 24.12 ? 191 LYS A CD  1 
ATOM   1356 C  CE  . LYS A 1 176 ? -4.204  6.172   -12.924 1.00 26.67 ? 191 LYS A CE  1 
ATOM   1357 N  NZ  . LYS A 1 176 ? -3.027  5.912   -13.831 1.00 27.44 ? 191 LYS A NZ  1 
ATOM   1358 N  N   . GLU A 1 177 ? -11.178 6.149   -13.518 1.00 26.17 ? 192 GLU A N   1 
ATOM   1359 C  CA  . GLU A 1 177 ? -12.492 5.783   -14.051 1.00 29.23 ? 192 GLU A CA  1 
ATOM   1360 C  C   . GLU A 1 177 ? -12.459 4.609   -15.031 1.00 29.71 ? 192 GLU A C   1 
ATOM   1361 O  O   . GLU A 1 177 ? -13.454 3.894   -15.175 1.00 29.41 ? 192 GLU A O   1 
ATOM   1362 C  CB  . GLU A 1 177 ? -13.207 6.999   -14.657 1.00 35.01 ? 192 GLU A CB  1 
ATOM   1363 C  CG  . GLU A 1 177 ? -12.508 7.625   -15.835 1.00 41.28 ? 192 GLU A CG  1 
ATOM   1364 C  CD  . GLU A 1 177 ? -12.990 9.042   -16.090 1.00 52.26 ? 192 GLU A CD  1 
ATOM   1365 O  OE1 . GLU A 1 177 ? -13.554 9.655   -15.153 1.00 53.14 ? 192 GLU A OE1 1 
ATOM   1366 O  OE2 . GLU A 1 177 ? -12.801 9.538   -17.222 1.00 55.97 ? 192 GLU A OE2 1 
ATOM   1367 N  N   . ASP A 1 178 ? -11.312 4.385   -15.670 1.00 28.00 ? 193 ASP A N   1 
ATOM   1368 C  CA  . ASP A 1 178 ? -11.188 3.290   -16.626 1.00 26.61 ? 193 ASP A CA  1 
ATOM   1369 C  C   . ASP A 1 178 ? -10.508 2.051   -16.034 1.00 28.53 ? 193 ASP A C   1 
ATOM   1370 O  O   . ASP A 1 178 ? -10.107 1.143   -16.761 1.00 26.12 ? 193 ASP A O   1 
ATOM   1371 C  CB  . ASP A 1 178 ? -10.495 3.754   -17.924 1.00 28.54 ? 193 ASP A CB  1 
ATOM   1372 C  CG  . ASP A 1 178 ? -9.030  4.108   -17.727 1.00 35.51 ? 193 ASP A CG  1 
ATOM   1373 O  OD1 . ASP A 1 178 ? -8.611  4.373   -16.578 1.00 35.11 ? 193 ASP A OD1 1 
ATOM   1374 O  OD2 . ASP A 1 178 ? -8.291  4.134   -18.737 1.00 40.07 ? 193 ASP A OD2 1 
ATOM   1375 N  N   . GLN A 1 179 ? -10.398 2.010   -14.708 1.00 25.34 ? 194 GLN A N   1 
ATOM   1376 C  CA  . GLN A 1 179 ? -9.793  0.861   -14.042 1.00 22.28 ? 194 GLN A CA  1 
ATOM   1377 C  C   . GLN A 1 179 ? -10.768 0.175   -13.087 1.00 25.19 ? 194 GLN A C   1 
ATOM   1378 O  O   . GLN A 1 179 ? -10.355 -0.427  -12.099 1.00 24.29 ? 194 GLN A O   1 
ATOM   1379 C  CB  . GLN A 1 179 ? -8.528  1.291   -13.286 1.00 23.14 ? 194 GLN A CB  1 
ATOM   1380 C  CG  . GLN A 1 179 ? -7.480  1.944   -14.172 1.00 25.07 ? 194 GLN A CG  1 
ATOM   1381 C  CD  . GLN A 1 179 ? -6.959  1.009   -15.252 1.00 28.11 ? 194 GLN A CD  1 
ATOM   1382 O  OE1 . GLN A 1 179 ? -6.866  -0.204  -15.043 1.00 27.26 ? 194 GLN A OE1 1 
ATOM   1383 N  NE2 . GLN A 1 179 ? -6.600  1.570   -16.411 1.00 27.83 ? 194 GLN A NE2 1 
ATOM   1384 N  N   . THR A 1 180 ? -12.061 0.245   -13.384 1.00 25.51 ? 195 THR A N   1 
ATOM   1385 C  CA  . THR A 1 180 ? -13.048 -0.320  -12.466 1.00 25.15 ? 195 THR A CA  1 
ATOM   1386 C  C   . THR A 1 180 ? -13.087 -1.846  -12.477 1.00 23.20 ? 195 THR A C   1 
ATOM   1387 O  O   . THR A 1 180 ? -13.793 -2.447  -11.667 1.00 24.48 ? 195 THR A O   1 
ATOM   1388 C  CB  . THR A 1 180 ? -14.474 0.238   -12.702 1.00 26.20 ? 195 THR A CB  1 
ATOM   1389 O  OG1 . THR A 1 180 ? -14.861 0.017   -14.064 1.00 27.80 ? 195 THR A OG1 1 
ATOM   1390 C  CG2 . THR A 1 180 ? -14.525 1.725   -12.390 1.00 28.03 ? 195 THR A CG2 1 
ATOM   1391 N  N   . GLU A 1 181 ? -12.331 -2.474  -13.379 1.00 22.28 ? 196 GLU A N   1 
ATOM   1392 C  CA  . GLU A 1 181 ? -12.300 -3.936  -13.436 1.00 25.39 ? 196 GLU A CA  1 
ATOM   1393 C  C   . GLU A 1 181 ? -11.777 -4.513  -12.119 1.00 23.36 ? 196 GLU A C   1 
ATOM   1394 O  O   . GLU A 1 181 ? -12.089 -5.648  -11.753 1.00 22.16 ? 196 GLU A O   1 
ATOM   1395 C  CB  . GLU A 1 181 ? -11.448 -4.413  -14.610 1.00 25.37 ? 196 GLU A CB  1 
ATOM   1396 C  CG  . GLU A 1 181 ? -9.952  -4.175  -14.463 1.00 22.29 ? 196 GLU A CG  1 
ATOM   1397 C  CD  . GLU A 1 181 ? -9.201  -4.447  -15.750 1.00 26.99 ? 196 GLU A CD  1 
ATOM   1398 O  OE1 . GLU A 1 181 ? -9.212  -3.560  -16.628 1.00 27.16 ? 196 GLU A OE1 1 
ATOM   1399 O  OE2 . GLU A 1 181 ? -8.605  -5.538  -15.889 1.00 24.61 ? 196 GLU A OE2 1 
ATOM   1400 N  N   . TYR A 1 182 ? -10.998 -3.716  -11.395 1.00 24.03 ? 197 TYR A N   1 
ATOM   1401 C  CA  . TYR A 1 182 ? -10.418 -4.183  -10.138 1.00 23.52 ? 197 TYR A CA  1 
ATOM   1402 C  C   . TYR A 1 182 ? -11.389 -4.110  -8.965  1.00 23.22 ? 197 TYR A C   1 
ATOM   1403 O  O   . TYR A 1 182 ? -10.990 -4.311  -7.819  1.00 23.86 ? 197 TYR A O   1 
ATOM   1404 C  CB  . TYR A 1 182 ? -9.111  -3.442  -9.856  1.00 19.50 ? 197 TYR A CB  1 
ATOM   1405 C  CG  . TYR A 1 182 ? -8.158  -3.617  -11.006 1.00 22.02 ? 197 TYR A CG  1 
ATOM   1406 C  CD1 . TYR A 1 182 ? -7.581  -4.851  -11.259 1.00 19.41 ? 197 TYR A CD1 1 
ATOM   1407 C  CD2 . TYR A 1 182 ? -7.878  -2.569  -11.874 1.00 22.80 ? 197 TYR A CD2 1 
ATOM   1408 C  CE1 . TYR A 1 182 ? -6.726  -5.036  -12.326 1.00 20.46 ? 197 TYR A CE1 1 
ATOM   1409 C  CE2 . TYR A 1 182 ? -7.026  -2.743  -12.945 1.00 20.34 ? 197 TYR A CE2 1 
ATOM   1410 C  CZ  . TYR A 1 182 ? -6.458  -3.986  -13.162 1.00 22.78 ? 197 TYR A CZ  1 
ATOM   1411 O  OH  . TYR A 1 182 ? -5.617  -4.189  -14.221 1.00 22.36 ? 197 TYR A OH  1 
ATOM   1412 N  N   . LEU A 1 183 ? -12.655 -3.812  -9.257  1.00 20.46 ? 198 LEU A N   1 
ATOM   1413 C  CA  . LEU A 1 183 ? -13.726 -3.922  -8.267  1.00 22.04 ? 198 LEU A CA  1 
ATOM   1414 C  C   . LEU A 1 183 ? -14.508 -5.217  -8.471  1.00 25.08 ? 198 LEU A C   1 
ATOM   1415 O  O   . LEU A 1 183 ? -15.366 -5.563  -7.661  1.00 27.18 ? 198 LEU A O   1 
ATOM   1416 C  CB  . LEU A 1 183 ? -14.687 -2.733  -8.368  1.00 23.01 ? 198 LEU A CB  1 
ATOM   1417 C  CG  . LEU A 1 183 ? -14.041 -1.366  -8.159  1.00 26.35 ? 198 LEU A CG  1 
ATOM   1418 C  CD1 . LEU A 1 183 ? -15.039 -0.223  -8.332  1.00 26.99 ? 198 LEU A CD1 1 
ATOM   1419 C  CD2 . LEU A 1 183 ? -13.417 -1.328  -6.782  1.00 25.16 ? 198 LEU A CD2 1 
ATOM   1420 N  N   . GLU A 1 184 ? -14.215 -5.928  -9.556  1.00 22.04 ? 199 GLU A N   1 
ATOM   1421 C  CA  . GLU A 1 184 ? -14.950 -7.154  -9.899  1.00 25.29 ? 199 GLU A CA  1 
ATOM   1422 C  C   . GLU A 1 184 ? -14.384 -8.375  -9.197  1.00 22.74 ? 199 GLU A C   1 
ATOM   1423 O  O   . GLU A 1 184 ? -13.184 -8.627  -9.267  1.00 22.45 ? 199 GLU A O   1 
ATOM   1424 C  CB  . GLU A 1 184 ? -14.928 -7.407  -11.414 1.00 25.79 ? 199 GLU A CB  1 
ATOM   1425 C  CG  . GLU A 1 184 ? -15.666 -6.376  -12.249 1.00 30.00 ? 199 GLU A CG  1 
ATOM   1426 C  CD  . GLU A 1 184 ? -17.155 -6.324  -11.948 1.00 39.26 ? 199 GLU A CD  1 
ATOM   1427 O  OE1 . GLU A 1 184 ? -17.722 -7.346  -11.494 1.00 39.97 ? 199 GLU A OE1 1 
ATOM   1428 O  OE2 . GLU A 1 184 ? -17.760 -5.250  -12.171 1.00 45.54 ? 199 GLU A OE2 1 
ATOM   1429 N  N   . GLU A 1 185 ? -15.256 -9.146  -8.552  1.00 24.25 ? 200 GLU A N   1 
ATOM   1430 C  CA  . GLU A 1 185 ? -14.828 -10.318 -7.790  1.00 25.48 ? 200 GLU A CA  1 
ATOM   1431 C  C   . GLU A 1 185 ? -13.956 -11.281 -8.583  1.00 20.73 ? 200 GLU A C   1 
ATOM   1432 O  O   . GLU A 1 185 ? -12.888 -11.674 -8.132  1.00 21.57 ? 200 GLU A O   1 
ATOM   1433 C  CB  . GLU A 1 185 ? -16.027 -11.082 -7.221  1.00 27.06 ? 200 GLU A CB  1 
ATOM   1434 C  CG  . GLU A 1 185 ? -15.611 -12.375 -6.519  1.00 30.66 ? 200 GLU A CG  1 
ATOM   1435 C  CD  . GLU A 1 185 ? -16.768 -13.102 -5.867  1.00 38.31 ? 200 GLU A CD  1 
ATOM   1436 O  OE1 . GLU A 1 185 ? -17.937 -12.782 -6.180  1.00 37.91 ? 200 GLU A OE1 1 
ATOM   1437 O  OE2 . GLU A 1 185 ? -16.501 -13.992 -5.029  1.00 40.80 ? 200 GLU A OE2 1 
ATOM   1438 N  N   . ARG A 1 186 ? -14.406 -11.686 -9.762  1.00 24.12 ? 201 ARG A N   1 
ATOM   1439 C  CA  . ARG A 1 186 ? -13.638 -12.688 -10.485 1.00 25.68 ? 201 ARG A CA  1 
ATOM   1440 C  C   . ARG A 1 186 ? -12.306 -12.151 -10.973 1.00 22.72 ? 201 ARG A C   1 
ATOM   1441 O  O   . ARG A 1 186 ? -11.357 -12.916 -11.120 1.00 23.83 ? 201 ARG A O   1 
ATOM   1442 C  CB  . ARG A 1 186 ? -14.444 -13.290 -11.633 1.00 30.04 ? 201 ARG A CB  1 
ATOM   1443 C  CG  . ARG A 1 186 ? -15.120 -12.260 -12.472 1.00 32.41 ? 201 ARG A CG  1 
ATOM   1444 C  CD  . ARG A 1 186 ? -16.059 -12.921 -13.460 1.00 40.05 ? 201 ARG A CD  1 
ATOM   1445 N  NE  . ARG A 1 186 ? -16.475 -11.963 -14.476 1.00 43.46 ? 201 ARG A NE  1 
ATOM   1446 C  CZ  . ARG A 1 186 ? -17.056 -12.299 -15.620 1.00 42.89 ? 201 ARG A CZ  1 
ATOM   1447 N  NH1 . ARG A 1 186 ? -17.290 -13.576 -15.897 1.00 44.92 ? 201 ARG A NH1 1 
ATOM   1448 N  NH2 . ARG A 1 186 ? -17.396 -11.355 -16.487 1.00 41.73 ? 201 ARG A NH2 1 
ATOM   1449 N  N   . ARG A 1 187 ? -12.222 -10.842 -11.205 1.00 22.98 ? 202 ARG A N   1 
ATOM   1450 C  CA  . ARG A 1 187 ? -10.956 -10.244 -11.637 1.00 20.37 ? 202 ARG A CA  1 
ATOM   1451 C  C   . ARG A 1 187 ? -9.969  -10.235 -10.472 1.00 19.77 ? 202 ARG A C   1 
ATOM   1452 O  O   . ARG A 1 187 ? -8.804  -10.581 -10.624 1.00 17.41 ? 202 ARG A O   1 
ATOM   1453 C  CB  . ARG A 1 187 ? -11.175 -8.825  -12.157 1.00 21.26 ? 202 ARG A CB  1 
ATOM   1454 C  CG  . ARG A 1 187 ? -9.902  -8.139  -12.655 1.00 21.44 ? 202 ARG A CG  1 
ATOM   1455 C  CD  . ARG A 1 187 ? -9.367  -8.755  -13.947 1.00 22.20 ? 202 ARG A CD  1 
ATOM   1456 N  NE  . ARG A 1 187 ? -8.256  -7.963  -14.477 1.00 23.08 ? 202 ARG A NE  1 
ATOM   1457 C  CZ  . ARG A 1 187 ? -7.003  -8.395  -14.589 1.00 21.50 ? 202 ARG A CZ  1 
ATOM   1458 N  NH1 . ARG A 1 187 ? -6.681  -9.630  -14.238 1.00 24.42 ? 202 ARG A NH1 1 
ATOM   1459 N  NH2 . ARG A 1 187 ? -6.063  -7.585  -15.062 1.00 23.61 ? 202 ARG A NH2 1 
ATOM   1460 N  N   . ILE A 1 188 ? -10.447 -9.865  -9.290  1.00 20.88 ? 203 ILE A N   1 
ATOM   1461 C  CA  . ILE A 1 188 ? -9.570  -9.867  -8.126  1.00 18.32 ? 203 ILE A CA  1 
ATOM   1462 C  C   . ILE A 1 188 ? -9.113  -11.290 -7.783  1.00 19.03 ? 203 ILE A C   1 
ATOM   1463 O  O   . ILE A 1 188 ? -7.925  -11.513 -7.518  1.00 18.25 ? 203 ILE A O   1 
ATOM   1464 C  CB  . ILE A 1 188 ? -10.238 -9.191  -6.923  1.00 16.76 ? 203 ILE A CB  1 
ATOM   1465 C  CG1 . ILE A 1 188 ? -10.537 -7.728  -7.259  1.00 17.11 ? 203 ILE A CG1 1 
ATOM   1466 C  CG2 . ILE A 1 188 ? -9.340  -9.262  -5.694  1.00 16.99 ? 203 ILE A CG2 1 
ATOM   1467 C  CD1 . ILE A 1 188 ? -11.458 -7.034  -6.241  1.00 23.32 ? 203 ILE A CD1 1 
ATOM   1468 N  N   . LYS A 1 189 ? -10.046 -12.248 -7.812  1.00 20.45 ? 204 LYS A N   1 
ATOM   1469 C  CA  . LYS A 1 189 ? -9.704  -13.649 -7.580  1.00 21.03 ? 204 LYS A CA  1 
ATOM   1470 C  C   . LYS A 1 189 ? -8.631  -14.105 -8.550  1.00 20.31 ? 204 LYS A C   1 
ATOM   1471 O  O   . LYS A 1 189 ? -7.675  -14.777 -8.161  1.00 22.00 ? 204 LYS A O   1 
ATOM   1472 C  CB  . LYS A 1 189 ? -10.922 -14.559 -7.756  1.00 22.87 ? 204 LYS A CB  1 
ATOM   1473 C  CG  . LYS A 1 189 ? -11.864 -14.600 -6.592  1.00 28.98 ? 204 LYS A CG  1 
ATOM   1474 C  CD  . LYS A 1 189 ? -12.848 -15.754 -6.767  1.00 32.87 ? 204 LYS A CD  1 
ATOM   1475 C  CE  . LYS A 1 189 ? -13.992 -15.651 -5.778  1.00 39.36 ? 204 LYS A CE  1 
ATOM   1476 N  NZ  . LYS A 1 189 ? -15.094 -16.603 -6.100  1.00 42.25 ? 204 LYS A NZ  1 
ATOM   1477 N  N   . GLU A 1 190 ? -8.806  -13.740 -9.817  1.00 20.01 ? 205 GLU A N   1 
ATOM   1478 C  CA  . GLU A 1 190 ? -7.848  -14.105 -10.859 1.00 20.98 ? 205 GLU A CA  1 
ATOM   1479 C  C   . GLU A 1 190 ? -6.442  -13.621 -10.499 1.00 21.59 ? 205 GLU A C   1 
ATOM   1480 O  O   . GLU A 1 190 ? -5.468  -14.379 -10.586 1.00 20.66 ? 205 GLU A O   1 
ATOM   1481 C  CB  . GLU A 1 190 ? -8.291  -13.516 -12.199 1.00 21.11 ? 205 GLU A CB  1 
ATOM   1482 C  CG  . GLU A 1 190 ? -7.444  -13.935 -13.386 1.00 23.97 ? 205 GLU A CG  1 
ATOM   1483 C  CD  . GLU A 1 190 ? -7.858  -13.216 -14.653 1.00 23.83 ? 205 GLU A CD  1 
ATOM   1484 O  OE1 . GLU A 1 190 ? -8.273  -12.043 -14.558 1.00 25.59 ? 205 GLU A OE1 1 
ATOM   1485 O  OE2 . GLU A 1 190 ? -7.782  -13.823 -15.739 1.00 26.50 ? 205 GLU A OE2 1 
ATOM   1486 N  N   . ILE A 1 191 ? -6.347  -12.363 -10.074 1.00 18.75 ? 206 ILE A N   1 
ATOM   1487 C  CA  . ILE A 1 191 ? -5.052  -11.741 -9.808  1.00 20.04 ? 206 ILE A CA  1 
ATOM   1488 C  C   . ILE A 1 191 ? -4.384  -12.330 -8.575  1.00 21.13 ? 206 ILE A C   1 
ATOM   1489 O  O   . ILE A 1 191 ? -3.175  -12.547 -8.558  1.00 22.02 ? 206 ILE A O   1 
ATOM   1490 C  CB  . ILE A 1 191 ? -5.192  -10.222 -9.620  1.00 20.10 ? 206 ILE A CB  1 
ATOM   1491 C  CG1 . ILE A 1 191 ? -5.703  -9.572  -10.905 1.00 22.11 ? 206 ILE A CG1 1 
ATOM   1492 C  CG2 . ILE A 1 191 ? -3.857  -9.591  -9.221  1.00 19.04 ? 206 ILE A CG2 1 
ATOM   1493 C  CD1 . ILE A 1 191 ? -6.234  -8.160  -10.687 1.00 19.51 ? 206 ILE A CD1 1 
ATOM   1494 N  N   . VAL A 1 192 ? -5.173  -12.568 -7.535  1.00 20.73 ? 207 VAL A N   1 
ATOM   1495 C  CA  . VAL A 1 192 ? -4.641  -13.160 -6.320  1.00 20.20 ? 207 VAL A CA  1 
ATOM   1496 C  C   . VAL A 1 192 ? -4.112  -14.571 -6.596  1.00 23.49 ? 207 VAL A C   1 
ATOM   1497 O  O   . VAL A 1 192 ? -3.017  -14.925 -6.154  1.00 23.09 ? 207 VAL A O   1 
ATOM   1498 C  CB  . VAL A 1 192 ? -5.690  -13.175 -5.193  1.00 20.70 ? 207 VAL A CB  1 
ATOM   1499 C  CG1 . VAL A 1 192 ? -5.198  -14.005 -4.013  1.00 21.15 ? 207 VAL A CG1 1 
ATOM   1500 C  CG2 . VAL A 1 192 ? -5.992  -11.746 -4.747  1.00 19.37 ? 207 VAL A CG2 1 
ATOM   1501 N  N   . LYS A 1 193 ? -4.879  -15.366 -7.339  1.00 22.49 ? 208 LYS A N   1 
ATOM   1502 C  CA  . LYS A 1 193 ? -4.447  -16.726 -7.667  1.00 25.76 ? 208 LYS A CA  1 
ATOM   1503 C  C   . LYS A 1 193 ? -3.150  -16.710 -8.478  1.00 24.80 ? 208 LYS A C   1 
ATOM   1504 O  O   . LYS A 1 193 ? -2.221  -17.482 -8.217  1.00 25.67 ? 208 LYS A O   1 
ATOM   1505 C  CB  . LYS A 1 193 ? -5.540  -17.471 -8.438  1.00 25.90 ? 208 LYS A CB  1 
ATOM   1506 C  CG  . LYS A 1 193 ? -5.240  -18.961 -8.627  1.00 32.79 ? 208 LYS A CG  1 
ATOM   1507 C  CD  . LYS A 1 193 ? -6.101  -19.570 -9.728  1.00 38.81 ? 208 LYS A CD  1 
ATOM   1508 C  CE  . LYS A 1 193 ? -5.911  -21.077 -9.815  1.00 44.03 ? 208 LYS A CE  1 
ATOM   1509 N  NZ  . LYS A 1 193 ? -7.217  -21.762 -10.051 1.00 48.04 ? 208 LYS A NZ  1 
ATOM   1510 N  N   . LYS A 1 194 ? -3.080  -15.804 -9.448  1.00 23.43 ? 209 LYS A N   1 
ATOM   1511 C  CA  . LYS A 1 194 ? -1.924  -15.700 -10.339 1.00 25.62 ? 209 LYS A CA  1 
ATOM   1512 C  C   . LYS A 1 194 ? -0.641  -15.249 -9.628  1.00 29.57 ? 209 LYS A C   1 
ATOM   1513 O  O   . LYS A 1 194 ? 0.435   -15.809 -9.867  1.00 27.94 ? 209 LYS A O   1 
ATOM   1514 C  CB  . LYS A 1 194 ? -2.259  -14.748 -11.496 1.00 25.42 ? 209 LYS A CB  1 
ATOM   1515 C  CG  . LYS A 1 194 ? -1.139  -14.518 -12.507 1.00 29.03 ? 209 LYS A CG  1 
ATOM   1516 C  CD  . LYS A 1 194 ? -1.641  -13.636 -13.642 1.00 32.41 ? 209 LYS A CD  1 
ATOM   1517 C  CE  . LYS A 1 194 ? -0.650  -13.576 -14.794 1.00 38.72 ? 209 LYS A CE  1 
ATOM   1518 N  NZ  . LYS A 1 194 ? -1.147  -12.690 -15.894 1.00 40.50 ? 209 LYS A NZ  1 
ATOM   1519 N  N   . HIS A 1 195 ? -0.755  -14.258 -8.742  1.00 26.13 ? 210 HIS A N   1 
ATOM   1520 C  CA  . HIS A 1 195 ? 0.424   -13.580 -8.198  1.00 25.27 ? 210 HIS A CA  1 
ATOM   1521 C  C   . HIS A 1 195 ? 0.656   -13.745 -6.694  1.00 24.55 ? 210 HIS A C   1 
ATOM   1522 O  O   . HIS A 1 195 ? 1.753   -13.465 -6.213  1.00 26.26 ? 210 HIS A O   1 
ATOM   1523 C  CB  . HIS A 1 195 ? 0.354   -12.073 -8.494  1.00 25.97 ? 210 HIS A CB  1 
ATOM   1524 C  CG  . HIS A 1 195 ? 0.374   -11.732 -9.949  1.00 29.51 ? 210 HIS A CG  1 
ATOM   1525 N  ND1 . HIS A 1 195 ? 1.508   -11.847 -10.724 1.00 30.33 ? 210 HIS A ND1 1 
ATOM   1526 C  CD2 . HIS A 1 195 ? -0.594  -11.254 -10.767 1.00 28.01 ? 210 HIS A CD2 1 
ATOM   1527 C  CE1 . HIS A 1 195 ? 1.233   -11.469 -11.960 1.00 31.03 ? 210 HIS A CE1 1 
ATOM   1528 N  NE2 . HIS A 1 195 ? -0.034  -11.101 -12.012 1.00 30.07 ? 210 HIS A NE2 1 
ATOM   1529 N  N   . SER A 1 196 ? -0.363  -14.167 -5.947  1.00 22.36 ? 211 SER A N   1 
ATOM   1530 C  CA  . SER A 1 196 ? -0.271  -14.148 -4.486  1.00 22.47 ? 211 SER A CA  1 
ATOM   1531 C  C   . SER A 1 196 ? -0.749  -15.447 -3.839  1.00 25.16 ? 211 SER A C   1 
ATOM   1532 O  O   . SER A 1 196 ? -1.216  -15.448 -2.697  1.00 25.94 ? 211 SER A O   1 
ATOM   1533 C  CB  . SER A 1 196 ? -1.049  -12.953 -3.914  1.00 19.09 ? 211 SER A CB  1 
ATOM   1534 O  OG  . SER A 1 196 ? -0.664  -11.735 -4.536  1.00 23.55 ? 211 SER A OG  1 
ATOM   1535 N  N   . GLN A 1 197 ? -0.604  -16.547 -4.574  1.00 26.40 ? 212 GLN A N   1 
ATOM   1536 C  CA  . GLN A 1 197 ? -1.151  -17.843 -4.176  1.00 31.62 ? 212 GLN A CA  1 
ATOM   1537 C  C   . GLN A 1 197 ? -0.587  -18.367 -2.855  1.00 31.06 ? 212 GLN A C   1 
ATOM   1538 O  O   . GLN A 1 197 ? -1.284  -19.055 -2.109  1.00 31.95 ? 212 GLN A O   1 
ATOM   1539 C  CB  . GLN A 1 197 ? -0.861  -18.863 -5.278  1.00 34.36 ? 212 GLN A CB  1 
ATOM   1540 C  CG  . GLN A 1 197 ? -1.939  -19.910 -5.504  1.00 39.27 ? 212 GLN A CG  1 
ATOM   1541 C  CD  . GLN A 1 197 ? -1.608  -20.801 -6.692  1.00 40.99 ? 212 GLN A CD  1 
ATOM   1542 O  OE1 . GLN A 1 197 ? -0.468  -21.237 -6.849  1.00 45.94 ? 212 GLN A OE1 1 
ATOM   1543 N  NE2 . GLN A 1 197 ? -2.595  -21.055 -7.543  1.00 45.96 ? 212 GLN A NE2 1 
ATOM   1544 N  N   . PHE A 1 198 ? 0.669   -18.037 -2.567  1.00 28.50 ? 213 PHE A N   1 
ATOM   1545 C  CA  . PHE A 1 198 ? 1.376   -18.650 -1.441  1.00 29.47 ? 213 PHE A CA  1 
ATOM   1546 C  C   . PHE A 1 198 ? 1.681   -17.723 -0.256  1.00 27.97 ? 213 PHE A C   1 
ATOM   1547 O  O   . PHE A 1 198 ? 2.520   -18.030 0.596   1.00 27.13 ? 213 PHE A O   1 
ATOM   1548 C  CB  . PHE A 1 198 ? 2.650   -19.325 -1.955  1.00 33.50 ? 213 PHE A CB  1 
ATOM   1549 C  CG  . PHE A 1 198 ? 2.374   -20.429 -2.928  1.00 33.66 ? 213 PHE A CG  1 
ATOM   1550 C  CD1 . PHE A 1 198 ? 1.467   -21.433 -2.602  1.00 38.61 ? 213 PHE A CD1 1 
ATOM   1551 C  CD2 . PHE A 1 198 ? 2.974   -20.448 -4.180  1.00 41.25 ? 213 PHE A CD2 1 
ATOM   1552 C  CE1 . PHE A 1 198 ? 1.184   -22.455 -3.495  1.00 40.17 ? 213 PHE A CE1 1 
ATOM   1553 C  CE2 . PHE A 1 198 ? 2.696   -21.468 -5.083  1.00 43.60 ? 213 PHE A CE2 1 
ATOM   1554 C  CZ  . PHE A 1 198 ? 1.799   -22.472 -4.740  1.00 43.56 ? 213 PHE A CZ  1 
ATOM   1555 N  N   . ILE A 1 199 ? 0.990   -16.592 -0.197  1.00 23.67 ? 214 ILE A N   1 
ATOM   1556 C  CA  . ILE A 1 199 ? 1.112   -15.693 0.944   1.00 21.19 ? 214 ILE A CA  1 
ATOM   1557 C  C   . ILE A 1 199 ? 0.721   -16.433 2.228   1.00 22.44 ? 214 ILE A C   1 
ATOM   1558 O  O   . ILE A 1 199 ? -0.287  -17.130 2.252   1.00 25.05 ? 214 ILE A O   1 
ATOM   1559 C  CB  . ILE A 1 199 ? 0.226   -14.455 0.732   1.00 19.86 ? 214 ILE A CB  1 
ATOM   1560 C  CG1 . ILE A 1 199 ? 0.772   -13.633 -0.440  1.00 20.54 ? 214 ILE A CG1 1 
ATOM   1561 C  CG2 . ILE A 1 199 ? 0.134   -13.615 2.012   1.00 20.38 ? 214 ILE A CG2 1 
ATOM   1562 C  CD1 . ILE A 1 199 ? 2.082   -12.897 -0.139  1.00 21.82 ? 214 ILE A CD1 1 
ATOM   1563 N  N   . GLY A 1 200 ? 1.527   -16.304 3.282   1.00 21.79 ? 215 GLY A N   1 
ATOM   1564 C  CA  . GLY A 1 200 ? 1.347   -17.113 4.480   1.00 24.96 ? 215 GLY A CA  1 
ATOM   1565 C  C   . GLY A 1 200 ? 0.356   -16.564 5.492   1.00 25.12 ? 215 GLY A C   1 
ATOM   1566 O  O   . GLY A 1 200 ? 0.523   -16.754 6.699   1.00 26.51 ? 215 GLY A O   1 
ATOM   1567 N  N   . TYR A 1 201 ? -0.667  -15.874 5.001   1.00 23.22 ? 216 TYR A N   1 
ATOM   1568 C  CA  . TYR A 1 201 ? -1.695  -15.305 5.859   1.00 22.13 ? 216 TYR A CA  1 
ATOM   1569 C  C   . TYR A 1 201 ? -3.005  -15.405 5.113   1.00 20.67 ? 216 TYR A C   1 
ATOM   1570 O  O   . TYR A 1 201 ? -3.022  -15.355 3.882   1.00 23.01 ? 216 TYR A O   1 
ATOM   1571 C  CB  . TYR A 1 201 ? -1.373  -13.837 6.211   1.00 18.81 ? 216 TYR A CB  1 
ATOM   1572 C  CG  . TYR A 1 201 ? -0.076  -13.669 6.966   1.00 20.31 ? 216 TYR A CG  1 
ATOM   1573 C  CD1 . TYR A 1 201 ? -0.017  -13.871 8.336   1.00 20.52 ? 216 TYR A CD1 1 
ATOM   1574 C  CD2 . TYR A 1 201 ? 1.096   -13.318 6.304   1.00 19.82 ? 216 TYR A CD2 1 
ATOM   1575 C  CE1 . TYR A 1 201 ? 1.172   -13.742 9.030   1.00 24.52 ? 216 TYR A CE1 1 
ATOM   1576 C  CE2 . TYR A 1 201 ? 2.294   -13.178 6.988   1.00 18.84 ? 216 TYR A CE2 1 
ATOM   1577 C  CZ  . TYR A 1 201 ? 2.324   -13.390 8.349   1.00 23.42 ? 216 TYR A CZ  1 
ATOM   1578 O  OH  . TYR A 1 201 ? 3.506   -13.251 9.029   1.00 23.78 ? 216 TYR A OH  1 
ATOM   1579 N  N   . PRO A 1 202 ? -4.114  -15.565 5.845   1.00 21.44 ? 217 PRO A N   1 
ATOM   1580 C  CA  . PRO A 1 202 ? -5.415  -15.652 5.175   1.00 22.09 ? 217 PRO A CA  1 
ATOM   1581 C  C   . PRO A 1 202 ? -5.720  -14.369 4.400   1.00 22.16 ? 217 PRO A C   1 
ATOM   1582 O  O   . PRO A 1 202 ? -5.615  -13.280 4.966   1.00 21.57 ? 217 PRO A O   1 
ATOM   1583 C  CB  . PRO A 1 202 ? -6.408  -15.789 6.339   1.00 19.69 ? 217 PRO A CB  1 
ATOM   1584 C  CG  . PRO A 1 202 ? -5.593  -16.210 7.523   1.00 25.49 ? 217 PRO A CG  1 
ATOM   1585 C  CD  . PRO A 1 202 ? -4.218  -15.661 7.314   1.00 23.05 ? 217 PRO A CD  1 
ATOM   1586 N  N   . ILE A 1 203 ? -6.067  -14.498 3.124   1.00 18.03 ? 218 ILE A N   1 
ATOM   1587 C  CA  . ILE A 1 203 ? -6.525  -13.360 2.334   1.00 17.26 ? 218 ILE A CA  1 
ATOM   1588 C  C   . ILE A 1 203 ? -8.010  -13.552 2.072   1.00 19.31 ? 218 ILE A C   1 
ATOM   1589 O  O   . ILE A 1 203 ? -8.418  -14.508 1.399   1.00 17.83 ? 218 ILE A O   1 
ATOM   1590 C  CB  . ILE A 1 203 ? -5.798  -13.252 0.978   1.00 16.87 ? 218 ILE A CB  1 
ATOM   1591 C  CG1 . ILE A 1 203 ? -4.287  -13.058 1.176   1.00 17.19 ? 218 ILE A CG1 1 
ATOM   1592 C  CG2 . ILE A 1 203 ? -6.384  -12.104 0.153   1.00 18.27 ? 218 ILE A CG2 1 
ATOM   1593 C  CD1 . ILE A 1 203 ? -3.488  -13.037 -0.151  1.00 18.75 ? 218 ILE A CD1 1 
ATOM   1594 N  N   . THR A 1 204 ? -8.818  -12.652 2.613   1.00 17.14 ? 219 THR A N   1 
ATOM   1595 C  CA  . THR A 1 204 ? -10.256 -12.752 2.428   1.00 17.43 ? 219 THR A CA  1 
ATOM   1596 C  C   . THR A 1 204 ? -10.715 -11.705 1.434   1.00 18.82 ? 219 THR A C   1 
ATOM   1597 O  O   . THR A 1 204 ? -10.531 -10.508 1.653   1.00 17.58 ? 219 THR A O   1 
ATOM   1598 C  CB  . THR A 1 204 ? -10.980 -12.551 3.743   1.00 18.58 ? 219 THR A CB  1 
ATOM   1599 O  OG1 . THR A 1 204 ? -10.534 -13.543 4.679   1.00 16.89 ? 219 THR A OG1 1 
ATOM   1600 C  CG2 . THR A 1 204 ? -12.493 -12.663 3.538   1.00 19.20 ? 219 THR A CG2 1 
ATOM   1601 N  N   . LEU A 1 205 ? -11.292 -12.150 0.324   1.00 18.45 ? 220 LEU A N   1 
ATOM   1602 C  CA  . LEU A 1 205 ? -11.838 -11.212 -0.642  1.00 17.76 ? 220 LEU A CA  1 
ATOM   1603 C  C   . LEU A 1 205 ? -13.310 -10.975 -0.311  1.00 17.68 ? 220 LEU A C   1 
ATOM   1604 O  O   . LEU A 1 205 ? -14.154 -11.873 -0.488  1.00 17.80 ? 220 LEU A O   1 
ATOM   1605 C  CB  . LEU A 1 205 ? -11.666 -11.742 -2.069  1.00 18.54 ? 220 LEU A CB  1 
ATOM   1606 C  CG  . LEU A 1 205 ? -12.419 -10.986 -3.165  1.00 20.47 ? 220 LEU A CG  1 
ATOM   1607 C  CD1 . LEU A 1 205 ? -12.025 -9.513  -3.199  1.00 18.65 ? 220 LEU A CD1 1 
ATOM   1608 C  CD2 . LEU A 1 205 ? -12.188 -11.653 -4.506  1.00 23.10 ? 220 LEU A CD2 1 
ATOM   1609 N  N   . PHE A 1 206 ? -13.611 -9.779  0.190   1.00 16.94 ? 221 PHE A N   1 
ATOM   1610 C  CA  . PHE A 1 206 ? -14.992 -9.415  0.520   1.00 17.78 ? 221 PHE A CA  1 
ATOM   1611 C  C   . PHE A 1 206 ? -15.777 -9.302  -0.772  1.00 22.30 ? 221 PHE A C   1 
ATOM   1612 O  O   . PHE A 1 206 ? -15.236 -8.922  -1.825  1.00 21.75 ? 221 PHE A O   1 
ATOM   1613 C  CB  . PHE A 1 206 ? -15.075 -8.067  1.256   1.00 19.01 ? 221 PHE A CB  1 
ATOM   1614 C  CG  . PHE A 1 206 ? -14.626 -8.104  2.696   1.00 16.42 ? 221 PHE A CG  1 
ATOM   1615 C  CD1 . PHE A 1 206 ? -13.667 -9.005  3.142   1.00 15.62 ? 221 PHE A CD1 1 
ATOM   1616 C  CD2 . PHE A 1 206 ? -15.166 -7.207  3.605   1.00 16.72 ? 221 PHE A CD2 1 
ATOM   1617 C  CE1 . PHE A 1 206 ? -13.248 -9.015  4.466   1.00 17.36 ? 221 PHE A CE1 1 
ATOM   1618 C  CE2 . PHE A 1 206 ? -14.767 -7.208  4.934   1.00 17.60 ? 221 PHE A CE2 1 
ATOM   1619 C  CZ  . PHE A 1 206 ? -13.808 -8.108  5.368   1.00 17.79 ? 221 PHE A CZ  1 
ATOM   1620 N  N   . VAL A 1 207 ? -17.062 -9.613  -0.699  1.00 19.04 ? 222 VAL A N   1 
ATOM   1621 C  CA  . VAL A 1 207 ? -17.900 -9.442  -1.866  1.00 21.04 ? 222 VAL A CA  1 
ATOM   1622 C  C   . VAL A 1 207 ? -18.891 -8.323  -1.666  1.00 26.49 ? 222 VAL A C   1 
ATOM   1623 O  O   . VAL A 1 207 ? -19.074 -7.810  -0.559  1.00 23.82 ? 222 VAL A O   1 
ATOM   1624 C  CB  . VAL A 1 207 ? -18.581 -10.742 -2.297  1.00 30.09 ? 222 VAL A CB  1 
ATOM   1625 C  CG1 . VAL A 1 207 ? -17.588 -11.605 -3.043  1.00 29.35 ? 222 VAL A CG1 1 
ATOM   1626 C  CG2 . VAL A 1 207 ? -19.109 -11.484 -1.095  1.00 25.26 ? 222 VAL A CG2 1 
ATOM   1627 N  N   . GLU A 1 208 ? -19.525 -7.930  -2.752  1.00 27.13 ? 223 GLU A N   1 
ATOM   1628 C  CA  . GLU A 1 208 ? -20.331 -6.734  -2.711  1.00 35.57 ? 223 GLU A CA  1 
ATOM   1629 C  C   . GLU A 1 208 ? -21.809 -6.943  -2.952  1.00 38.86 ? 223 GLU A C   1 
ATOM   1630 O  O   . GLU A 1 208 ? -22.206 -7.826  -3.715  1.00 38.32 ? 223 GLU A O   1 
ATOM   1631 C  CB  . GLU A 1 208 ? -19.804 -5.726  -3.715  1.00 35.96 ? 223 GLU A CB  1 
ATOM   1632 C  CG  . GLU A 1 208 ? -19.176 -4.530  -3.065  1.00 36.38 ? 223 GLU A CG  1 
ATOM   1633 C  CD  . GLU A 1 208 ? -19.097 -3.369  -4.014  1.00 30.55 ? 223 GLU A CD  1 
ATOM   1634 O  OE1 . GLU A 1 208 ? -19.714 -2.323  -3.723  1.00 41.18 ? 223 GLU A OE1 1 
ATOM   1635 O  OE2 . GLU A 1 208 ? -18.423 -3.520  -5.053  1.00 37.05 ? 223 GLU A OE2 1 
ATOM   1636 N  N   . LYS A 1 209 ? -22.580 -6.126  -2.233  1.00 40.58 ? 224 LYS A N   1 
ATOM   1637 C  CA  . LYS A 1 209 ? -23.966 -5.739  -2.518  1.00 45.21 ? 224 LYS A CA  1 
ATOM   1638 C  C   . LYS A 1 209 ? -24.615 -5.388  -1.194  1.00 43.97 ? 224 LYS A C   1 
ATOM   1639 O  O   . LYS A 1 209 ? -23.969 -5.468  -0.147  1.00 47.80 ? 224 LYS A O   1 
ATOM   1640 C  CB  . LYS A 1 209 ? -24.783 -6.806  -3.256  1.00 47.15 ? 224 LYS A CB  1 
ATOM   1641 C  CG  . LYS A 1 209 ? -25.848 -6.214  -4.163  1.00 45.05 ? 224 LYS A CG  1 
ATOM   1642 C  CD  . LYS A 1 209 ? -25.272 -5.105  -5.032  1.00 46.01 ? 224 LYS A CD  1 
ATOM   1643 C  CE  . LYS A 1 209 ? -25.170 -5.555  -6.477  1.00 46.09 ? 224 LYS A CE  1 
ATOM   1644 N  NZ  . LYS A 1 209 ? -24.934 -7.025  -6.559  1.00 48.77 ? 224 LYS A NZ  1 
HETATM 1645 N  N01 . JR9 B 2 .   ? 2.325   -2.052  6.625   1.00 15.42 ? 301 JR9 A N01 1 
HETATM 1646 C  C02 . JR9 B 2 .   ? 3.399   -1.555  7.287   1.00 16.89 ? 301 JR9 A C02 1 
HETATM 1647 C  C03 . JR9 B 2 .   ? 4.390   -0.850  6.613   1.00 16.07 ? 301 JR9 A C03 1 
HETATM 1648 N  N04 . JR9 B 2 .   ? 4.247   -0.667  5.249   1.00 19.23 ? 301 JR9 A N04 1 
HETATM 1649 C  C05 . JR9 B 2 .   ? 3.203   -1.144  4.587   1.00 18.97 ? 301 JR9 A C05 1 
HETATM 1650 C  C06 . JR9 B 2 .   ? 2.202   -1.872  5.296   1.00 15.70 ? 301 JR9 A C06 1 
HETATM 1651 C  C07 . JR9 B 2 .   ? 5.081   -0.032  4.366   1.00 16.88 ? 301 JR9 A C07 1 
HETATM 1652 C  C08 . JR9 B 2 .   ? 4.477   -0.108  3.102   1.00 19.21 ? 301 JR9 A C08 1 
HETATM 1653 N  N09 . JR9 B 2 .   ? 3.312   -0.803  3.246   1.00 15.35 ? 301 JR9 A N09 1 
HETATM 1654 N  N10 . JR9 B 2 .   ? 1.083   -2.402  4.633   1.00 14.83 ? 301 JR9 A N10 1 
HETATM 1655 N  N11 . JR9 B 2 .   ? 6.314   0.642   4.723   1.00 19.35 ? 301 JR9 A N11 1 
HETATM 1656 C  C12 . JR9 B 2 .   ? 7.616   0.034   4.840   1.00 30.55 ? 301 JR9 A C12 1 
HETATM 1657 C  C13 . JR9 B 2 .   ? 8.680   1.044   5.214   1.00 34.95 ? 301 JR9 A C13 1 
HETATM 1658 C  C14 . JR9 B 2 .   ? 9.814   1.262   4.434   1.00 34.36 ? 301 JR9 A C14 1 
HETATM 1659 C  C15 . JR9 B 2 .   ? 10.742  2.216   4.830   1.00 31.40 ? 301 JR9 A C15 1 
HETATM 1660 C  C16 . JR9 B 2 .   ? 10.542  2.961   5.982   1.00 30.76 ? 301 JR9 A C16 1 
HETATM 1661 C  C17 . JR9 B 2 .   ? 9.405   2.761   6.753   1.00 31.22 ? 301 JR9 A C17 1 
HETATM 1662 C  C18 . JR9 B 2 .   ? 8.477   1.800   6.359   1.00 35.12 ? 301 JR9 A C18 1 
HETATM 1663 C  C19 . JR9 B 2 .   ? 5.043   0.461   1.846   1.00 21.03 ? 301 JR9 A C19 1 
HETATM 1664 C  C20 . JR9 B 2 .   ? 4.720   1.928   1.691   1.00 18.42 ? 301 JR9 A C20 1 
HETATM 1665 C  C21 . JR9 B 2 .   ? 5.569   2.788   1.012   1.00 18.82 ? 301 JR9 A C21 1 
HETATM 1666 C  C22 . JR9 B 2 .   ? 5.289   4.134   0.849   1.00 16.84 ? 301 JR9 A C22 1 
HETATM 1667 C  C23 . JR9 B 2 .   ? 4.081   4.664   1.393   1.00 17.73 ? 301 JR9 A C23 1 
HETATM 1668 C  C24 . JR9 B 2 .   ? 3.242   3.839   2.065   1.00 18.54 ? 301 JR9 A C24 1 
HETATM 1669 C  C25 . JR9 B 2 .   ? 3.550   2.446   2.224   1.00 17.17 ? 301 JR9 A C25 1 
HETATM 1670 O  O26 . JR9 B 2 .   ? 3.551   5.954   1.386   1.00 19.14 ? 301 JR9 A O26 1 
HETATM 1671 C  C27 . JR9 B 2 .   ? 2.297   5.867   1.984   1.00 18.07 ? 301 JR9 A C27 1 
HETATM 1672 O  O28 . JR9 B 2 .   ? 2.151   4.587   2.510   1.00 17.07 ? 301 JR9 A O28 1 
HETATM 1673 BR BR  . JR9 B 2 .   ? 7.217   2.167   0.243   1.00 22.57 ? 301 JR9 A BR  1 
HETATM 1674 O  O   . HOH C 3 .   ? -0.293  -2.781  1.830   1.00 15.53 ? 401 HOH A O   1 
HETATM 1675 O  O   . HOH C 3 .   ? -2.389  -2.518  3.644   1.00 15.71 ? 402 HOH A O   1 
HETATM 1676 O  O   . HOH C 3 .   ? 4.957   -2.797  17.761  1.00 21.52 ? 403 HOH A O   1 
HETATM 1677 O  O   . HOH C 3 .   ? 5.788   -4.263  -3.047  1.00 18.58 ? 404 HOH A O   1 
HETATM 1678 O  O   . HOH C 3 .   ? 1.686   -10.797 -3.269  1.00 21.12 ? 405 HOH A O   1 
HETATM 1679 O  O   . HOH C 3 .   ? 6.551   0.405   10.220  1.00 25.12 ? 406 HOH A O   1 
HETATM 1680 O  O   . HOH C 3 .   ? 2.308   3.150   -16.391 1.00 29.06 ? 407 HOH A O   1 
HETATM 1681 O  O   . HOH C 3 .   ? 6.250   -11.582 3.687   1.00 23.75 ? 408 HOH A O   1 
HETATM 1682 O  O   . HOH C 3 .   ? -1.398  16.606  -1.242  1.00 23.75 ? 409 HOH A O   1 
HETATM 1683 O  O   . HOH C 3 .   ? 6.890   -6.134  -0.116  1.00 22.51 ? 410 HOH A O   1 
HETATM 1684 O  O   . HOH C 3 .   ? -0.681  4.561   -15.337 1.00 26.00 ? 411 HOH A O   1 
HETATM 1685 O  O   . HOH C 3 .   ? -18.659 -5.876  1.196   1.00 22.82 ? 412 HOH A O   1 
HETATM 1686 O  O   . HOH C 3 .   ? -6.060  -3.301  10.445  1.00 23.71 ? 413 HOH A O   1 
HETATM 1687 O  O   . HOH C 3 .   ? 4.782   13.548  -9.073  1.00 23.65 ? 414 HOH A O   1 
HETATM 1688 O  O   . HOH C 3 .   ? -5.182  -5.477  14.634  1.00 23.84 ? 415 HOH A O   1 
HETATM 1689 O  O   . HOH C 3 .   ? -3.046  20.243  1.219   1.00 30.18 ? 416 HOH A O   1 
HETATM 1690 O  O   . HOH C 3 .   ? -17.812 -3.458  0.242   1.00 27.01 ? 417 HOH A O   1 
HETATM 1691 O  O   . HOH C 3 .   ? 4.884   -15.198 5.787   1.00 24.35 ? 418 HOH A O   1 
HETATM 1692 O  O   . HOH C 3 .   ? -14.659 0.157   1.432   1.00 28.29 ? 419 HOH A O   1 
HETATM 1693 O  O   . HOH C 3 .   ? -11.990 1.614   2.925   1.00 25.69 ? 420 HOH A O   1 
HETATM 1694 O  O   . HOH C 3 .   ? -0.572  15.938  10.864  1.00 31.84 ? 421 HOH A O   1 
HETATM 1695 O  O   . HOH C 3 .   ? -5.991  -2.509  -16.161 1.00 27.30 ? 422 HOH A O   1 
HETATM 1696 O  O   . HOH C 3 .   ? -3.006  -15.894 10.551  1.00 26.63 ? 423 HOH A O   1 
HETATM 1697 O  O   . HOH C 3 .   ? 8.826   11.172  -14.423 1.00 29.11 ? 424 HOH A O   1 
HETATM 1698 O  O   . HOH C 3 .   ? -4.071  12.057  -9.550  1.00 31.14 ? 425 HOH A O   1 
HETATM 1699 O  O   . HOH C 3 .   ? 8.311   -6.936  -2.387  1.00 28.83 ? 426 HOH A O   1 
HETATM 1700 O  O   . HOH C 3 .   ? -15.257 -9.177  -4.712  1.00 25.37 ? 427 HOH A O   1 
HETATM 1701 O  O   . HOH C 3 .   ? -0.652  -17.265 9.238   1.00 27.42 ? 428 HOH A O   1 
HETATM 1702 O  O   . HOH C 3 .   ? 2.325   13.598  -10.828 1.00 33.57 ? 429 HOH A O   1 
HETATM 1703 O  O   . HOH C 3 .   ? -11.812 7.263   -7.705  1.00 31.33 ? 430 HOH A O   1 
HETATM 1704 O  O   . HOH C 3 .   ? -3.493  -16.767 1.495   1.00 30.97 ? 431 HOH A O   1 
HETATM 1705 O  O   . HOH C 3 .   ? 9.590   -7.216  20.350  1.00 33.40 ? 432 HOH A O   1 
HETATM 1706 O  O   . HOH C 3 .   ? -11.801 -15.565 -11.361 1.00 27.84 ? 433 HOH A O   1 
HETATM 1707 O  O   . HOH C 3 .   ? 7.025   -7.585  -4.618  1.00 30.45 ? 434 HOH A O   1 
HETATM 1708 O  O   . HOH C 3 .   ? -5.062  0.121   19.394  1.00 27.82 ? 435 HOH A O   1 
HETATM 1709 O  O   . HOH C 3 .   ? -5.632  -8.161  14.703  1.00 25.33 ? 436 HOH A O   1 
HETATM 1710 O  O   . HOH C 3 .   ? -12.499 -9.649  9.099   1.00 37.11 ? 437 HOH A O   1 
HETATM 1711 O  O   . HOH C 3 .   ? -2.005  -10.530 -6.607  1.00 26.90 ? 438 HOH A O   1 
HETATM 1712 O  O   . HOH C 3 .   ? 16.127  -6.675  -3.750  1.00 28.92 ? 439 HOH A O   1 
HETATM 1713 O  O   . HOH C 3 .   ? -16.749 -15.225 -1.461  1.00 31.10 ? 440 HOH A O   1 
HETATM 1714 O  O   . HOH C 3 .   ? 12.424  -1.538  2.098   1.00 36.82 ? 441 HOH A O   1 
HETATM 1715 O  O   . HOH C 3 .   ? 7.473   18.012  -7.368  1.00 38.31 ? 442 HOH A O   1 
HETATM 1716 O  O   . HOH C 3 .   ? -17.092 3.075   11.035  1.00 35.24 ? 443 HOH A O   1 
HETATM 1717 O  O   . HOH C 3 .   ? -14.555 -13.935 -2.653  1.00 32.92 ? 444 HOH A O   1 
HETATM 1718 O  O   . HOH C 3 .   ? -8.953  10.839  5.365   1.00 41.01 ? 445 HOH A O   1 
HETATM 1719 O  O   . HOH C 3 .   ? -4.582  -2.087  -18.840 1.00 36.56 ? 446 HOH A O   1 
HETATM 1720 O  O   . HOH C 3 .   ? 7.253   13.074  12.994  1.00 35.52 ? 447 HOH A O   1 
HETATM 1721 O  O   . HOH C 3 .   ? 5.312   16.197  -9.185  1.00 30.15 ? 448 HOH A O   1 
HETATM 1722 O  O   . HOH C 3 .   ? 9.515   -10.644 6.003   1.00 35.70 ? 449 HOH A O   1 
HETATM 1723 O  O   . HOH C 3 .   ? 7.225   17.703  -4.768  1.00 33.38 ? 450 HOH A O   1 
HETATM 1724 O  O   . HOH C 3 .   ? 5.759   -9.695  -5.009  1.00 37.39 ? 451 HOH A O   1 
HETATM 1725 O  O   . HOH C 3 .   ? -3.126  -16.540 -1.053  1.00 31.36 ? 452 HOH A O   1 
HETATM 1726 O  O   . HOH C 3 .   ? -5.357  14.537  -2.993  1.00 30.40 ? 453 HOH A O   1 
HETATM 1727 O  O   . HOH C 3 .   ? 3.263   -16.844 7.315   1.00 31.66 ? 454 HOH A O   1 
HETATM 1728 O  O   . HOH C 3 .   ? -20.478 -2.644  -0.887  1.00 41.28 ? 455 HOH A O   1 
HETATM 1729 O  O   . HOH C 3 .   ? -5.444  -13.911 -17.110 1.00 33.53 ? 456 HOH A O   1 
HETATM 1730 O  O   . HOH C 3 .   ? -5.383  -16.666 -12.035 1.00 25.53 ? 457 HOH A O   1 
HETATM 1731 O  O   . HOH C 3 .   ? -8.128  -16.124 -5.719  1.00 28.19 ? 458 HOH A O   1 
HETATM 1732 O  O   . HOH C 3 .   ? -12.828 7.100   -5.336  1.00 30.58 ? 459 HOH A O   1 
HETATM 1733 O  O   . HOH C 3 .   ? -8.551  -3.802  10.995  1.00 33.30 ? 460 HOH A O   1 
HETATM 1734 O  O   . HOH C 3 .   ? -13.599 0.289   15.748  1.00 38.53 ? 461 HOH A O   1 
HETATM 1735 O  O   . HOH C 3 .   ? 13.557  9.252   11.493  1.00 38.12 ? 462 HOH A O   1 
HETATM 1736 O  O   . HOH C 3 .   ? -10.744 3.197   9.962   1.00 33.99 ? 463 HOH A O   1 
HETATM 1737 O  O   . HOH C 3 .   ? -3.142  1.210   -20.440 1.00 34.29 ? 464 HOH A O   1 
HETATM 1738 O  O   . HOH C 3 .   ? 4.531   -1.063  -22.181 1.00 32.93 ? 465 HOH A O   1 
HETATM 1739 O  O   . HOH C 3 .   ? -3.398  -0.606  -22.347 1.00 32.65 ? 466 HOH A O   1 
HETATM 1740 O  O   . HOH C 3 .   ? 6.595   11.566  15.298  1.00 33.73 ? 467 HOH A O   1 
HETATM 1741 O  O   . HOH C 3 .   ? -10.609 7.787   1.667   1.00 35.41 ? 468 HOH A O   1 
HETATM 1742 O  O   . HOH C 3 .   ? 6.791   1.668   19.378  1.00 38.38 ? 469 HOH A O   1 
HETATM 1743 O  O   . HOH C 3 .   ? -10.581 7.872   4.574   1.00 33.40 ? 470 HOH A O   1 
HETATM 1744 O  O   . HOH C 3 .   ? -12.868 -0.492  4.606   1.00 39.41 ? 471 HOH A O   1 
HETATM 1745 O  O   . HOH C 3 .   ? -3.209  14.616  -1.042  1.00 31.07 ? 472 HOH A O   1 
HETATM 1746 O  O   . HOH C 3 .   ? -16.503 -2.757  -11.807 1.00 32.52 ? 473 HOH A O   1 
HETATM 1747 O  O   . HOH C 3 .   ? 18.013  7.878   0.891   1.00 31.78 ? 474 HOH A O   1 
HETATM 1748 O  O   . HOH C 3 .   ? -6.792  12.194  4.375   1.00 34.48 ? 475 HOH A O   1 
HETATM 1749 O  O   . HOH C 3 .   ? -17.983 -0.143  -11.140 1.00 35.07 ? 476 HOH A O   1 
HETATM 1750 O  O   . HOH C 3 .   ? 9.561   -4.326  -0.817  1.00 30.12 ? 477 HOH A O   1 
HETATM 1751 O  O   . HOH C 3 .   ? 16.164  -8.949  14.440  1.00 34.65 ? 478 HOH A O   1 
HETATM 1752 O  O   . HOH C 3 .   ? 1.759   9.380   19.984  1.00 40.71 ? 479 HOH A O   1 
HETATM 1753 O  O   . HOH C 3 .   ? -8.674  10.902  7.989   1.00 38.34 ? 480 HOH A O   1 
HETATM 1754 O  O   . HOH C 3 .   ? -11.796 -11.248 7.578   1.00 34.15 ? 481 HOH A O   1 
HETATM 1755 O  O   . HOH C 3 .   ? 13.086  -1.458  4.776   1.00 37.18 ? 482 HOH A O   1 
HETATM 1756 O  O   . HOH C 3 .   ? 11.928  -7.614  18.384  1.00 37.77 ? 483 HOH A O   1 
HETATM 1757 O  O   . HOH C 3 .   ? -5.918  -17.623 -4.538  1.00 33.38 ? 484 HOH A O   1 
# 
